data_2DIM
#
_entry.id   2DIM
#
_entity_poly.entity_id   1
_entity_poly.type   'polypeptide(L)'
_entity_poly.pdbx_seq_one_letter_code
;GSSGSSGKGGVWRNTEDEILKAAVMKYGKNQWSRIASLLHRKSAKQCKARWYEWLDPSIKKTEWSGPSSG
;
_entity_poly.pdbx_strand_id   A
#
# COMPACT_ATOMS: atom_id res chain seq x y z
N GLY A 1 -1.65 4.94 -18.15
CA GLY A 1 -1.31 5.37 -19.50
C GLY A 1 -1.31 4.23 -20.49
N SER A 2 -0.28 3.39 -20.43
CA SER A 2 -0.16 2.25 -21.33
C SER A 2 0.08 0.96 -20.56
N SER A 3 -0.12 -0.16 -21.22
CA SER A 3 0.07 -1.47 -20.59
C SER A 3 1.47 -1.58 -19.99
N GLY A 4 1.54 -2.19 -18.80
CA GLY A 4 2.82 -2.35 -18.14
C GLY A 4 2.67 -2.50 -16.63
N SER A 5 3.78 -2.37 -15.92
CA SER A 5 3.77 -2.50 -14.46
C SER A 5 4.47 -1.31 -13.80
N SER A 6 5.71 -1.06 -14.22
CA SER A 6 6.49 0.05 -13.67
C SER A 6 5.91 1.38 -14.10
N GLY A 7 6.11 2.40 -13.28
CA GLY A 7 5.61 3.73 -13.60
C GLY A 7 5.63 4.67 -12.40
N LYS A 8 5.20 5.90 -12.61
CA LYS A 8 5.17 6.89 -11.54
C LYS A 8 3.96 6.68 -10.63
N GLY A 9 4.19 6.08 -9.47
CA GLY A 9 3.11 5.82 -8.53
C GLY A 9 1.96 5.07 -9.18
N GLY A 10 2.25 3.93 -9.78
CA GLY A 10 1.23 3.13 -10.42
C GLY A 10 -0.09 3.20 -9.69
N VAL A 11 -1.19 3.13 -10.44
CA VAL A 11 -2.52 3.19 -9.86
C VAL A 11 -2.74 2.06 -8.85
N TRP A 12 -3.89 2.07 -8.21
CA TRP A 12 -4.21 1.05 -7.22
C TRP A 12 -5.72 0.84 -7.12
N ARG A 13 -6.13 -0.42 -7.03
CA ARG A 13 -7.55 -0.75 -6.93
C ARG A 13 -7.90 -1.26 -5.53
N ASN A 14 -9.12 -0.98 -5.09
CA ASN A 14 -9.58 -1.41 -3.77
C ASN A 14 -8.98 -2.75 -3.41
N THR A 15 -9.17 -3.74 -4.29
CA THR A 15 -8.65 -5.08 -4.06
C THR A 15 -7.18 -5.04 -3.67
N GLU A 16 -6.35 -4.52 -4.59
CA GLU A 16 -4.91 -4.43 -4.34
C GLU A 16 -4.63 -3.85 -2.96
N ASP A 17 -5.33 -2.78 -2.62
CA ASP A 17 -5.17 -2.12 -1.33
C ASP A 17 -5.54 -3.05 -0.19
N GLU A 18 -6.68 -3.73 -0.34
CA GLU A 18 -7.16 -4.66 0.68
C GLU A 18 -6.10 -5.72 0.98
N ILE A 19 -5.58 -6.33 -0.06
CA ILE A 19 -4.56 -7.37 0.10
C ILE A 19 -3.28 -6.80 0.70
N LEU A 20 -2.83 -5.67 0.17
CA LEU A 20 -1.62 -5.01 0.66
C LEU A 20 -1.75 -4.65 2.13
N LYS A 21 -2.73 -3.80 2.44
CA LYS A 21 -2.97 -3.38 3.82
C LYS A 21 -2.89 -4.56 4.78
N ALA A 22 -3.56 -5.66 4.42
CA ALA A 22 -3.56 -6.85 5.24
C ALA A 22 -2.17 -7.47 5.33
N ALA A 23 -1.67 -7.96 4.20
CA ALA A 23 -0.35 -8.56 4.15
C ALA A 23 0.65 -7.79 5.03
N VAL A 24 0.77 -6.49 4.76
CA VAL A 24 1.68 -5.65 5.53
C VAL A 24 1.43 -5.79 7.03
N MET A 25 0.17 -5.99 7.40
CA MET A 25 -0.20 -6.14 8.80
C MET A 25 0.18 -7.52 9.31
N LYS A 26 0.14 -8.51 8.43
CA LYS A 26 0.49 -9.88 8.79
C LYS A 26 1.99 -10.10 8.77
N TYR A 27 2.60 -9.96 7.59
CA TYR A 27 4.03 -10.13 7.44
C TYR A 27 4.79 -8.95 8.04
N GLY A 28 4.17 -7.78 8.02
CA GLY A 28 4.80 -6.59 8.57
C GLY A 28 5.33 -5.67 7.49
N LYS A 29 5.81 -4.50 7.90
CA LYS A 29 6.35 -3.53 6.96
C LYS A 29 7.81 -3.81 6.65
N ASN A 30 8.14 -5.08 6.44
CA ASN A 30 9.51 -5.49 6.14
C ASN A 30 9.54 -6.42 4.93
N GLN A 31 8.55 -7.31 4.84
CA GLN A 31 8.47 -8.25 3.73
C GLN A 31 7.81 -7.61 2.52
N TRP A 32 8.12 -6.34 2.29
CA TRP A 32 7.56 -5.60 1.16
C TRP A 32 7.77 -6.37 -0.14
N SER A 33 8.92 -7.00 -0.28
CA SER A 33 9.25 -7.76 -1.48
C SER A 33 8.28 -8.92 -1.65
N ARG A 34 8.12 -9.72 -0.61
CA ARG A 34 7.22 -10.87 -0.65
C ARG A 34 5.79 -10.42 -0.95
N ILE A 35 5.36 -9.35 -0.30
CA ILE A 35 4.02 -8.82 -0.48
C ILE A 35 3.76 -8.48 -1.95
N ALA A 36 4.74 -7.84 -2.58
CA ALA A 36 4.62 -7.45 -3.98
C ALA A 36 4.18 -8.63 -4.84
N SER A 37 4.72 -9.80 -4.55
CA SER A 37 4.38 -11.01 -5.30
C SER A 37 2.87 -11.24 -5.29
N LEU A 38 2.24 -10.97 -4.15
CA LEU A 38 0.81 -11.16 -4.01
C LEU A 38 0.05 -10.37 -5.08
N LEU A 39 0.44 -9.11 -5.26
CA LEU A 39 -0.20 -8.26 -6.26
C LEU A 39 0.51 -8.37 -7.61
N HIS A 40 -0.28 -8.39 -8.69
CA HIS A 40 0.28 -8.49 -10.03
C HIS A 40 0.72 -7.13 -10.53
N ARG A 41 1.92 -7.06 -11.10
CA ARG A 41 2.46 -5.80 -11.62
C ARG A 41 2.82 -4.86 -10.48
N LYS A 42 3.30 -5.41 -9.37
CA LYS A 42 3.69 -4.62 -8.22
C LYS A 42 5.06 -5.02 -7.71
N SER A 43 5.75 -4.09 -7.05
CA SER A 43 7.08 -4.35 -6.51
C SER A 43 7.25 -3.69 -5.15
N ALA A 44 8.27 -4.13 -4.42
CA ALA A 44 8.56 -3.57 -3.09
C ALA A 44 8.44 -2.06 -3.10
N LYS A 45 8.99 -1.43 -4.15
CA LYS A 45 8.96 0.01 -4.28
C LYS A 45 7.52 0.53 -4.26
N GLN A 46 6.67 -0.09 -5.06
CA GLN A 46 5.27 0.31 -5.14
C GLN A 46 4.55 0.03 -3.82
N CYS A 47 4.62 -1.21 -3.36
CA CYS A 47 3.98 -1.60 -2.12
C CYS A 47 4.38 -0.67 -0.98
N LYS A 48 5.67 -0.35 -0.91
CA LYS A 48 6.18 0.53 0.13
C LYS A 48 5.72 1.97 -0.09
N ALA A 49 5.75 2.41 -1.34
CA ALA A 49 5.33 3.76 -1.69
C ALA A 49 3.83 3.94 -1.45
N ARG A 50 3.02 3.21 -2.21
CA ARG A 50 1.57 3.30 -2.09
C ARG A 50 1.16 3.27 -0.62
N TRP A 51 1.81 2.43 0.16
CA TRP A 51 1.51 2.31 1.59
C TRP A 51 1.80 3.61 2.32
N TYR A 52 3.08 3.93 2.47
CA TYR A 52 3.48 5.16 3.15
C TYR A 52 2.82 6.37 2.53
N GLU A 53 2.39 6.23 1.28
CA GLU A 53 1.74 7.32 0.56
C GLU A 53 0.42 7.69 1.22
N TRP A 54 -0.49 6.72 1.29
CA TRP A 54 -1.80 6.94 1.89
C TRP A 54 -2.06 5.95 3.01
N LEU A 55 -1.70 4.69 2.78
CA LEU A 55 -1.89 3.64 3.77
C LEU A 55 -0.74 3.63 4.78
N ASP A 56 -0.91 4.41 5.85
CA ASP A 56 0.11 4.49 6.90
C ASP A 56 -0.44 5.20 8.13
N PRO A 57 -0.08 4.69 9.32
CA PRO A 57 -0.52 5.25 10.60
C PRO A 57 0.12 6.60 10.88
N SER A 58 1.44 6.67 10.76
CA SER A 58 2.17 7.91 11.01
C SER A 58 1.40 9.12 10.47
N ILE A 59 0.78 8.94 9.30
CA ILE A 59 0.01 10.00 8.68
C ILE A 59 -0.78 10.78 9.72
N LYS A 60 -0.84 12.10 9.54
CA LYS A 60 -1.58 12.96 10.46
C LYS A 60 -3.08 12.85 10.22
N LYS A 61 -3.71 11.90 10.89
CA LYS A 61 -5.15 11.69 10.74
C LYS A 61 -5.90 12.18 11.98
N THR A 62 -7.16 12.57 11.80
CA THR A 62 -7.97 13.05 12.90
C THR A 62 -8.31 11.93 13.87
N GLU A 63 -8.32 12.26 15.16
CA GLU A 63 -8.63 11.27 16.20
C GLU A 63 -9.95 11.61 16.89
N TRP A 64 -11.05 11.22 16.26
CA TRP A 64 -12.37 11.47 16.82
C TRP A 64 -12.45 12.87 17.41
N SER A 65 -11.88 13.84 16.71
CA SER A 65 -11.88 15.23 17.17
C SER A 65 -11.58 16.18 16.01
N GLY A 66 -12.48 17.14 15.81
CA GLY A 66 -12.30 18.10 14.74
C GLY A 66 -11.83 19.45 15.25
N PRO A 67 -12.78 20.37 15.48
CA PRO A 67 -12.47 21.72 15.97
C PRO A 67 -11.98 21.71 17.42
N SER A 68 -10.65 21.83 17.59
CA SER A 68 -10.06 21.83 18.92
C SER A 68 -9.35 23.15 19.20
N SER A 69 -9.53 23.67 20.41
CA SER A 69 -8.91 24.92 20.79
C SER A 69 -7.39 24.79 20.86
N GLY A 70 -6.70 25.92 20.83
CA GLY A 70 -5.25 25.92 20.88
C GLY A 70 -4.63 25.35 19.62
N GLY A 1 0.73 -12.44 -26.46
CA GLY A 1 1.90 -12.14 -25.66
C GLY A 1 2.77 -11.06 -26.26
N SER A 2 2.21 -9.86 -26.39
CA SER A 2 2.94 -8.74 -26.97
C SER A 2 3.99 -8.21 -25.98
N SER A 3 3.55 -7.88 -24.78
CA SER A 3 4.43 -7.35 -23.75
C SER A 3 3.79 -7.46 -22.37
N GLY A 4 4.57 -7.88 -21.38
CA GLY A 4 4.06 -8.01 -20.03
C GLY A 4 4.60 -6.94 -19.11
N SER A 5 4.38 -5.69 -19.46
CA SER A 5 4.85 -4.56 -18.65
C SER A 5 3.69 -3.69 -18.20
N SER A 6 3.42 -3.70 -16.90
CA SER A 6 2.33 -2.90 -16.34
C SER A 6 2.38 -1.47 -16.85
N GLY A 7 3.45 -0.76 -16.51
CA GLY A 7 3.59 0.62 -16.95
C GLY A 7 3.89 1.56 -15.80
N LYS A 8 2.94 1.69 -14.87
CA LYS A 8 3.11 2.57 -13.72
C LYS A 8 2.61 1.89 -12.45
N GLY A 9 2.97 2.45 -11.30
CA GLY A 9 2.54 1.89 -10.03
C GLY A 9 1.58 2.81 -9.29
N GLY A 10 1.77 4.12 -9.45
CA GLY A 10 0.90 5.07 -8.78
C GLY A 10 -0.53 4.58 -8.69
N VAL A 11 -1.13 4.27 -9.83
CA VAL A 11 -2.50 3.79 -9.86
C VAL A 11 -2.64 2.47 -9.11
N TRP A 12 -3.78 2.29 -8.45
CA TRP A 12 -4.04 1.08 -7.69
C TRP A 12 -5.52 0.71 -7.73
N ARG A 13 -5.86 -0.44 -7.17
CA ARG A 13 -7.25 -0.91 -7.15
C ARG A 13 -7.68 -1.24 -5.73
N ASN A 14 -8.96 -1.00 -5.44
CA ASN A 14 -9.51 -1.28 -4.12
C ASN A 14 -9.00 -2.62 -3.59
N THR A 15 -9.07 -3.64 -4.43
CA THR A 15 -8.62 -4.98 -4.05
C THR A 15 -7.15 -4.96 -3.64
N GLU A 16 -6.30 -4.40 -4.50
CA GLU A 16 -4.87 -4.33 -4.22
C GLU A 16 -4.62 -3.67 -2.87
N ASP A 17 -5.34 -2.60 -2.59
CA ASP A 17 -5.19 -1.88 -1.33
C ASP A 17 -5.56 -2.78 -0.14
N GLU A 18 -6.69 -3.47 -0.27
CA GLU A 18 -7.16 -4.35 0.79
C GLU A 18 -6.15 -5.47 1.05
N ILE A 19 -5.78 -6.18 -0.01
CA ILE A 19 -4.83 -7.27 0.10
C ILE A 19 -3.50 -6.80 0.67
N LEU A 20 -3.00 -5.69 0.13
CA LEU A 20 -1.74 -5.12 0.60
C LEU A 20 -1.82 -4.75 2.07
N LYS A 21 -2.73 -3.84 2.40
CA LYS A 21 -2.91 -3.39 3.78
C LYS A 21 -2.83 -4.57 4.74
N ALA A 22 -3.60 -5.62 4.45
CA ALA A 22 -3.63 -6.81 5.29
C ALA A 22 -2.23 -7.45 5.37
N ALA A 23 -1.71 -7.84 4.21
CA ALA A 23 -0.39 -8.46 4.16
C ALA A 23 0.60 -7.75 5.07
N VAL A 24 0.74 -6.44 4.87
CA VAL A 24 1.65 -5.64 5.68
C VAL A 24 1.52 -5.98 7.17
N MET A 25 0.30 -6.28 7.59
CA MET A 25 0.03 -6.63 8.98
C MET A 25 0.46 -8.07 9.27
N LYS A 26 0.43 -8.92 8.24
CA LYS A 26 0.81 -10.31 8.39
C LYS A 26 2.32 -10.47 8.26
N TYR A 27 2.85 -10.16 7.09
CA TYR A 27 4.29 -10.28 6.84
C TYR A 27 5.06 -9.16 7.56
N GLY A 28 4.45 -7.98 7.63
CA GLY A 28 5.08 -6.86 8.28
C GLY A 28 5.53 -5.80 7.31
N LYS A 29 6.07 -4.70 7.83
CA LYS A 29 6.53 -3.60 6.99
C LYS A 29 7.99 -3.82 6.58
N ASN A 30 8.39 -5.08 6.49
CA ASN A 30 9.75 -5.43 6.10
C ASN A 30 9.75 -6.37 4.91
N GLN A 31 8.70 -7.19 4.81
CA GLN A 31 8.59 -8.15 3.72
C GLN A 31 7.96 -7.49 2.49
N TRP A 32 8.20 -6.20 2.33
CA TRP A 32 7.65 -5.46 1.20
C TRP A 32 7.89 -6.20 -0.11
N SER A 33 9.05 -6.84 -0.22
CA SER A 33 9.41 -7.58 -1.42
C SER A 33 8.44 -8.75 -1.64
N ARG A 34 8.25 -9.55 -0.59
CA ARG A 34 7.36 -10.70 -0.67
C ARG A 34 5.92 -10.26 -0.94
N ILE A 35 5.48 -9.25 -0.19
CA ILE A 35 4.12 -8.74 -0.36
C ILE A 35 3.80 -8.47 -1.82
N ALA A 36 4.69 -7.74 -2.49
CA ALA A 36 4.51 -7.41 -3.90
C ALA A 36 4.05 -8.63 -4.69
N SER A 37 4.66 -9.78 -4.41
CA SER A 37 4.32 -11.02 -5.10
C SER A 37 2.82 -11.25 -5.08
N LEU A 38 2.19 -10.98 -3.94
CA LEU A 38 0.75 -11.16 -3.78
C LEU A 38 -0.01 -10.38 -4.85
N LEU A 39 0.32 -9.11 -5.00
CA LEU A 39 -0.33 -8.25 -5.99
C LEU A 39 0.32 -8.41 -7.36
N HIS A 40 -0.49 -8.52 -8.40
CA HIS A 40 0.01 -8.66 -9.76
C HIS A 40 0.35 -7.31 -10.36
N ARG A 41 1.48 -7.25 -11.07
CA ARG A 41 1.93 -6.02 -11.69
C ARG A 41 2.36 -5.00 -10.65
N LYS A 42 3.03 -5.47 -9.61
CA LYS A 42 3.50 -4.61 -8.53
C LYS A 42 4.90 -5.03 -8.06
N SER A 43 5.50 -4.22 -7.21
CA SER A 43 6.84 -4.52 -6.68
C SER A 43 7.02 -3.91 -5.30
N ALA A 44 8.05 -4.36 -4.60
CA ALA A 44 8.34 -3.86 -3.26
C ALA A 44 8.26 -2.34 -3.21
N LYS A 45 9.02 -1.68 -4.09
CA LYS A 45 9.04 -0.23 -4.14
C LYS A 45 7.61 0.34 -4.11
N GLN A 46 6.78 -0.16 -5.01
CA GLN A 46 5.39 0.30 -5.09
C GLN A 46 4.65 0.02 -3.79
N CYS A 47 4.75 -1.22 -3.32
CA CYS A 47 4.08 -1.62 -2.09
C CYS A 47 4.46 -0.68 -0.94
N LYS A 48 5.72 -0.27 -0.92
CA LYS A 48 6.21 0.63 0.12
C LYS A 48 5.70 2.05 -0.10
N ALA A 49 5.70 2.47 -1.36
CA ALA A 49 5.24 3.81 -1.71
C ALA A 49 3.72 3.94 -1.53
N ARG A 50 2.97 3.18 -2.31
CA ARG A 50 1.52 3.22 -2.23
C ARG A 50 1.04 3.19 -0.78
N TRP A 51 1.74 2.39 0.04
CA TRP A 51 1.39 2.29 1.46
C TRP A 51 1.65 3.60 2.18
N TYR A 52 2.92 3.91 2.41
CA TYR A 52 3.29 5.14 3.10
C TYR A 52 2.68 6.35 2.43
N GLU A 53 2.24 6.18 1.19
CA GLU A 53 1.62 7.26 0.43
C GLU A 53 0.27 7.64 1.03
N TRP A 54 -0.62 6.65 1.13
CA TRP A 54 -1.95 6.87 1.68
C TRP A 54 -2.25 5.87 2.80
N LEU A 55 -1.82 4.64 2.62
CA LEU A 55 -2.05 3.60 3.60
C LEU A 55 -0.98 3.64 4.70
N ASP A 56 -1.27 4.37 5.76
CA ASP A 56 -0.34 4.50 6.88
C ASP A 56 -0.98 5.25 8.04
N PRO A 57 -0.71 4.79 9.27
CA PRO A 57 -1.25 5.41 10.48
C PRO A 57 -0.64 6.78 10.76
N SER A 58 0.68 6.86 10.70
CA SER A 58 1.40 8.10 10.94
C SER A 58 0.67 9.28 10.28
N ILE A 59 0.17 9.05 9.07
CA ILE A 59 -0.54 10.09 8.34
C ILE A 59 -1.41 10.93 9.27
N LYS A 60 -1.46 12.23 9.02
CA LYS A 60 -2.25 13.14 9.83
C LYS A 60 -3.67 13.28 9.28
N LYS A 61 -4.52 12.34 9.64
CA LYS A 61 -5.91 12.36 9.18
C LYS A 61 -6.86 12.71 10.32
N THR A 62 -6.78 11.95 11.41
CA THR A 62 -7.63 12.19 12.56
C THR A 62 -6.90 11.83 13.86
N GLU A 63 -7.42 12.33 14.98
CA GLU A 63 -6.82 12.07 16.28
C GLU A 63 -6.95 10.60 16.65
N TRP A 64 -6.09 10.14 17.56
CA TRP A 64 -6.09 8.76 18.00
C TRP A 64 -7.46 8.38 18.58
N SER A 65 -8.21 7.57 17.84
CA SER A 65 -9.53 7.14 18.28
C SER A 65 -9.42 6.08 19.36
N GLY A 66 -8.62 5.04 19.10
CA GLY A 66 -8.45 3.96 20.06
C GLY A 66 -9.04 2.66 19.59
N PRO A 67 -8.36 1.55 19.90
CA PRO A 67 -8.80 0.21 19.51
C PRO A 67 -10.05 -0.23 20.26
N SER A 68 -10.14 0.15 21.53
CA SER A 68 -11.29 -0.21 22.36
C SER A 68 -12.46 0.72 22.10
N SER A 69 -12.71 1.01 20.82
CA SER A 69 -13.81 1.89 20.44
C SER A 69 -15.07 1.10 20.13
N GLY A 70 -16.20 1.58 20.61
CA GLY A 70 -17.46 0.91 20.39
C GLY A 70 -17.57 -0.39 21.16
N GLY A 1 -3.71 -4.57 -17.43
CA GLY A 1 -4.83 -4.78 -18.34
C GLY A 1 -4.59 -5.94 -19.29
N SER A 2 -5.44 -6.03 -20.31
CA SER A 2 -5.32 -7.11 -21.29
C SER A 2 -4.55 -6.65 -22.52
N SER A 3 -3.45 -7.34 -22.81
CA SER A 3 -2.61 -7.00 -23.95
C SER A 3 -2.22 -5.52 -23.92
N GLY A 4 -1.80 -5.05 -22.76
CA GLY A 4 -1.42 -3.66 -22.62
C GLY A 4 -0.37 -3.44 -21.54
N SER A 5 0.81 -3.00 -21.94
CA SER A 5 1.89 -2.77 -20.99
C SER A 5 1.64 -1.51 -20.17
N SER A 6 0.87 -1.66 -19.10
CA SER A 6 0.55 -0.53 -18.23
C SER A 6 1.05 -0.77 -16.81
N GLY A 7 2.35 -0.55 -16.60
CA GLY A 7 2.93 -0.76 -15.28
C GLY A 7 3.89 0.35 -14.90
N LYS A 8 3.35 1.52 -14.58
CA LYS A 8 4.17 2.66 -14.19
C LYS A 8 4.43 2.66 -12.69
N GLY A 9 3.36 2.57 -11.91
CA GLY A 9 3.50 2.56 -10.46
C GLY A 9 2.89 3.79 -9.82
N GLY A 10 1.58 3.72 -9.55
CA GLY A 10 0.91 4.85 -8.93
C GLY A 10 -0.56 4.55 -8.64
N VAL A 11 -1.30 4.22 -9.68
CA VAL A 11 -2.73 3.91 -9.53
C VAL A 11 -2.92 2.59 -8.79
N TRP A 12 -3.99 2.51 -8.00
CA TRP A 12 -4.29 1.30 -7.24
C TRP A 12 -5.80 1.06 -7.19
N ARG A 13 -6.18 -0.20 -7.01
CA ARG A 13 -7.60 -0.57 -6.94
C ARG A 13 -7.96 -1.04 -5.54
N ASN A 14 -9.21 -0.78 -5.14
CA ASN A 14 -9.69 -1.17 -3.83
C ASN A 14 -9.12 -2.53 -3.42
N THR A 15 -9.31 -3.53 -4.28
CA THR A 15 -8.80 -4.87 -4.01
C THR A 15 -7.31 -4.86 -3.71
N GLU A 16 -6.53 -4.38 -4.67
CA GLU A 16 -5.08 -4.30 -4.51
C GLU A 16 -4.71 -3.80 -3.12
N ASP A 17 -5.41 -2.77 -2.67
CA ASP A 17 -5.16 -2.18 -1.36
C ASP A 17 -5.56 -3.15 -0.24
N GLU A 18 -6.77 -3.71 -0.37
CA GLU A 18 -7.27 -4.65 0.62
C GLU A 18 -6.27 -5.76 0.88
N ILE A 19 -5.66 -6.27 -0.19
CA ILE A 19 -4.68 -7.34 -0.08
C ILE A 19 -3.39 -6.85 0.58
N LEU A 20 -2.84 -5.76 0.04
CA LEU A 20 -1.61 -5.19 0.58
C LEU A 20 -1.76 -4.88 2.07
N LYS A 21 -2.67 -3.96 2.37
CA LYS A 21 -2.91 -3.57 3.76
C LYS A 21 -2.84 -4.77 4.69
N ALA A 22 -3.65 -5.79 4.39
CA ALA A 22 -3.68 -7.00 5.21
C ALA A 22 -2.29 -7.62 5.31
N ALA A 23 -1.67 -7.90 4.17
CA ALA A 23 -0.34 -8.48 4.13
C ALA A 23 0.62 -7.72 5.03
N VAL A 24 0.66 -6.40 4.85
CA VAL A 24 1.55 -5.54 5.64
C VAL A 24 1.27 -5.72 7.13
N MET A 25 0.06 -6.12 7.47
CA MET A 25 -0.34 -6.32 8.86
C MET A 25 0.07 -7.72 9.34
N LYS A 26 0.15 -8.65 8.40
CA LYS A 26 0.53 -10.02 8.73
C LYS A 26 2.05 -10.19 8.70
N TYR A 27 2.64 -9.95 7.54
CA TYR A 27 4.09 -10.07 7.38
C TYR A 27 4.81 -8.89 8.01
N GLY A 28 4.16 -7.72 7.99
CA GLY A 28 4.75 -6.52 8.57
C GLY A 28 5.29 -5.59 7.51
N LYS A 29 5.66 -4.38 7.93
CA LYS A 29 6.19 -3.38 7.01
C LYS A 29 7.67 -3.63 6.73
N ASN A 30 8.03 -4.90 6.53
CA ASN A 30 9.41 -5.28 6.25
C ASN A 30 9.48 -6.23 5.06
N GLN A 31 8.51 -7.13 4.97
CA GLN A 31 8.47 -8.10 3.88
C GLN A 31 7.82 -7.50 2.64
N TRP A 32 8.28 -6.31 2.26
CA TRP A 32 7.73 -5.63 1.09
C TRP A 32 8.00 -6.43 -0.19
N SER A 33 9.24 -6.87 -0.35
CA SER A 33 9.63 -7.64 -1.53
C SER A 33 8.74 -8.87 -1.69
N ARG A 34 8.34 -9.45 -0.56
CA ARG A 34 7.48 -10.63 -0.57
C ARG A 34 6.02 -10.25 -0.82
N ILE A 35 5.57 -9.21 -0.14
CA ILE A 35 4.19 -8.74 -0.29
C ILE A 35 3.88 -8.42 -1.75
N ALA A 36 4.74 -7.63 -2.38
CA ALA A 36 4.56 -7.26 -3.77
C ALA A 36 4.18 -8.47 -4.62
N SER A 37 4.76 -9.62 -4.29
CA SER A 37 4.48 -10.85 -5.03
C SER A 37 2.99 -11.17 -5.02
N LEU A 38 2.35 -10.94 -3.89
CA LEU A 38 0.92 -11.20 -3.74
C LEU A 38 0.13 -10.48 -4.82
N LEU A 39 0.46 -9.21 -5.05
CA LEU A 39 -0.21 -8.41 -6.06
C LEU A 39 0.48 -8.54 -7.42
N HIS A 40 -0.31 -8.75 -8.46
CA HIS A 40 0.22 -8.90 -9.81
C HIS A 40 0.60 -7.54 -10.39
N ARG A 41 1.75 -7.49 -11.07
CA ARG A 41 2.23 -6.25 -11.67
C ARG A 41 2.57 -5.22 -10.59
N LYS A 42 3.04 -5.70 -9.45
CA LYS A 42 3.41 -4.83 -8.34
C LYS A 42 4.78 -5.20 -7.79
N SER A 43 5.61 -4.18 -7.54
CA SER A 43 6.95 -4.40 -7.01
C SER A 43 7.07 -3.85 -5.60
N ALA A 44 8.06 -4.35 -4.85
CA ALA A 44 8.29 -3.89 -3.49
C ALA A 44 8.16 -2.39 -3.37
N LYS A 45 8.75 -1.67 -4.33
CA LYS A 45 8.70 -0.22 -4.34
C LYS A 45 7.25 0.28 -4.31
N GLN A 46 6.44 -0.22 -5.24
CA GLN A 46 5.04 0.17 -5.32
C GLN A 46 4.33 -0.07 -3.99
N CYS A 47 4.65 -1.17 -3.34
CA CYS A 47 4.05 -1.52 -2.05
C CYS A 47 4.43 -0.51 -0.98
N LYS A 48 5.73 -0.32 -0.80
CA LYS A 48 6.24 0.62 0.19
C LYS A 48 5.71 2.02 -0.07
N ALA A 49 5.85 2.48 -1.31
CA ALA A 49 5.37 3.81 -1.69
C ALA A 49 3.87 3.95 -1.45
N ARG A 50 3.09 3.18 -2.19
CA ARG A 50 1.63 3.22 -2.06
C ARG A 50 1.22 3.18 -0.59
N TRP A 51 1.97 2.42 0.21
CA TRP A 51 1.68 2.29 1.63
C TRP A 51 1.95 3.61 2.37
N TYR A 52 3.22 3.96 2.49
CA TYR A 52 3.61 5.20 3.17
C TYR A 52 2.93 6.40 2.54
N GLU A 53 2.45 6.23 1.31
CA GLU A 53 1.77 7.30 0.60
C GLU A 53 0.44 7.64 1.27
N TRP A 54 -0.44 6.65 1.35
CA TRP A 54 -1.75 6.86 1.96
C TRP A 54 -1.98 5.85 3.09
N LEU A 55 -1.58 4.61 2.86
CA LEU A 55 -1.74 3.56 3.87
C LEU A 55 -0.60 3.60 4.88
N ASP A 56 -0.80 4.38 5.94
CA ASP A 56 0.20 4.50 6.99
C ASP A 56 -0.35 5.26 8.20
N PRO A 57 -0.01 4.79 9.40
CA PRO A 57 -0.47 5.40 10.65
C PRO A 57 0.16 6.77 10.89
N SER A 58 1.48 6.84 10.76
CA SER A 58 2.21 8.09 10.96
C SER A 58 1.45 9.27 10.36
N ILE A 59 0.82 9.04 9.21
CA ILE A 59 0.06 10.08 8.53
C ILE A 59 -0.75 10.90 9.54
N LYS A 60 -0.82 12.21 9.28
CA LYS A 60 -1.57 13.11 10.16
C LYS A 60 -3.01 13.26 9.69
N LYS A 61 -3.64 12.14 9.34
CA LYS A 61 -5.02 12.14 8.88
C LYS A 61 -5.97 11.73 9.99
N THR A 62 -7.24 12.13 9.87
CA THR A 62 -8.24 11.80 10.87
C THR A 62 -8.22 10.31 11.21
N GLU A 63 -7.86 9.49 10.22
CA GLU A 63 -7.80 8.05 10.41
C GLU A 63 -8.94 7.56 11.31
N TRP A 64 -10.11 8.17 11.13
CA TRP A 64 -11.28 7.80 11.92
C TRP A 64 -11.43 6.29 12.02
N SER A 65 -11.21 5.60 10.90
CA SER A 65 -11.31 4.15 10.88
C SER A 65 -10.46 3.51 11.96
N GLY A 66 -9.23 4.00 12.11
CA GLY A 66 -8.33 3.48 13.12
C GLY A 66 -8.00 4.50 14.19
N PRO A 67 -8.88 4.64 15.18
CA PRO A 67 -8.69 5.58 16.28
C PRO A 67 -7.56 5.17 17.21
N SER A 68 -6.95 4.02 16.93
CA SER A 68 -5.86 3.51 17.75
C SER A 68 -4.93 4.65 18.17
N SER A 69 -4.36 5.34 17.19
CA SER A 69 -3.44 6.44 17.45
C SER A 69 -4.18 7.77 17.43
N GLY A 70 -4.04 8.55 18.51
CA GLY A 70 -4.70 9.84 18.59
C GLY A 70 -4.85 10.31 20.02
N GLY A 1 -9.83 -11.07 -20.50
CA GLY A 1 -8.60 -10.62 -19.84
C GLY A 1 -8.22 -9.22 -20.23
N SER A 2 -7.14 -8.71 -19.63
CA SER A 2 -6.66 -7.37 -19.91
C SER A 2 -5.18 -7.23 -19.58
N SER A 3 -4.34 -7.15 -20.60
CA SER A 3 -2.91 -7.02 -20.42
C SER A 3 -2.26 -6.35 -21.63
N GLY A 4 -1.41 -5.36 -21.36
CA GLY A 4 -0.74 -4.65 -22.43
C GLY A 4 0.49 -3.91 -21.95
N SER A 5 0.35 -2.62 -21.69
CA SER A 5 1.46 -1.79 -21.23
C SER A 5 1.05 -0.96 -20.01
N SER A 6 -0.15 -0.39 -20.06
CA SER A 6 -0.64 0.44 -18.97
C SER A 6 -0.70 -0.37 -17.67
N GLY A 7 -0.17 0.21 -16.60
CA GLY A 7 -0.16 -0.46 -15.32
C GLY A 7 1.24 -0.72 -14.80
N LYS A 8 1.68 0.11 -13.85
CA LYS A 8 3.01 -0.04 -13.27
C LYS A 8 2.95 0.02 -11.75
N GLY A 9 2.15 0.95 -11.23
CA GLY A 9 2.02 1.09 -9.79
C GLY A 9 1.21 2.31 -9.40
N GLY A 10 1.41 3.41 -10.12
CA GLY A 10 0.69 4.63 -9.83
C GLY A 10 -0.73 4.37 -9.35
N VAL A 11 -1.58 3.92 -10.25
CA VAL A 11 -2.97 3.62 -9.92
C VAL A 11 -3.06 2.43 -8.98
N TRP A 12 -4.19 2.33 -8.28
CA TRP A 12 -4.42 1.23 -7.35
C TRP A 12 -5.91 0.93 -7.20
N ARG A 13 -6.24 -0.35 -7.14
CA ARG A 13 -7.62 -0.78 -7.00
C ARG A 13 -7.91 -1.29 -5.59
N ASN A 14 -9.11 -1.00 -5.09
CA ASN A 14 -9.49 -1.43 -3.75
C ASN A 14 -8.90 -2.79 -3.42
N THR A 15 -9.14 -3.76 -4.28
CA THR A 15 -8.62 -5.12 -4.09
C THR A 15 -7.13 -5.09 -3.77
N GLU A 16 -6.34 -4.51 -4.67
CA GLU A 16 -4.91 -4.42 -4.48
C GLU A 16 -4.57 -3.78 -3.14
N ASP A 17 -5.32 -2.76 -2.78
CA ASP A 17 -5.09 -2.05 -1.52
C ASP A 17 -5.35 -2.98 -0.34
N GLU A 18 -6.50 -3.66 -0.36
CA GLU A 18 -6.86 -4.58 0.71
C GLU A 18 -5.77 -5.62 0.94
N ILE A 19 -5.39 -6.31 -0.14
CA ILE A 19 -4.36 -7.33 -0.06
C ILE A 19 -3.07 -6.77 0.54
N LEU A 20 -2.70 -5.57 0.11
CA LEU A 20 -1.49 -4.92 0.60
C LEU A 20 -1.62 -4.59 2.08
N LYS A 21 -2.60 -3.76 2.42
CA LYS A 21 -2.83 -3.36 3.80
C LYS A 21 -2.75 -4.57 4.74
N ALA A 22 -3.62 -5.55 4.50
CA ALA A 22 -3.65 -6.76 5.31
C ALA A 22 -2.28 -7.43 5.34
N ALA A 23 -1.77 -7.79 4.18
CA ALA A 23 -0.47 -8.44 4.08
C ALA A 23 0.55 -7.75 4.98
N VAL A 24 0.65 -6.43 4.86
CA VAL A 24 1.58 -5.65 5.66
C VAL A 24 1.44 -5.98 7.14
N MET A 25 0.22 -6.25 7.57
CA MET A 25 -0.05 -6.59 8.96
C MET A 25 0.36 -8.02 9.27
N LYS A 26 0.20 -8.90 8.28
CA LYS A 26 0.56 -10.31 8.45
C LYS A 26 2.07 -10.50 8.31
N TYR A 27 2.59 -10.23 7.12
CA TYR A 27 4.01 -10.38 6.85
C TYR A 27 4.81 -9.29 7.57
N GLY A 28 4.22 -8.12 7.71
CA GLY A 28 4.88 -7.02 8.38
C GLY A 28 5.36 -5.96 7.40
N LYS A 29 6.01 -4.93 7.93
CA LYS A 29 6.53 -3.85 7.09
C LYS A 29 7.98 -4.10 6.70
N ASN A 30 8.35 -5.38 6.60
CA ASN A 30 9.71 -5.75 6.24
C ASN A 30 9.72 -6.65 4.99
N GLN A 31 8.68 -7.47 4.86
CA GLN A 31 8.57 -8.36 3.72
C GLN A 31 7.92 -7.66 2.54
N TRP A 32 8.24 -6.38 2.36
CA TRP A 32 7.68 -5.60 1.27
C TRP A 32 7.85 -6.33 -0.06
N SER A 33 9.00 -6.97 -0.24
CA SER A 33 9.28 -7.70 -1.47
C SER A 33 8.30 -8.86 -1.65
N ARG A 34 8.15 -9.65 -0.60
CA ARG A 34 7.24 -10.80 -0.64
C ARG A 34 5.79 -10.35 -0.85
N ILE A 35 5.39 -9.32 -0.12
CA ILE A 35 4.04 -8.79 -0.24
C ILE A 35 3.69 -8.48 -1.68
N ALA A 36 4.57 -7.76 -2.37
CA ALA A 36 4.35 -7.40 -3.76
C ALA A 36 3.91 -8.61 -4.57
N SER A 37 4.53 -9.75 -4.31
CA SER A 37 4.21 -10.99 -5.01
C SER A 37 2.70 -11.21 -5.06
N LEU A 38 2.03 -10.95 -3.94
CA LEU A 38 0.59 -11.12 -3.86
C LEU A 38 -0.12 -10.32 -4.96
N LEU A 39 0.30 -9.08 -5.14
CA LEU A 39 -0.29 -8.21 -6.15
C LEU A 39 0.40 -8.41 -7.50
N HIS A 40 -0.38 -8.38 -8.58
CA HIS A 40 0.16 -8.55 -9.92
C HIS A 40 0.69 -7.22 -10.46
N ARG A 41 1.88 -7.26 -11.05
CA ARG A 41 2.50 -6.06 -11.60
C ARG A 41 2.80 -5.05 -10.51
N LYS A 42 3.39 -5.51 -9.41
CA LYS A 42 3.72 -4.65 -8.29
C LYS A 42 5.05 -5.06 -7.66
N SER A 43 5.90 -4.07 -7.38
CA SER A 43 7.20 -4.34 -6.78
C SER A 43 7.30 -3.70 -5.39
N ALA A 44 8.24 -4.19 -4.59
CA ALA A 44 8.44 -3.67 -3.24
C ALA A 44 8.33 -2.15 -3.22
N LYS A 45 8.96 -1.50 -4.19
CA LYS A 45 8.94 -0.05 -4.28
C LYS A 45 7.51 0.48 -4.26
N GLN A 46 6.64 -0.14 -5.04
CA GLN A 46 5.24 0.26 -5.12
C GLN A 46 4.54 0.02 -3.77
N CYS A 47 4.63 -1.21 -3.29
CA CYS A 47 4.00 -1.58 -2.02
C CYS A 47 4.39 -0.59 -0.92
N LYS A 48 5.68 -0.25 -0.88
CA LYS A 48 6.20 0.68 0.12
C LYS A 48 5.71 2.10 -0.15
N ALA A 49 5.64 2.45 -1.43
CA ALA A 49 5.20 3.79 -1.83
C ALA A 49 3.71 3.97 -1.55
N ARG A 50 2.88 3.20 -2.25
CA ARG A 50 1.43 3.28 -2.08
C ARG A 50 1.05 3.25 -0.60
N TRP A 51 1.79 2.47 0.17
CA TRP A 51 1.53 2.34 1.60
C TRP A 51 1.82 3.66 2.32
N TYR A 52 3.09 4.02 2.38
CA TYR A 52 3.50 5.26 3.05
C TYR A 52 2.81 6.47 2.42
N GLU A 53 2.35 6.30 1.19
CA GLU A 53 1.66 7.38 0.47
C GLU A 53 0.36 7.75 1.17
N TRP A 54 -0.53 6.77 1.30
CA TRP A 54 -1.82 6.99 1.94
C TRP A 54 -2.04 5.99 3.08
N LEU A 55 -1.68 4.74 2.83
CA LEU A 55 -1.84 3.69 3.84
C LEU A 55 -0.67 3.69 4.82
N ASP A 56 -0.76 4.55 5.83
CA ASP A 56 0.29 4.64 6.84
C ASP A 56 -0.18 5.44 8.05
N PRO A 57 0.08 4.91 9.26
CA PRO A 57 -0.31 5.56 10.51
C PRO A 57 0.48 6.83 10.79
N SER A 58 1.79 6.77 10.54
CA SER A 58 2.67 7.90 10.77
C SER A 58 2.12 9.15 10.08
N ILE A 59 1.43 8.94 8.96
CA ILE A 59 0.84 10.05 8.21
C ILE A 59 0.28 11.12 9.14
N LYS A 60 0.35 12.37 8.70
CA LYS A 60 -0.16 13.48 9.50
C LYS A 60 -1.60 13.80 9.13
N LYS A 61 -2.53 13.37 9.97
CA LYS A 61 -3.95 13.62 9.73
C LYS A 61 -4.72 13.65 11.05
N THR A 62 -5.98 14.09 10.98
CA THR A 62 -6.83 14.17 12.15
C THR A 62 -8.16 13.48 11.94
N GLU A 63 -8.26 12.23 12.40
CA GLU A 63 -9.48 11.45 12.24
C GLU A 63 -10.70 12.27 12.66
N TRP A 64 -11.88 11.79 12.29
CA TRP A 64 -13.13 12.47 12.63
C TRP A 64 -14.21 11.47 13.01
N SER A 65 -14.68 11.56 14.25
CA SER A 65 -15.73 10.66 14.74
C SER A 65 -16.96 10.74 13.86
N GLY A 66 -17.75 9.66 13.84
CA GLY A 66 -18.96 9.63 13.05
C GLY A 66 -20.11 10.37 13.71
N PRO A 67 -20.57 9.83 14.84
CA PRO A 67 -21.68 10.42 15.60
C PRO A 67 -21.29 11.74 16.26
N SER A 68 -22.01 12.81 15.92
CA SER A 68 -21.74 14.12 16.47
C SER A 68 -21.93 14.13 17.99
N SER A 69 -23.02 13.51 18.43
CA SER A 69 -23.33 13.45 19.86
C SER A 69 -22.45 12.41 20.56
N GLY A 70 -22.46 11.18 20.03
CA GLY A 70 -21.66 10.12 20.62
C GLY A 70 -20.44 9.80 19.79
N GLY A 1 -7.24 10.63 -9.12
CA GLY A 1 -5.92 10.91 -9.67
C GLY A 1 -4.82 10.18 -8.93
N SER A 2 -4.66 8.89 -9.24
CA SER A 2 -3.63 8.09 -8.59
C SER A 2 -2.37 8.01 -9.45
N SER A 3 -2.00 9.14 -10.03
CA SER A 3 -0.82 9.21 -10.89
C SER A 3 0.24 10.14 -10.30
N GLY A 4 1.49 9.68 -10.28
CA GLY A 4 2.56 10.48 -9.74
C GLY A 4 3.16 11.42 -10.77
N SER A 5 4.01 12.33 -10.32
CA SER A 5 4.66 13.29 -11.21
C SER A 5 6.17 13.29 -11.01
N SER A 6 6.59 13.42 -9.76
CA SER A 6 8.01 13.44 -9.43
C SER A 6 8.50 12.04 -9.06
N GLY A 7 8.06 11.04 -9.81
CA GLY A 7 8.46 9.68 -9.55
C GLY A 7 7.49 8.66 -10.12
N LYS A 8 7.68 7.40 -9.77
CA LYS A 8 6.81 6.33 -10.26
C LYS A 8 5.47 6.34 -9.54
N GLY A 9 4.39 6.32 -10.32
CA GLY A 9 3.06 6.34 -9.74
C GLY A 9 2.09 5.46 -10.51
N GLY A 10 2.22 4.14 -10.35
CA GLY A 10 1.36 3.22 -11.04
C GLY A 10 -0.10 3.36 -10.61
N VAL A 11 -0.89 2.33 -10.88
CA VAL A 11 -2.31 2.35 -10.52
C VAL A 11 -2.58 1.43 -9.33
N TRP A 12 -3.75 1.58 -8.72
CA TRP A 12 -4.13 0.76 -7.58
C TRP A 12 -5.65 0.69 -7.45
N ARG A 13 -6.15 -0.53 -7.26
CA ARG A 13 -7.60 -0.74 -7.13
C ARG A 13 -7.95 -1.11 -5.69
N ASN A 14 -9.20 -0.84 -5.32
CA ASN A 14 -9.66 -1.14 -3.96
C ASN A 14 -9.09 -2.46 -3.46
N THR A 15 -9.32 -3.52 -4.23
CA THR A 15 -8.83 -4.85 -3.86
C THR A 15 -7.32 -4.83 -3.64
N GLU A 16 -6.59 -4.47 -4.69
CA GLU A 16 -5.13 -4.42 -4.62
C GLU A 16 -4.68 -3.77 -3.31
N ASP A 17 -5.40 -2.75 -2.87
CA ASP A 17 -5.08 -2.05 -1.64
C ASP A 17 -5.46 -2.89 -0.42
N GLU A 18 -6.66 -3.46 -0.45
CA GLU A 18 -7.13 -4.29 0.65
C GLU A 18 -6.17 -5.45 0.92
N ILE A 19 -5.57 -5.97 -0.15
CA ILE A 19 -4.64 -7.08 -0.03
C ILE A 19 -3.34 -6.64 0.66
N LEU A 20 -2.87 -5.45 0.28
CA LEU A 20 -1.64 -4.91 0.85
C LEU A 20 -1.78 -4.72 2.36
N LYS A 21 -2.61 -3.77 2.76
CA LYS A 21 -2.84 -3.49 4.17
C LYS A 21 -2.77 -4.77 4.99
N ALA A 22 -3.62 -5.75 4.64
CA ALA A 22 -3.64 -7.01 5.35
C ALA A 22 -2.26 -7.66 5.38
N ALA A 23 -1.74 -7.99 4.21
CA ALA A 23 -0.43 -8.62 4.10
C ALA A 23 0.59 -7.90 4.99
N VAL A 24 0.69 -6.59 4.84
CA VAL A 24 1.62 -5.80 5.64
C VAL A 24 1.47 -6.09 7.13
N MET A 25 0.24 -6.40 7.53
CA MET A 25 -0.04 -6.71 8.93
C MET A 25 0.42 -8.12 9.28
N LYS A 26 0.25 -9.05 8.34
CA LYS A 26 0.65 -10.43 8.54
C LYS A 26 2.16 -10.59 8.39
N TYR A 27 2.67 -10.32 7.21
CA TYR A 27 4.10 -10.44 6.94
C TYR A 27 4.87 -9.33 7.64
N GLY A 28 4.23 -8.18 7.82
CA GLY A 28 4.88 -7.06 8.47
C GLY A 28 5.40 -6.03 7.50
N LYS A 29 5.82 -4.88 8.02
CA LYS A 29 6.35 -3.81 7.18
C LYS A 29 7.83 -4.03 6.88
N ASN A 30 8.20 -5.29 6.67
CA ASN A 30 9.58 -5.64 6.37
C ASN A 30 9.66 -6.54 5.14
N GLN A 31 8.64 -7.36 4.95
CA GLN A 31 8.58 -8.28 3.82
C GLN A 31 7.95 -7.61 2.61
N TRP A 32 8.24 -6.33 2.42
CA TRP A 32 7.69 -5.57 1.29
C TRP A 32 7.88 -6.34 -0.01
N SER A 33 9.04 -6.97 -0.17
CA SER A 33 9.35 -7.73 -1.37
C SER A 33 8.36 -8.88 -1.55
N ARG A 34 8.14 -9.63 -0.47
CA ARG A 34 7.22 -10.76 -0.51
C ARG A 34 5.79 -10.29 -0.74
N ILE A 35 5.41 -9.22 -0.04
CA ILE A 35 4.06 -8.67 -0.16
C ILE A 35 3.74 -8.34 -1.61
N ALA A 36 4.72 -7.80 -2.32
CA ALA A 36 4.53 -7.43 -3.73
C ALA A 36 4.13 -8.64 -4.56
N SER A 37 4.80 -9.77 -4.32
CA SER A 37 4.53 -11.00 -5.06
C SER A 37 3.02 -11.29 -5.07
N LEU A 38 2.38 -11.09 -3.94
CA LEU A 38 0.94 -11.33 -3.81
C LEU A 38 0.17 -10.55 -4.86
N LEU A 39 0.56 -9.29 -5.07
CA LEU A 39 -0.09 -8.44 -6.05
C LEU A 39 0.60 -8.53 -7.40
N HIS A 40 -0.17 -8.85 -8.44
CA HIS A 40 0.36 -8.97 -9.79
C HIS A 40 0.76 -7.60 -10.35
N ARG A 41 1.94 -7.53 -10.95
CA ARG A 41 2.43 -6.28 -11.52
C ARG A 41 2.71 -5.26 -10.43
N LYS A 42 3.33 -5.72 -9.35
CA LYS A 42 3.67 -4.84 -8.23
C LYS A 42 5.04 -5.19 -7.65
N SER A 43 5.83 -4.16 -7.36
CA SER A 43 7.16 -4.36 -6.80
C SER A 43 7.28 -3.71 -5.43
N ALA A 44 8.26 -4.16 -4.65
CA ALA A 44 8.48 -3.62 -3.31
C ALA A 44 8.37 -2.11 -3.30
N LYS A 45 8.93 -1.47 -4.31
CA LYS A 45 8.90 -0.02 -4.43
C LYS A 45 7.46 0.49 -4.39
N GLN A 46 6.62 -0.08 -5.23
CA GLN A 46 5.21 0.32 -5.30
C GLN A 46 4.51 0.04 -3.98
N CYS A 47 4.75 -1.13 -3.41
CA CYS A 47 4.14 -1.53 -2.15
C CYS A 47 4.51 -0.54 -1.04
N LYS A 48 5.78 -0.19 -0.97
CA LYS A 48 6.26 0.75 0.05
C LYS A 48 5.69 2.14 -0.19
N ALA A 49 5.76 2.60 -1.43
CA ALA A 49 5.26 3.93 -1.80
C ALA A 49 3.75 4.00 -1.58
N ARG A 50 3.00 3.19 -2.32
CA ARG A 50 1.55 3.17 -2.20
C ARG A 50 1.12 3.15 -0.74
N TRP A 51 1.85 2.39 0.07
CA TRP A 51 1.54 2.28 1.49
C TRP A 51 1.77 3.61 2.20
N TYR A 52 3.04 3.95 2.41
CA TYR A 52 3.39 5.19 3.08
C TYR A 52 2.73 6.39 2.42
N GLU A 53 2.30 6.20 1.17
CA GLU A 53 1.64 7.26 0.42
C GLU A 53 0.29 7.61 1.04
N TRP A 54 -0.56 6.60 1.19
CA TRP A 54 -1.89 6.81 1.77
C TRP A 54 -2.14 5.82 2.90
N LEU A 55 -1.67 4.59 2.73
CA LEU A 55 -1.85 3.55 3.74
C LEU A 55 -0.75 3.64 4.80
N ASP A 56 -1.01 4.40 5.86
CA ASP A 56 -0.04 4.55 6.94
C ASP A 56 -0.66 5.32 8.10
N PRO A 57 -0.35 4.88 9.33
CA PRO A 57 -0.86 5.51 10.55
C PRO A 57 -0.26 6.89 10.78
N SER A 58 1.06 6.98 10.64
CA SER A 58 1.76 8.24 10.84
C SER A 58 1.00 9.40 10.19
N ILE A 59 0.42 9.13 9.03
CA ILE A 59 -0.34 10.15 8.30
C ILE A 59 -1.18 10.99 9.26
N LYS A 60 -1.24 12.29 9.00
CA LYS A 60 -2.02 13.20 9.84
C LYS A 60 -3.44 13.35 9.30
N LYS A 61 -4.05 12.24 8.94
CA LYS A 61 -5.41 12.24 8.41
C LYS A 61 -6.40 11.74 9.46
N THR A 62 -6.21 12.18 10.70
CA THR A 62 -7.08 11.78 11.80
C THR A 62 -6.83 12.62 13.04
N GLU A 63 -7.91 13.02 13.71
CA GLU A 63 -7.80 13.83 14.92
C GLU A 63 -7.11 13.05 16.03
N TRP A 64 -7.73 11.96 16.44
CA TRP A 64 -7.18 11.12 17.51
C TRP A 64 -5.67 11.04 17.41
N SER A 65 -4.98 11.51 18.45
CA SER A 65 -3.53 11.50 18.49
C SER A 65 -3.00 10.21 19.10
N GLY A 66 -2.27 9.44 18.30
CA GLY A 66 -1.72 8.19 18.79
C GLY A 66 -0.20 8.15 18.75
N PRO A 67 0.44 8.66 19.81
CA PRO A 67 1.89 8.71 19.91
C PRO A 67 2.50 7.32 20.08
N SER A 68 3.59 7.07 19.37
CA SER A 68 4.28 5.78 19.44
C SER A 68 5.50 5.86 20.36
N SER A 69 6.41 6.77 20.04
CA SER A 69 7.63 6.94 20.83
C SER A 69 7.45 8.05 21.86
N GLY A 70 8.34 8.08 22.85
CA GLY A 70 8.26 9.10 23.88
C GLY A 70 6.98 9.00 24.69
N GLY A 1 6.41 18.14 -11.50
CA GLY A 1 7.79 18.30 -11.09
C GLY A 1 8.15 17.46 -9.88
N SER A 2 9.06 16.50 -10.08
CA SER A 2 9.49 15.62 -9.01
C SER A 2 11.01 15.50 -8.98
N SER A 3 11.56 15.40 -7.77
CA SER A 3 13.00 15.28 -7.60
C SER A 3 13.49 13.90 -8.04
N GLY A 4 14.72 13.85 -8.55
CA GLY A 4 15.28 12.59 -8.99
C GLY A 4 14.94 12.29 -10.45
N SER A 5 15.97 11.98 -11.24
CA SER A 5 15.76 11.67 -12.65
C SER A 5 14.72 10.58 -12.83
N SER A 6 14.91 9.46 -12.14
CA SER A 6 13.99 8.34 -12.23
C SER A 6 12.60 8.73 -11.71
N GLY A 7 11.66 7.80 -11.80
CA GLY A 7 10.31 8.08 -11.34
C GLY A 7 9.29 7.16 -11.96
N LYS A 8 8.63 6.35 -11.13
CA LYS A 8 7.61 5.41 -11.62
C LYS A 8 6.29 5.62 -10.89
N GLY A 9 5.22 5.09 -11.46
CA GLY A 9 3.91 5.23 -10.84
C GLY A 9 2.89 4.25 -11.41
N GLY A 10 2.21 3.54 -10.54
CA GLY A 10 1.21 2.58 -10.98
C GLY A 10 -0.12 2.74 -10.28
N VAL A 11 -1.21 2.47 -10.99
CA VAL A 11 -2.54 2.59 -10.42
C VAL A 11 -2.75 1.61 -9.27
N TRP A 12 -3.87 1.75 -8.58
CA TRP A 12 -4.19 0.88 -7.45
C TRP A 12 -5.69 0.77 -7.25
N ARG A 13 -6.18 -0.46 -7.15
CA ARG A 13 -7.61 -0.70 -6.95
C ARG A 13 -7.90 -1.11 -5.51
N ASN A 14 -9.15 -0.92 -5.09
CA ASN A 14 -9.55 -1.27 -3.74
C ASN A 14 -9.00 -2.63 -3.34
N THR A 15 -9.18 -3.62 -4.22
CA THR A 15 -8.71 -4.97 -3.97
C THR A 15 -7.20 -4.99 -3.71
N GLU A 16 -6.45 -4.35 -4.59
CA GLU A 16 -4.99 -4.29 -4.46
C GLU A 16 -4.60 -3.69 -3.11
N ASP A 17 -5.30 -2.65 -2.70
CA ASP A 17 -5.02 -1.99 -1.42
C ASP A 17 -5.40 -2.89 -0.25
N GLU A 18 -6.59 -3.48 -0.33
CA GLU A 18 -7.06 -4.37 0.73
C GLU A 18 -6.05 -5.48 1.00
N ILE A 19 -5.57 -6.11 -0.06
CA ILE A 19 -4.61 -7.18 0.07
C ILE A 19 -3.29 -6.69 0.69
N LEU A 20 -2.83 -5.53 0.22
CA LEU A 20 -1.60 -4.95 0.72
C LEU A 20 -1.72 -4.64 2.22
N LYS A 21 -2.68 -3.81 2.56
CA LYS A 21 -2.90 -3.44 3.96
C LYS A 21 -2.80 -4.64 4.88
N ALA A 22 -3.64 -5.64 4.64
CA ALA A 22 -3.63 -6.86 5.43
C ALA A 22 -2.26 -7.52 5.41
N ALA A 23 -1.84 -7.97 4.23
CA ALA A 23 -0.55 -8.62 4.07
C ALA A 23 0.52 -7.93 4.93
N VAL A 24 0.63 -6.63 4.78
CA VAL A 24 1.61 -5.85 5.55
C VAL A 24 1.50 -6.16 7.04
N MET A 25 0.28 -6.33 7.52
CA MET A 25 0.04 -6.63 8.92
C MET A 25 0.41 -8.07 9.25
N LYS A 26 0.18 -8.97 8.29
CA LYS A 26 0.49 -10.38 8.48
C LYS A 26 2.00 -10.61 8.48
N TYR A 27 2.66 -10.29 7.38
CA TYR A 27 4.09 -10.46 7.26
C TYR A 27 4.84 -9.32 7.96
N GLY A 28 4.24 -8.14 7.95
CA GLY A 28 4.85 -6.99 8.59
C GLY A 28 5.38 -5.99 7.60
N LYS A 29 5.79 -4.82 8.10
CA LYS A 29 6.33 -3.77 7.24
C LYS A 29 7.79 -4.03 6.92
N ASN A 30 8.13 -5.28 6.65
CA ASN A 30 9.50 -5.65 6.33
C ASN A 30 9.55 -6.54 5.09
N GLN A 31 8.53 -7.38 4.93
CA GLN A 31 8.46 -8.27 3.78
C GLN A 31 7.82 -7.58 2.59
N TRP A 32 8.17 -6.32 2.38
CA TRP A 32 7.64 -5.54 1.26
C TRP A 32 7.86 -6.26 -0.06
N SER A 33 9.04 -6.86 -0.21
CA SER A 33 9.38 -7.58 -1.44
C SER A 33 8.47 -8.78 -1.63
N ARG A 34 8.16 -9.48 -0.53
CA ARG A 34 7.31 -10.65 -0.59
C ARG A 34 5.86 -10.25 -0.82
N ILE A 35 5.43 -9.18 -0.15
CA ILE A 35 4.06 -8.68 -0.28
C ILE A 35 3.74 -8.35 -1.74
N ALA A 36 4.70 -7.76 -2.43
CA ALA A 36 4.53 -7.40 -3.83
C ALA A 36 4.08 -8.60 -4.67
N SER A 37 4.70 -9.75 -4.41
CA SER A 37 4.37 -10.96 -5.14
C SER A 37 2.87 -11.22 -5.12
N LEU A 38 2.25 -10.99 -3.97
CA LEU A 38 0.81 -11.19 -3.82
C LEU A 38 0.03 -10.38 -4.86
N LEU A 39 0.42 -9.13 -5.03
CA LEU A 39 -0.25 -8.25 -5.98
C LEU A 39 0.38 -8.39 -7.37
N HIS A 40 -0.45 -8.73 -8.36
CA HIS A 40 0.04 -8.89 -9.73
C HIS A 40 0.43 -7.55 -10.33
N ARG A 41 1.58 -7.52 -10.99
CA ARG A 41 2.07 -6.29 -11.61
C ARG A 41 2.46 -5.26 -10.55
N LYS A 42 3.15 -5.72 -9.51
CA LYS A 42 3.58 -4.84 -8.43
C LYS A 42 5.00 -5.19 -7.99
N SER A 43 5.58 -4.33 -7.15
CA SER A 43 6.93 -4.56 -6.65
C SER A 43 7.12 -3.88 -5.28
N ALA A 44 8.14 -4.31 -4.56
CA ALA A 44 8.43 -3.76 -3.24
C ALA A 44 8.29 -2.24 -3.25
N LYS A 45 9.12 -1.57 -4.05
CA LYS A 45 9.08 -0.12 -4.15
C LYS A 45 7.64 0.39 -4.19
N GLN A 46 6.85 -0.16 -5.09
CA GLN A 46 5.45 0.24 -5.23
C GLN A 46 4.69 0.00 -3.93
N CYS A 47 4.80 -1.20 -3.39
CA CYS A 47 4.12 -1.55 -2.15
C CYS A 47 4.44 -0.54 -1.05
N LYS A 48 5.72 -0.24 -0.89
CA LYS A 48 6.16 0.71 0.12
C LYS A 48 5.61 2.11 -0.17
N ALA A 49 5.71 2.52 -1.44
CA ALA A 49 5.22 3.83 -1.84
C ALA A 49 3.72 3.96 -1.62
N ARG A 50 2.95 3.15 -2.33
CA ARG A 50 1.50 3.16 -2.22
C ARG A 50 1.07 3.16 -0.75
N TRP A 51 1.76 2.35 0.06
CA TRP A 51 1.46 2.25 1.48
C TRP A 51 1.69 3.58 2.18
N TYR A 52 2.95 3.95 2.34
CA TYR A 52 3.31 5.20 3.00
C TYR A 52 2.64 6.38 2.32
N GLU A 53 2.23 6.19 1.06
CA GLU A 53 1.57 7.25 0.31
C GLU A 53 0.23 7.61 0.93
N TRP A 54 -0.64 6.62 1.08
CA TRP A 54 -1.96 6.85 1.67
C TRP A 54 -2.22 5.86 2.80
N LEU A 55 -1.83 4.60 2.59
CA LEU A 55 -2.02 3.57 3.61
C LEU A 55 -0.92 3.62 4.66
N ASP A 56 -1.16 4.39 5.71
CA ASP A 56 -0.20 4.52 6.79
C ASP A 56 -0.79 5.33 7.96
N PRO A 57 -0.48 4.89 9.19
CA PRO A 57 -0.97 5.56 10.41
C PRO A 57 -0.33 6.92 10.62
N SER A 58 1.00 6.96 10.54
CA SER A 58 1.73 8.20 10.73
C SER A 58 1.01 9.37 10.07
N ILE A 59 0.46 9.13 8.88
CA ILE A 59 -0.25 10.16 8.14
C ILE A 59 -1.08 11.03 9.08
N LYS A 60 -1.06 12.34 8.83
CA LYS A 60 -1.79 13.29 9.65
C LYS A 60 -2.77 14.10 8.80
N LYS A 61 -4.02 13.67 8.76
CA LYS A 61 -5.05 14.35 7.99
C LYS A 61 -6.31 14.58 8.83
N THR A 62 -6.79 13.50 9.45
CA THR A 62 -7.99 13.57 10.28
C THR A 62 -7.68 13.22 11.73
N GLU A 63 -8.52 13.68 12.64
CA GLU A 63 -8.33 13.40 14.06
C GLU A 63 -9.38 12.41 14.58
N TRP A 64 -10.63 12.65 14.20
CA TRP A 64 -11.72 11.78 14.62
C TRP A 64 -11.78 10.52 13.76
N SER A 65 -11.51 9.37 14.37
CA SER A 65 -11.53 8.10 13.66
C SER A 65 -12.91 7.46 13.73
N GLY A 66 -13.51 7.23 12.56
CA GLY A 66 -14.82 6.62 12.50
C GLY A 66 -14.82 5.17 12.91
N PRO A 67 -15.85 4.42 12.51
CA PRO A 67 -15.98 3.00 12.84
C PRO A 67 -14.95 2.15 12.11
N SER A 68 -14.08 2.79 11.35
CA SER A 68 -13.05 2.10 10.59
C SER A 68 -11.99 3.07 10.09
N SER A 69 -10.72 2.66 10.18
CA SER A 69 -9.62 3.50 9.73
C SER A 69 -9.89 4.07 8.35
N GLY A 70 -10.36 3.21 7.44
CA GLY A 70 -10.66 3.65 6.09
C GLY A 70 -11.89 4.51 6.02
N GLY A 1 -5.19 18.29 -21.39
CA GLY A 1 -3.75 18.35 -21.18
C GLY A 1 -3.21 17.09 -20.54
N SER A 2 -3.71 15.94 -20.98
CA SER A 2 -3.26 14.66 -20.44
C SER A 2 -3.54 14.58 -18.94
N SER A 3 -4.72 15.05 -18.53
CA SER A 3 -5.10 15.03 -17.12
C SER A 3 -5.21 13.60 -16.60
N GLY A 4 -4.51 13.31 -15.51
CA GLY A 4 -4.56 11.98 -14.93
C GLY A 4 -3.28 11.63 -14.21
N SER A 5 -2.63 10.55 -14.62
CA SER A 5 -1.39 10.09 -14.01
C SER A 5 -0.21 10.37 -14.92
N SER A 6 -0.22 9.77 -16.11
CA SER A 6 0.86 9.95 -17.07
C SER A 6 2.20 10.09 -16.35
N GLY A 7 2.41 9.26 -15.34
CA GLY A 7 3.66 9.30 -14.60
C GLY A 7 4.04 7.94 -14.04
N LYS A 8 5.08 7.92 -13.21
CA LYS A 8 5.56 6.68 -12.60
C LYS A 8 4.48 6.06 -11.73
N GLY A 9 3.93 6.84 -10.81
CA GLY A 9 2.90 6.34 -9.92
C GLY A 9 1.97 5.36 -10.61
N GLY A 10 1.91 4.15 -10.08
CA GLY A 10 1.05 3.13 -10.66
C GLY A 10 -0.36 3.19 -10.13
N VAL A 11 -1.30 2.58 -10.86
CA VAL A 11 -2.69 2.57 -10.45
C VAL A 11 -2.93 1.56 -9.34
N TRP A 12 -3.99 1.79 -8.56
CA TRP A 12 -4.32 0.90 -7.46
C TRP A 12 -5.83 0.82 -7.25
N ARG A 13 -6.36 -0.40 -7.13
CA ARG A 13 -7.78 -0.60 -6.93
C ARG A 13 -8.08 -0.99 -5.49
N ASN A 14 -9.32 -0.76 -5.07
CA ASN A 14 -9.73 -1.08 -3.71
C ASN A 14 -9.16 -2.42 -3.27
N THR A 15 -9.40 -3.46 -4.05
CA THR A 15 -8.89 -4.79 -3.75
C THR A 15 -7.39 -4.78 -3.56
N GLU A 16 -6.66 -4.37 -4.60
CA GLU A 16 -5.21 -4.31 -4.54
C GLU A 16 -4.73 -3.73 -3.22
N ASP A 17 -5.41 -2.68 -2.76
CA ASP A 17 -5.06 -2.03 -1.50
C ASP A 17 -5.32 -2.96 -0.32
N GLU A 18 -6.47 -3.62 -0.33
CA GLU A 18 -6.83 -4.54 0.74
C GLU A 18 -5.77 -5.62 0.92
N ILE A 19 -5.42 -6.29 -0.18
CA ILE A 19 -4.42 -7.34 -0.15
C ILE A 19 -3.12 -6.85 0.50
N LEU A 20 -2.64 -5.70 0.03
CA LEU A 20 -1.41 -5.11 0.56
C LEU A 20 -1.58 -4.77 2.04
N LYS A 21 -2.53 -3.90 2.34
CA LYS A 21 -2.79 -3.48 3.71
C LYS A 21 -2.73 -4.67 4.66
N ALA A 22 -3.52 -5.70 4.35
CA ALA A 22 -3.56 -6.90 5.16
C ALA A 22 -2.18 -7.57 5.25
N ALA A 23 -1.70 -8.07 4.13
CA ALA A 23 -0.39 -8.71 4.07
C ALA A 23 0.62 -7.98 4.95
N VAL A 24 0.72 -6.67 4.76
CA VAL A 24 1.65 -5.86 5.54
C VAL A 24 1.46 -6.08 7.03
N MET A 25 0.21 -6.23 7.44
CA MET A 25 -0.12 -6.45 8.85
C MET A 25 0.33 -7.84 9.30
N LYS A 26 0.30 -8.79 8.37
CA LYS A 26 0.70 -10.16 8.67
C LYS A 26 2.22 -10.30 8.66
N TYR A 27 2.81 -10.13 7.47
CA TYR A 27 4.26 -10.23 7.32
C TYR A 27 4.96 -9.04 7.98
N GLY A 28 4.28 -7.91 8.00
CA GLY A 28 4.86 -6.72 8.60
C GLY A 28 5.25 -5.68 7.57
N LYS A 29 5.75 -4.54 8.02
CA LYS A 29 6.17 -3.47 7.13
C LYS A 29 7.62 -3.64 6.71
N ASN A 30 8.07 -4.89 6.65
CA ASN A 30 9.44 -5.19 6.26
C ASN A 30 9.46 -6.13 5.06
N GLN A 31 8.51 -7.05 5.01
CA GLN A 31 8.41 -8.02 3.92
C GLN A 31 7.72 -7.40 2.71
N TRP A 32 8.11 -6.18 2.37
CA TRP A 32 7.51 -5.49 1.23
C TRP A 32 7.70 -6.29 -0.05
N SER A 33 8.87 -6.89 -0.21
CA SER A 33 9.17 -7.68 -1.40
C SER A 33 8.23 -8.89 -1.50
N ARG A 34 8.05 -9.59 -0.39
CA ARG A 34 7.18 -10.76 -0.36
C ARG A 34 5.73 -10.36 -0.62
N ILE A 35 5.31 -9.24 -0.03
CA ILE A 35 3.95 -8.76 -0.20
C ILE A 35 3.66 -8.44 -1.66
N ALA A 36 4.61 -7.79 -2.33
CA ALA A 36 4.45 -7.45 -3.74
C ALA A 36 4.08 -8.66 -4.57
N SER A 37 4.77 -9.77 -4.31
CA SER A 37 4.52 -11.01 -5.04
C SER A 37 3.02 -11.30 -5.13
N LEU A 38 2.31 -11.08 -4.02
CA LEU A 38 0.88 -11.31 -3.97
C LEU A 38 0.16 -10.57 -5.09
N LEU A 39 0.43 -9.27 -5.20
CA LEU A 39 -0.18 -8.45 -6.23
C LEU A 39 0.54 -8.62 -7.56
N HIS A 40 -0.23 -8.85 -8.63
CA HIS A 40 0.34 -9.03 -9.95
C HIS A 40 0.79 -7.69 -10.53
N ARG A 41 2.00 -7.66 -11.09
CA ARG A 41 2.54 -6.45 -11.68
C ARG A 41 2.84 -5.41 -10.60
N LYS A 42 3.33 -5.88 -9.46
CA LYS A 42 3.65 -4.99 -8.35
C LYS A 42 5.04 -5.31 -7.79
N SER A 43 5.72 -4.28 -7.30
CA SER A 43 7.05 -4.45 -6.73
C SER A 43 7.14 -3.85 -5.34
N ALA A 44 8.19 -4.20 -4.60
CA ALA A 44 8.39 -3.69 -3.25
C ALA A 44 8.25 -2.18 -3.21
N LYS A 45 8.98 -1.49 -4.08
CA LYS A 45 8.93 -0.03 -4.15
C LYS A 45 7.49 0.47 -4.17
N GLN A 46 6.69 -0.09 -5.09
CA GLN A 46 5.29 0.29 -5.21
C GLN A 46 4.54 0.04 -3.92
N CYS A 47 4.74 -1.13 -3.33
CA CYS A 47 4.08 -1.49 -2.08
C CYS A 47 4.41 -0.49 -0.97
N LYS A 48 5.70 -0.20 -0.83
CA LYS A 48 6.16 0.73 0.20
C LYS A 48 5.64 2.14 -0.08
N ALA A 49 5.76 2.57 -1.33
CA ALA A 49 5.29 3.90 -1.73
C ALA A 49 3.78 4.02 -1.56
N ARG A 50 3.04 3.22 -2.30
CA ARG A 50 1.59 3.24 -2.24
C ARG A 50 1.10 3.21 -0.80
N TRP A 51 1.77 2.39 0.03
CA TRP A 51 1.41 2.27 1.43
C TRP A 51 1.70 3.57 2.18
N TYR A 52 2.98 3.88 2.34
CA TYR A 52 3.39 5.09 3.05
C TYR A 52 2.78 6.33 2.39
N GLU A 53 2.32 6.18 1.15
CA GLU A 53 1.72 7.29 0.42
C GLU A 53 0.36 7.65 1.02
N TRP A 54 -0.52 6.67 1.13
CA TRP A 54 -1.85 6.90 1.67
C TRP A 54 -2.14 5.92 2.81
N LEU A 55 -1.74 4.67 2.61
CA LEU A 55 -1.96 3.63 3.62
C LEU A 55 -0.88 3.66 4.69
N ASP A 56 -1.12 4.45 5.73
CA ASP A 56 -0.16 4.58 6.83
C ASP A 56 -0.77 5.36 7.99
N PRO A 57 -0.53 4.87 9.22
CA PRO A 57 -1.04 5.49 10.43
C PRO A 57 -0.37 6.83 10.73
N SER A 58 0.96 6.83 10.68
CA SER A 58 1.73 8.04 10.95
C SER A 58 1.13 9.24 10.22
N ILE A 59 0.57 8.98 9.04
CA ILE A 59 -0.04 10.04 8.24
C ILE A 59 -0.81 11.02 9.13
N LYS A 60 -0.67 12.32 8.82
CA LYS A 60 -1.35 13.35 9.59
C LYS A 60 -2.50 13.94 8.79
N LYS A 61 -3.66 13.28 8.84
CA LYS A 61 -4.83 13.74 8.12
C LYS A 61 -5.38 15.03 8.73
N THR A 62 -5.85 15.94 7.88
CA THR A 62 -6.39 17.22 8.34
C THR A 62 -7.75 17.49 7.71
N GLU A 63 -8.79 17.51 8.54
CA GLU A 63 -10.14 17.77 8.06
C GLU A 63 -10.40 19.26 7.92
N TRP A 64 -10.00 20.02 8.93
CA TRP A 64 -10.19 21.47 8.91
C TRP A 64 -9.22 22.13 7.94
N SER A 65 -7.93 21.95 8.17
CA SER A 65 -6.91 22.54 7.31
C SER A 65 -7.31 22.44 5.84
N GLY A 66 -7.83 21.28 5.45
CA GLY A 66 -8.25 21.07 4.07
C GLY A 66 -8.85 22.33 3.47
N PRO A 67 -10.19 22.47 3.58
CA PRO A 67 -10.90 23.62 3.03
C PRO A 67 -10.60 24.91 3.81
N SER A 68 -10.61 26.03 3.10
CA SER A 68 -10.33 27.32 3.71
C SER A 68 -11.63 28.07 4.03
N SER A 69 -11.76 28.52 5.27
CA SER A 69 -12.95 29.24 5.70
C SER A 69 -13.10 30.56 4.94
N GLY A 70 -14.08 30.62 4.06
CA GLY A 70 -14.31 31.83 3.29
C GLY A 70 -13.75 31.73 1.89
N GLY A 1 -2.14 14.33 -6.25
CA GLY A 1 -2.79 13.73 -7.40
C GLY A 1 -3.01 14.71 -8.54
N SER A 2 -3.25 14.19 -9.73
CA SER A 2 -3.47 15.03 -10.91
C SER A 2 -4.06 14.21 -12.05
N SER A 3 -4.69 14.91 -12.99
CA SER A 3 -5.29 14.24 -14.15
C SER A 3 -4.48 14.51 -15.41
N GLY A 4 -3.49 13.65 -15.65
CA GLY A 4 -2.65 13.80 -16.83
C GLY A 4 -1.53 12.78 -16.87
N SER A 5 -0.91 12.63 -18.04
CA SER A 5 0.18 11.67 -18.21
C SER A 5 1.34 12.01 -17.29
N SER A 6 1.73 13.28 -17.26
CA SER A 6 2.84 13.74 -16.43
C SER A 6 2.73 13.14 -15.03
N GLY A 7 3.88 12.91 -14.40
CA GLY A 7 3.90 12.35 -13.07
C GLY A 7 4.03 10.84 -13.07
N LYS A 8 5.01 10.33 -12.35
CA LYS A 8 5.25 8.89 -12.26
C LYS A 8 4.39 8.26 -11.17
N GLY A 9 4.05 6.99 -11.35
CA GLY A 9 3.24 6.30 -10.36
C GLY A 9 2.37 5.22 -10.99
N GLY A 10 1.89 4.29 -10.16
CA GLY A 10 1.05 3.22 -10.67
C GLY A 10 -0.36 3.27 -10.10
N VAL A 11 -1.30 2.62 -10.77
CA VAL A 11 -2.68 2.60 -10.33
C VAL A 11 -2.88 1.61 -9.19
N TRP A 12 -4.05 1.67 -8.56
CA TRP A 12 -4.35 0.78 -7.44
C TRP A 12 -5.86 0.59 -7.30
N ARG A 13 -6.30 -0.66 -7.28
CA ARG A 13 -7.71 -0.97 -7.16
C ARG A 13 -8.06 -1.37 -5.72
N ASN A 14 -9.33 -1.23 -5.35
CA ASN A 14 -9.79 -1.56 -4.01
C ASN A 14 -9.11 -2.84 -3.52
N THR A 15 -9.23 -3.91 -4.31
CA THR A 15 -8.64 -5.19 -3.95
C THR A 15 -7.15 -5.04 -3.66
N GLU A 16 -6.40 -4.57 -4.66
CA GLU A 16 -4.97 -4.39 -4.51
C GLU A 16 -4.63 -3.75 -3.16
N ASP A 17 -5.39 -2.73 -2.79
CA ASP A 17 -5.18 -2.03 -1.53
C ASP A 17 -5.55 -2.92 -0.36
N GLU A 18 -6.73 -3.54 -0.42
CA GLU A 18 -7.19 -4.41 0.64
C GLU A 18 -6.16 -5.49 0.95
N ILE A 19 -5.64 -6.12 -0.09
CA ILE A 19 -4.64 -7.17 0.05
C ILE A 19 -3.40 -6.65 0.76
N LEU A 20 -2.88 -5.51 0.28
CA LEU A 20 -1.69 -4.91 0.86
C LEU A 20 -1.90 -4.60 2.34
N LYS A 21 -2.82 -3.68 2.62
CA LYS A 21 -3.12 -3.29 3.99
C LYS A 21 -3.00 -4.49 4.94
N ALA A 22 -3.67 -5.58 4.59
CA ALA A 22 -3.63 -6.79 5.40
C ALA A 22 -2.25 -7.43 5.36
N ALA A 23 -1.82 -7.82 4.17
CA ALA A 23 -0.51 -8.45 3.99
C ALA A 23 0.54 -7.78 4.87
N VAL A 24 0.64 -6.46 4.77
CA VAL A 24 1.60 -5.70 5.56
C VAL A 24 1.54 -6.10 7.03
N MET A 25 0.32 -6.35 7.52
CA MET A 25 0.13 -6.73 8.91
C MET A 25 0.49 -8.20 9.13
N LYS A 26 0.23 -9.03 8.11
CA LYS A 26 0.52 -10.45 8.19
C LYS A 26 2.03 -10.69 8.19
N TYR A 27 2.69 -10.28 7.12
CA TYR A 27 4.13 -10.45 7.00
C TYR A 27 4.88 -9.35 7.73
N GLY A 28 4.30 -8.15 7.72
CA GLY A 28 4.93 -7.02 8.40
C GLY A 28 5.38 -5.95 7.44
N LYS A 29 5.87 -4.83 7.97
CA LYS A 29 6.34 -3.73 7.15
C LYS A 29 7.80 -3.93 6.75
N ASN A 30 8.25 -5.18 6.78
CA ASN A 30 9.62 -5.50 6.42
C ASN A 30 9.65 -6.40 5.19
N GLN A 31 8.65 -7.26 5.05
CA GLN A 31 8.57 -8.17 3.92
C GLN A 31 7.88 -7.51 2.73
N TRP A 32 8.26 -6.27 2.45
CA TRP A 32 7.68 -5.52 1.35
C TRP A 32 7.85 -6.28 0.02
N SER A 33 9.01 -6.91 -0.14
CA SER A 33 9.30 -7.66 -1.35
C SER A 33 8.32 -8.82 -1.53
N ARG A 34 8.15 -9.60 -0.47
CA ARG A 34 7.25 -10.75 -0.51
C ARG A 34 5.81 -10.29 -0.76
N ILE A 35 5.41 -9.22 -0.08
CA ILE A 35 4.06 -8.69 -0.22
C ILE A 35 3.76 -8.37 -1.69
N ALA A 36 4.73 -7.78 -2.37
CA ALA A 36 4.56 -7.42 -3.78
C ALA A 36 4.16 -8.63 -4.60
N SER A 37 4.69 -9.80 -4.24
CA SER A 37 4.39 -11.03 -4.95
C SER A 37 2.89 -11.31 -4.95
N LEU A 38 2.25 -11.04 -3.81
CA LEU A 38 0.82 -11.27 -3.67
C LEU A 38 0.03 -10.46 -4.69
N LEU A 39 0.44 -9.21 -4.89
CA LEU A 39 -0.23 -8.34 -5.85
C LEU A 39 0.36 -8.51 -7.24
N HIS A 40 -0.52 -8.54 -8.25
CA HIS A 40 -0.09 -8.71 -9.64
C HIS A 40 0.31 -7.37 -10.23
N ARG A 41 1.45 -7.35 -10.91
CA ARG A 41 1.95 -6.13 -11.54
C ARG A 41 2.35 -5.10 -10.49
N LYS A 42 3.04 -5.56 -9.45
CA LYS A 42 3.48 -4.69 -8.37
C LYS A 42 4.89 -5.05 -7.92
N SER A 43 5.55 -4.11 -7.24
CA SER A 43 6.91 -4.33 -6.75
C SER A 43 7.10 -3.70 -5.37
N ALA A 44 8.15 -4.11 -4.68
CA ALA A 44 8.46 -3.57 -3.36
C ALA A 44 8.38 -2.05 -3.35
N LYS A 45 8.90 -1.43 -4.40
CA LYS A 45 8.89 0.02 -4.51
C LYS A 45 7.46 0.57 -4.42
N GLN A 46 6.58 0.05 -5.27
CA GLN A 46 5.19 0.49 -5.28
C GLN A 46 4.50 0.15 -3.96
N CYS A 47 4.69 -1.08 -3.50
CA CYS A 47 4.09 -1.53 -2.25
C CYS A 47 4.50 -0.62 -1.09
N LYS A 48 5.79 -0.30 -1.03
CA LYS A 48 6.31 0.56 0.03
C LYS A 48 5.82 1.99 -0.14
N ALA A 49 5.85 2.48 -1.39
CA ALA A 49 5.41 3.83 -1.69
C ALA A 49 3.91 3.99 -1.45
N ARG A 50 3.11 3.28 -2.24
CA ARG A 50 1.66 3.34 -2.12
C ARG A 50 1.24 3.28 -0.66
N TRP A 51 1.91 2.42 0.11
CA TRP A 51 1.60 2.27 1.53
C TRP A 51 1.87 3.56 2.30
N TYR A 52 3.15 3.90 2.43
CA TYR A 52 3.55 5.11 3.14
C TYR A 52 2.90 6.34 2.52
N GLU A 53 2.43 6.20 1.28
CA GLU A 53 1.79 7.30 0.57
C GLU A 53 0.46 7.66 1.23
N TRP A 54 -0.43 6.68 1.33
CA TRP A 54 -1.74 6.89 1.94
C TRP A 54 -2.00 5.87 3.04
N LEU A 55 -1.61 4.62 2.79
CA LEU A 55 -1.81 3.55 3.76
C LEU A 55 -0.71 3.56 4.81
N ASP A 56 -0.94 4.31 5.89
CA ASP A 56 0.04 4.40 6.97
C ASP A 56 -0.55 5.13 8.17
N PRO A 57 -0.21 4.65 9.38
CA PRO A 57 -0.70 5.24 10.64
C PRO A 57 -0.10 6.62 10.89
N SER A 58 1.22 6.71 10.80
CA SER A 58 1.92 7.97 11.03
C SER A 58 1.16 9.13 10.41
N ILE A 59 0.65 8.92 9.20
CA ILE A 59 -0.10 9.96 8.50
C ILE A 59 -0.98 10.76 9.46
N LYS A 60 -0.99 12.07 9.28
CA LYS A 60 -1.78 12.95 10.13
C LYS A 60 -3.21 13.08 9.61
N LYS A 61 -4.06 12.12 9.99
CA LYS A 61 -5.45 12.12 9.55
C LYS A 61 -6.37 12.57 10.68
N THR A 62 -7.46 13.24 10.32
CA THR A 62 -8.42 13.73 11.31
C THR A 62 -9.74 12.97 11.21
N GLU A 63 -10.02 12.15 12.20
CA GLU A 63 -11.25 11.36 12.23
C GLU A 63 -12.00 11.55 13.55
N TRP A 64 -12.05 12.79 14.02
CA TRP A 64 -12.73 13.11 15.27
C TRP A 64 -14.15 13.56 15.01
N SER A 65 -14.84 12.87 14.09
CA SER A 65 -16.21 13.20 13.75
C SER A 65 -17.18 12.23 14.43
N GLY A 66 -18.39 12.71 14.69
CA GLY A 66 -19.40 11.88 15.33
C GLY A 66 -19.80 10.70 14.48
N PRO A 67 -20.60 9.79 15.06
CA PRO A 67 -21.08 8.60 14.37
C PRO A 67 -22.09 8.92 13.26
N SER A 68 -21.60 9.07 12.04
CA SER A 68 -22.45 9.39 10.91
C SER A 68 -23.72 8.54 10.92
N SER A 69 -23.53 7.23 11.02
CA SER A 69 -24.66 6.30 11.04
C SER A 69 -24.42 5.17 12.05
N GLY A 70 -25.46 4.81 12.78
CA GLY A 70 -25.34 3.76 13.77
C GLY A 70 -25.30 4.29 15.19
N GLY A 1 -2.91 6.16 -24.35
CA GLY A 1 -2.41 6.84 -23.17
C GLY A 1 -2.14 5.89 -22.02
N SER A 2 -3.20 5.42 -21.38
CA SER A 2 -3.07 4.51 -20.26
C SER A 2 -3.50 3.09 -20.66
N SER A 3 -4.61 2.99 -21.38
CA SER A 3 -5.12 1.70 -21.83
C SER A 3 -4.86 0.62 -20.77
N GLY A 4 -5.07 0.97 -19.51
CA GLY A 4 -4.86 0.03 -18.43
C GLY A 4 -3.68 0.41 -17.55
N SER A 5 -2.48 0.15 -18.03
CA SER A 5 -1.26 0.47 -17.28
C SER A 5 -0.04 0.50 -18.20
N SER A 6 0.72 1.59 -18.10
CA SER A 6 1.91 1.76 -18.93
C SER A 6 3.01 0.78 -18.49
N GLY A 7 3.39 0.86 -17.23
CA GLY A 7 4.44 -0.02 -16.72
C GLY A 7 4.97 0.43 -15.38
N LYS A 8 4.07 0.85 -14.49
CA LYS A 8 4.46 1.30 -13.16
C LYS A 8 3.26 1.34 -12.23
N GLY A 9 3.52 1.63 -10.95
CA GLY A 9 2.45 1.68 -9.97
C GLY A 9 1.49 2.82 -10.23
N GLY A 10 1.45 3.78 -9.31
CA GLY A 10 0.56 4.92 -9.47
C GLY A 10 -0.89 4.56 -9.19
N VAL A 11 -1.51 3.88 -10.16
CA VAL A 11 -2.90 3.48 -10.02
C VAL A 11 -3.04 2.29 -9.07
N TRP A 12 -4.11 2.30 -8.29
CA TRP A 12 -4.37 1.22 -7.34
C TRP A 12 -5.86 0.94 -7.20
N ARG A 13 -6.23 -0.33 -7.24
CA ARG A 13 -7.64 -0.72 -7.12
C ARG A 13 -7.94 -1.19 -5.70
N ASN A 14 -9.17 -0.94 -5.26
CA ASN A 14 -9.60 -1.34 -3.93
C ASN A 14 -8.98 -2.68 -3.53
N THR A 15 -9.19 -3.69 -4.36
CA THR A 15 -8.64 -5.02 -4.11
C THR A 15 -7.15 -4.95 -3.80
N GLU A 16 -6.38 -4.42 -4.74
CA GLU A 16 -4.94 -4.30 -4.56
C GLU A 16 -4.60 -3.73 -3.19
N ASP A 17 -5.25 -2.62 -2.84
CA ASP A 17 -5.02 -1.98 -1.56
C ASP A 17 -5.38 -2.91 -0.40
N GLU A 18 -6.52 -3.59 -0.53
CA GLU A 18 -6.98 -4.52 0.50
C GLU A 18 -5.92 -5.59 0.77
N ILE A 19 -5.52 -6.30 -0.28
CA ILE A 19 -4.53 -7.36 -0.16
C ILE A 19 -3.26 -6.84 0.51
N LEU A 20 -2.82 -5.66 0.08
CA LEU A 20 -1.61 -5.05 0.63
C LEU A 20 -1.79 -4.75 2.12
N LYS A 21 -2.80 -3.95 2.44
CA LYS A 21 -3.09 -3.58 3.82
C LYS A 21 -2.94 -4.79 4.75
N ALA A 22 -3.72 -5.83 4.47
CA ALA A 22 -3.68 -7.04 5.28
C ALA A 22 -2.25 -7.56 5.42
N ALA A 23 -1.66 -7.96 4.30
CA ALA A 23 -0.29 -8.47 4.30
C ALA A 23 0.61 -7.61 5.17
N VAL A 24 0.64 -6.31 4.89
CA VAL A 24 1.47 -5.38 5.66
C VAL A 24 1.25 -5.56 7.15
N MET A 25 0.06 -6.00 7.53
CA MET A 25 -0.28 -6.21 8.94
C MET A 25 0.23 -7.57 9.42
N LYS A 26 0.37 -8.50 8.48
CA LYS A 26 0.84 -9.85 8.80
C LYS A 26 2.35 -9.94 8.66
N TYR A 27 2.84 -9.72 7.44
CA TYR A 27 4.28 -9.78 7.17
C TYR A 27 4.99 -8.57 7.75
N GLY A 28 4.32 -7.42 7.73
CA GLY A 28 4.90 -6.20 8.27
C GLY A 28 5.47 -5.31 7.18
N LYS A 29 6.01 -4.16 7.58
CA LYS A 29 6.59 -3.22 6.63
C LYS A 29 8.07 -3.51 6.40
N ASN A 30 8.39 -4.79 6.25
CA ASN A 30 9.78 -5.20 6.03
C ASN A 30 9.86 -6.20 4.88
N GLN A 31 8.83 -7.03 4.74
CA GLN A 31 8.78 -8.03 3.68
C GLN A 31 8.11 -7.48 2.43
N TRP A 32 8.38 -6.21 2.14
CA TRP A 32 7.79 -5.56 0.97
C TRP A 32 8.05 -6.38 -0.30
N SER A 33 9.23 -7.00 -0.37
CA SER A 33 9.59 -7.81 -1.52
C SER A 33 8.61 -8.96 -1.70
N ARG A 34 8.26 -9.62 -0.61
CA ARG A 34 7.33 -10.74 -0.65
C ARG A 34 5.91 -10.26 -0.93
N ILE A 35 5.45 -9.28 -0.16
CA ILE A 35 4.11 -8.73 -0.32
C ILE A 35 3.80 -8.50 -1.81
N ALA A 36 4.70 -7.83 -2.50
CA ALA A 36 4.52 -7.55 -3.92
C ALA A 36 4.04 -8.78 -4.67
N SER A 37 4.57 -9.94 -4.28
CA SER A 37 4.20 -11.20 -4.93
C SER A 37 2.68 -11.39 -4.90
N LEU A 38 2.06 -11.01 -3.80
CA LEU A 38 0.61 -11.14 -3.66
C LEU A 38 -0.12 -10.33 -4.73
N LEU A 39 0.35 -9.10 -4.95
CA LEU A 39 -0.26 -8.23 -5.95
C LEU A 39 0.36 -8.47 -7.32
N HIS A 40 -0.43 -8.23 -8.37
CA HIS A 40 0.04 -8.41 -9.74
C HIS A 40 0.41 -7.08 -10.38
N ARG A 41 1.52 -7.07 -11.09
CA ARG A 41 1.99 -5.86 -11.76
C ARG A 41 2.44 -4.81 -10.72
N LYS A 42 3.01 -5.30 -9.62
CA LYS A 42 3.48 -4.40 -8.56
C LYS A 42 4.86 -4.83 -8.06
N SER A 43 5.64 -3.87 -7.58
CA SER A 43 6.97 -4.16 -7.08
C SER A 43 7.15 -3.60 -5.67
N ALA A 44 8.05 -4.22 -4.90
CA ALA A 44 8.32 -3.79 -3.54
C ALA A 44 8.26 -2.27 -3.42
N LYS A 45 8.93 -1.58 -4.33
CA LYS A 45 8.96 -0.13 -4.33
C LYS A 45 7.54 0.44 -4.22
N GLN A 46 6.68 0.06 -5.15
CA GLN A 46 5.30 0.53 -5.16
C GLN A 46 4.62 0.23 -3.83
N CYS A 47 4.56 -1.05 -3.49
CA CYS A 47 3.93 -1.49 -2.24
C CYS A 47 4.39 -0.62 -1.07
N LYS A 48 5.67 -0.28 -1.06
CA LYS A 48 6.23 0.56 0.00
C LYS A 48 5.73 1.99 -0.10
N ALA A 49 5.62 2.49 -1.33
CA ALA A 49 5.14 3.84 -1.57
C ALA A 49 3.65 3.95 -1.32
N ARG A 50 2.87 3.26 -2.15
CA ARG A 50 1.42 3.28 -2.03
C ARG A 50 0.99 3.15 -0.57
N TRP A 51 1.76 2.39 0.19
CA TRP A 51 1.46 2.18 1.61
C TRP A 51 1.79 3.43 2.42
N TYR A 52 3.08 3.70 2.57
CA TYR A 52 3.53 4.86 3.33
C TYR A 52 2.93 6.15 2.76
N GLU A 53 2.37 6.06 1.56
CA GLU A 53 1.77 7.21 0.91
C GLU A 53 0.41 7.54 1.54
N TRP A 54 -0.45 6.53 1.64
CA TRP A 54 -1.78 6.71 2.21
C TRP A 54 -2.04 5.69 3.31
N LEU A 55 -1.64 4.45 3.05
CA LEU A 55 -1.82 3.38 4.03
C LEU A 55 -0.69 3.34 5.04
N ASP A 56 -0.86 4.06 6.14
CA ASP A 56 0.15 4.12 7.19
C ASP A 56 -0.38 4.84 8.42
N PRO A 57 -0.03 4.31 9.61
CA PRO A 57 -0.47 4.89 10.88
C PRO A 57 0.20 6.23 11.17
N SER A 58 1.52 6.27 11.02
CA SER A 58 2.29 7.49 11.28
C SER A 58 1.54 8.71 10.75
N ILE A 59 0.84 8.53 9.62
CA ILE A 59 0.09 9.62 9.01
C ILE A 59 -0.73 10.37 10.05
N LYS A 60 -0.72 11.69 9.97
CA LYS A 60 -1.48 12.53 10.90
C LYS A 60 -2.97 12.45 10.63
N LYS A 61 -3.68 11.68 11.44
CA LYS A 61 -5.12 11.52 11.28
C LYS A 61 -5.87 12.07 12.50
N THR A 62 -7.14 12.41 12.30
CA THR A 62 -7.96 12.94 13.38
C THR A 62 -9.18 12.07 13.62
N GLU A 63 -9.30 11.53 14.83
CA GLU A 63 -10.41 10.67 15.18
C GLU A 63 -11.71 11.48 15.28
N TRP A 64 -12.84 10.82 15.05
CA TRP A 64 -14.14 11.48 15.11
C TRP A 64 -14.38 12.09 16.49
N SER A 65 -14.16 11.29 17.53
CA SER A 65 -14.35 11.75 18.90
C SER A 65 -13.20 12.64 19.34
N GLY A 66 -13.50 13.61 20.20
CA GLY A 66 -12.48 14.51 20.69
C GLY A 66 -12.82 15.96 20.45
N PRO A 67 -12.41 16.85 21.37
CA PRO A 67 -12.67 18.28 21.27
C PRO A 67 -11.86 18.94 20.15
N SER A 68 -10.95 18.18 19.56
CA SER A 68 -10.11 18.69 18.49
C SER A 68 -10.56 18.13 17.14
N SER A 69 -10.88 19.03 16.22
CA SER A 69 -11.33 18.63 14.88
C SER A 69 -10.15 18.18 14.02
N GLY A 70 -9.12 19.03 13.96
CA GLY A 70 -7.94 18.71 13.18
C GLY A 70 -7.28 19.94 12.58
N GLY A 1 -5.03 3.79 -28.80
CA GLY A 1 -4.15 4.73 -29.45
C GLY A 1 -3.51 5.71 -28.48
N SER A 2 -2.22 5.51 -28.20
CA SER A 2 -1.51 6.37 -27.27
C SER A 2 -2.41 6.80 -26.12
N SER A 3 -3.17 5.86 -25.58
CA SER A 3 -4.08 6.15 -24.48
C SER A 3 -3.30 6.37 -23.18
N GLY A 4 -2.10 5.81 -23.11
CA GLY A 4 -1.27 5.98 -21.93
C GLY A 4 -0.56 7.32 -21.89
N SER A 5 -0.60 7.96 -20.73
CA SER A 5 0.04 9.26 -20.57
C SER A 5 1.48 9.11 -20.09
N SER A 6 2.24 10.20 -20.13
CA SER A 6 3.63 10.18 -19.69
C SER A 6 3.73 10.29 -18.18
N GLY A 7 4.51 9.39 -17.58
CA GLY A 7 4.68 9.39 -16.14
C GLY A 7 4.95 8.01 -15.58
N LYS A 8 5.24 7.94 -14.28
CA LYS A 8 5.51 6.67 -13.63
C LYS A 8 5.10 6.71 -12.16
N GLY A 9 4.38 5.69 -11.73
CA GLY A 9 3.95 5.63 -10.34
C GLY A 9 3.44 4.25 -9.96
N GLY A 10 2.34 3.83 -10.58
CA GLY A 10 1.76 2.54 -10.27
C GLY A 10 0.28 2.60 -9.99
N VAL A 11 -0.50 1.87 -10.77
CA VAL A 11 -1.96 1.85 -10.60
C VAL A 11 -2.35 0.95 -9.44
N TRP A 12 -3.40 1.35 -8.72
CA TRP A 12 -3.88 0.58 -7.58
C TRP A 12 -5.41 0.58 -7.54
N ARG A 13 -5.99 -0.51 -7.05
CA ARG A 13 -7.43 -0.64 -6.96
C ARG A 13 -7.86 -1.03 -5.54
N ASN A 14 -9.14 -0.88 -5.25
CA ASN A 14 -9.67 -1.22 -3.93
C ASN A 14 -9.12 -2.56 -3.46
N THR A 15 -9.15 -3.55 -4.35
CA THR A 15 -8.67 -4.88 -4.02
C THR A 15 -7.19 -4.85 -3.63
N GLU A 16 -6.36 -4.32 -4.53
CA GLU A 16 -4.93 -4.23 -4.29
C GLU A 16 -4.65 -3.63 -2.91
N ASP A 17 -5.33 -2.54 -2.60
CA ASP A 17 -5.16 -1.87 -1.32
C ASP A 17 -5.51 -2.80 -0.16
N GLU A 18 -6.67 -3.45 -0.27
CA GLU A 18 -7.12 -4.37 0.78
C GLU A 18 -6.06 -5.43 1.06
N ILE A 19 -5.63 -6.13 0.01
CA ILE A 19 -4.62 -7.17 0.14
C ILE A 19 -3.35 -6.63 0.78
N LEU A 20 -2.76 -5.62 0.14
CA LEU A 20 -1.53 -5.00 0.64
C LEU A 20 -1.68 -4.62 2.11
N LYS A 21 -2.71 -3.84 2.42
CA LYS A 21 -2.96 -3.40 3.79
C LYS A 21 -2.84 -4.57 4.76
N ALA A 22 -3.57 -5.64 4.47
CA ALA A 22 -3.55 -6.83 5.33
C ALA A 22 -2.16 -7.46 5.34
N ALA A 23 -1.69 -7.89 4.17
CA ALA A 23 -0.38 -8.51 4.05
C ALA A 23 0.64 -7.81 4.95
N VAL A 24 0.72 -6.49 4.83
CA VAL A 24 1.65 -5.71 5.64
C VAL A 24 1.57 -6.10 7.11
N MET A 25 0.35 -6.35 7.59
CA MET A 25 0.14 -6.72 8.98
C MET A 25 0.52 -8.19 9.20
N LYS A 26 0.28 -9.02 8.19
CA LYS A 26 0.58 -10.44 8.27
C LYS A 26 2.10 -10.68 8.19
N TYR A 27 2.68 -10.33 7.06
CA TYR A 27 4.12 -10.51 6.85
C TYR A 27 4.90 -9.41 7.57
N GLY A 28 4.31 -8.23 7.65
CA GLY A 28 4.97 -7.12 8.31
C GLY A 28 5.33 -6.00 7.34
N LYS A 29 5.82 -4.89 7.88
CA LYS A 29 6.20 -3.75 7.06
C LYS A 29 7.64 -3.89 6.57
N ASN A 30 8.17 -5.12 6.62
CA ASN A 30 9.53 -5.39 6.19
C ASN A 30 9.54 -6.32 4.98
N GLN A 31 8.53 -7.18 4.89
CA GLN A 31 8.42 -8.13 3.79
C GLN A 31 7.76 -7.48 2.57
N TRP A 32 8.11 -6.22 2.33
CA TRP A 32 7.55 -5.48 1.20
C TRP A 32 7.79 -6.23 -0.11
N SER A 33 8.99 -6.79 -0.25
CA SER A 33 9.34 -7.53 -1.46
C SER A 33 8.44 -8.76 -1.63
N ARG A 34 8.29 -9.52 -0.55
CA ARG A 34 7.46 -10.73 -0.58
C ARG A 34 6.00 -10.37 -0.83
N ILE A 35 5.53 -9.34 -0.14
CA ILE A 35 4.14 -8.90 -0.29
C ILE A 35 3.81 -8.58 -1.74
N ALA A 36 4.69 -7.84 -2.40
CA ALA A 36 4.50 -7.48 -3.80
C ALA A 36 4.06 -8.68 -4.62
N SER A 37 4.72 -9.83 -4.39
CA SER A 37 4.40 -11.04 -5.12
C SER A 37 2.89 -11.29 -5.13
N LEU A 38 2.25 -11.04 -4.00
CA LEU A 38 0.80 -11.24 -3.89
C LEU A 38 0.06 -10.42 -4.94
N LEU A 39 0.45 -9.16 -5.10
CA LEU A 39 -0.17 -8.29 -6.07
C LEU A 39 0.49 -8.43 -7.44
N HIS A 40 -0.33 -8.59 -8.47
CA HIS A 40 0.16 -8.75 -9.84
C HIS A 40 0.60 -7.41 -10.40
N ARG A 41 1.77 -7.39 -11.03
CA ARG A 41 2.31 -6.16 -11.62
C ARG A 41 2.66 -5.15 -10.54
N LYS A 42 3.23 -5.63 -9.43
CA LYS A 42 3.62 -4.78 -8.33
C LYS A 42 4.98 -5.18 -7.77
N SER A 43 5.80 -4.19 -7.47
CA SER A 43 7.14 -4.44 -6.93
C SER A 43 7.28 -3.86 -5.52
N ALA A 44 8.19 -4.41 -4.74
CA ALA A 44 8.43 -3.94 -3.39
C ALA A 44 8.27 -2.43 -3.29
N LYS A 45 9.07 -1.71 -4.04
CA LYS A 45 9.02 -0.25 -4.04
C LYS A 45 7.57 0.24 -3.94
N GLN A 46 6.77 -0.11 -4.93
CA GLN A 46 5.37 0.30 -4.95
C GLN A 46 4.70 0.03 -3.60
N CYS A 47 4.66 -1.24 -3.21
CA CYS A 47 4.06 -1.64 -1.94
C CYS A 47 4.42 -0.66 -0.84
N LYS A 48 5.70 -0.26 -0.80
CA LYS A 48 6.18 0.67 0.21
C LYS A 48 5.68 2.08 -0.07
N ALA A 49 5.68 2.46 -1.35
CA ALA A 49 5.21 3.79 -1.75
C ALA A 49 3.70 3.91 -1.58
N ARG A 50 2.95 3.14 -2.34
CA ARG A 50 1.49 3.18 -2.28
C ARG A 50 1.01 3.20 -0.83
N TRP A 51 1.69 2.45 0.03
CA TRP A 51 1.34 2.39 1.44
C TRP A 51 1.58 3.73 2.12
N TYR A 52 2.86 4.06 2.33
CA TYR A 52 3.22 5.32 2.97
C TYR A 52 2.58 6.50 2.25
N GLU A 53 2.16 6.27 1.01
CA GLU A 53 1.54 7.33 0.21
C GLU A 53 0.18 7.70 0.79
N TRP A 54 -0.69 6.71 0.94
CA TRP A 54 -2.03 6.94 1.47
C TRP A 54 -2.32 5.99 2.63
N LEU A 55 -1.89 4.74 2.48
CA LEU A 55 -2.11 3.72 3.52
C LEU A 55 -1.03 3.81 4.59
N ASP A 56 -1.33 4.57 5.65
CA ASP A 56 -0.39 4.73 6.75
C ASP A 56 -1.03 5.51 7.89
N PRO A 57 -0.75 5.09 9.14
CA PRO A 57 -1.29 5.73 10.33
C PRO A 57 -0.69 7.11 10.57
N SER A 58 0.64 7.19 10.52
CA SER A 58 1.34 8.45 10.74
C SER A 58 0.59 9.61 10.08
N ILE A 59 0.02 9.33 8.90
CA ILE A 59 -0.73 10.35 8.16
C ILE A 59 -1.65 11.14 9.08
N LYS A 60 -1.73 12.44 8.87
CA LYS A 60 -2.59 13.30 9.68
C LYS A 60 -4.06 12.92 9.52
N LYS A 61 -4.62 12.31 10.56
CA LYS A 61 -6.01 11.89 10.54
C LYS A 61 -6.73 12.36 11.81
N THR A 62 -8.04 12.10 11.85
CA THR A 62 -8.85 12.49 13.00
C THR A 62 -9.56 11.29 13.61
N GLU A 63 -10.09 10.43 12.74
CA GLU A 63 -10.80 9.24 13.20
C GLU A 63 -10.06 8.56 14.35
N TRP A 64 -8.79 8.23 14.11
CA TRP A 64 -7.97 7.59 15.12
C TRP A 64 -8.70 6.41 15.75
N SER A 65 -9.40 5.64 14.92
CA SER A 65 -10.15 4.49 15.40
C SER A 65 -9.21 3.43 15.97
N GLY A 66 -8.14 3.14 15.24
CA GLY A 66 -7.18 2.15 15.69
C GLY A 66 -7.44 0.79 15.07
N PRO A 67 -6.37 -0.03 14.95
CA PRO A 67 -6.45 -1.37 14.38
C PRO A 67 -7.20 -2.34 15.28
N SER A 68 -8.46 -2.60 14.94
CA SER A 68 -9.29 -3.50 15.72
C SER A 68 -9.98 -4.53 14.82
N SER A 69 -9.66 -5.80 15.04
CA SER A 69 -10.23 -6.88 14.24
C SER A 69 -10.76 -7.99 15.13
N GLY A 70 -12.08 -8.03 15.31
CA GLY A 70 -12.69 -9.04 16.14
C GLY A 70 -14.16 -9.25 15.82
N GLY A 1 15.26 11.37 -28.61
CA GLY A 1 15.53 10.17 -29.38
C GLY A 1 14.64 9.01 -28.98
N SER A 2 14.62 8.70 -27.69
CA SER A 2 13.82 7.59 -27.18
C SER A 2 13.15 7.98 -25.86
N SER A 3 11.82 7.93 -25.84
CA SER A 3 11.07 8.27 -24.64
C SER A 3 10.78 7.04 -23.80
N GLY A 4 10.26 7.25 -22.59
CA GLY A 4 9.95 6.14 -21.71
C GLY A 4 8.58 6.27 -21.07
N SER A 5 8.46 5.80 -19.84
CA SER A 5 7.19 5.86 -19.12
C SER A 5 7.09 7.14 -18.30
N SER A 6 6.09 7.96 -18.61
CA SER A 6 5.88 9.22 -17.90
C SER A 6 4.61 9.17 -17.07
N GLY A 7 4.75 9.40 -15.77
CA GLY A 7 3.60 9.37 -14.88
C GLY A 7 3.98 9.01 -13.46
N LYS A 8 3.06 9.24 -12.53
CA LYS A 8 3.29 8.94 -11.12
C LYS A 8 2.20 8.02 -10.57
N GLY A 9 2.58 7.12 -9.68
CA GLY A 9 1.62 6.21 -9.09
C GLY A 9 1.04 5.25 -10.11
N GLY A 10 1.74 4.14 -10.35
CA GLY A 10 1.27 3.17 -11.31
C GLY A 10 -0.24 3.05 -11.33
N VAL A 11 -0.78 2.22 -10.44
CA VAL A 11 -2.22 2.02 -10.36
C VAL A 11 -2.58 1.12 -9.18
N TRP A 12 -3.74 1.39 -8.57
CA TRP A 12 -4.19 0.60 -7.42
C TRP A 12 -5.72 0.63 -7.33
N ARG A 13 -6.30 -0.51 -6.99
CA ARG A 13 -7.75 -0.63 -6.87
C ARG A 13 -8.14 -1.08 -5.46
N ASN A 14 -9.40 -0.85 -5.10
CA ASN A 14 -9.90 -1.24 -3.78
C ASN A 14 -9.36 -2.60 -3.38
N THR A 15 -9.29 -3.52 -4.34
CA THR A 15 -8.80 -4.86 -4.07
C THR A 15 -7.32 -4.84 -3.72
N GLU A 16 -6.51 -4.30 -4.63
CA GLU A 16 -5.06 -4.21 -4.40
C GLU A 16 -4.76 -3.64 -3.03
N ASP A 17 -5.48 -2.60 -2.64
CA ASP A 17 -5.29 -1.96 -1.35
C ASP A 17 -5.63 -2.91 -0.21
N GLU A 18 -6.77 -3.59 -0.33
CA GLU A 18 -7.21 -4.54 0.69
C GLU A 18 -6.15 -5.63 0.90
N ILE A 19 -5.70 -6.23 -0.20
CA ILE A 19 -4.70 -7.29 -0.14
C ILE A 19 -3.42 -6.78 0.50
N LEU A 20 -2.85 -5.72 -0.07
CA LEU A 20 -1.61 -5.15 0.45
C LEU A 20 -1.76 -4.80 1.93
N LYS A 21 -2.72 -3.95 2.24
CA LYS A 21 -2.97 -3.53 3.62
C LYS A 21 -2.87 -4.72 4.57
N ALA A 22 -3.71 -5.72 4.34
CA ALA A 22 -3.72 -6.92 5.18
C ALA A 22 -2.32 -7.49 5.32
N ALA A 23 -1.72 -7.88 4.20
CA ALA A 23 -0.38 -8.45 4.20
C ALA A 23 0.57 -7.63 5.07
N VAL A 24 0.58 -6.32 4.82
CA VAL A 24 1.45 -5.41 5.57
C VAL A 24 1.25 -5.60 7.07
N MET A 25 0.06 -6.06 7.46
CA MET A 25 -0.25 -6.28 8.86
C MET A 25 0.25 -7.65 9.33
N LYS A 26 0.31 -8.59 8.39
CA LYS A 26 0.77 -9.95 8.70
C LYS A 26 2.28 -10.06 8.56
N TYR A 27 2.78 -9.81 7.34
CA TYR A 27 4.20 -9.88 7.08
C TYR A 27 4.93 -8.66 7.65
N GLY A 28 4.23 -7.54 7.70
CA GLY A 28 4.82 -6.33 8.24
C GLY A 28 5.33 -5.40 7.15
N LYS A 29 5.85 -4.24 7.55
CA LYS A 29 6.37 -3.27 6.60
C LYS A 29 7.86 -3.49 6.36
N ASN A 30 8.27 -4.76 6.34
CA ASN A 30 9.67 -5.10 6.11
C ASN A 30 9.80 -6.08 4.95
N GLN A 31 8.80 -6.93 4.77
CA GLN A 31 8.80 -7.91 3.70
C GLN A 31 8.14 -7.35 2.44
N TRP A 32 8.36 -6.07 2.18
CA TRP A 32 7.79 -5.42 1.01
C TRP A 32 8.06 -6.22 -0.26
N SER A 33 9.25 -6.82 -0.33
CA SER A 33 9.64 -7.61 -1.48
C SER A 33 8.70 -8.81 -1.66
N ARG A 34 8.41 -9.48 -0.56
CA ARG A 34 7.53 -10.66 -0.59
C ARG A 34 6.09 -10.24 -0.85
N ILE A 35 5.60 -9.30 -0.06
CA ILE A 35 4.23 -8.82 -0.20
C ILE A 35 3.88 -8.58 -1.66
N ALA A 36 4.76 -7.86 -2.36
CA ALA A 36 4.55 -7.56 -3.77
C ALA A 36 4.11 -8.81 -4.54
N SER A 37 4.74 -9.94 -4.23
CA SER A 37 4.42 -11.19 -4.90
C SER A 37 2.92 -11.42 -4.94
N LEU A 38 2.25 -11.09 -3.84
CA LEU A 38 0.80 -11.25 -3.73
C LEU A 38 0.09 -10.55 -4.89
N LEU A 39 0.49 -9.31 -5.15
CA LEU A 39 -0.11 -8.52 -6.22
C LEU A 39 0.70 -8.67 -7.52
N HIS A 40 0.08 -8.32 -8.64
CA HIS A 40 0.74 -8.40 -9.93
C HIS A 40 1.15 -7.02 -10.43
N ARG A 41 1.89 -6.99 -11.53
CA ARG A 41 2.35 -5.73 -12.10
C ARG A 41 2.76 -4.75 -11.01
N LYS A 42 3.17 -5.29 -9.86
CA LYS A 42 3.60 -4.47 -8.75
C LYS A 42 5.02 -4.83 -8.31
N SER A 43 5.68 -3.90 -7.62
CA SER A 43 7.04 -4.12 -7.15
C SER A 43 7.23 -3.58 -5.74
N ALA A 44 8.10 -4.21 -4.98
CA ALA A 44 8.38 -3.79 -3.61
C ALA A 44 8.31 -2.28 -3.48
N LYS A 45 8.92 -1.58 -4.43
CA LYS A 45 8.93 -0.12 -4.43
C LYS A 45 7.53 0.43 -4.21
N GLN A 46 6.61 0.08 -5.11
CA GLN A 46 5.23 0.54 -5.03
C GLN A 46 4.62 0.17 -3.67
N CYS A 47 4.62 -1.12 -3.36
CA CYS A 47 4.06 -1.59 -2.10
C CYS A 47 4.55 -0.74 -0.94
N LYS A 48 5.80 -0.31 -1.00
CA LYS A 48 6.38 0.51 0.05
C LYS A 48 5.88 1.96 -0.05
N ALA A 49 5.81 2.47 -1.28
CA ALA A 49 5.34 3.82 -1.50
C ALA A 49 3.82 3.93 -1.34
N ARG A 50 3.09 3.24 -2.22
CA ARG A 50 1.63 3.26 -2.16
C ARG A 50 1.14 3.14 -0.72
N TRP A 51 1.81 2.30 0.06
CA TRP A 51 1.44 2.09 1.45
C TRP A 51 1.71 3.34 2.29
N TYR A 52 3.00 3.61 2.52
CA TYR A 52 3.40 4.78 3.31
C TYR A 52 2.83 6.05 2.70
N GLU A 53 2.34 5.96 1.47
CA GLU A 53 1.78 7.11 0.78
C GLU A 53 0.41 7.47 1.36
N TRP A 54 -0.49 6.49 1.36
CA TRP A 54 -1.83 6.69 1.89
C TRP A 54 -2.18 5.65 2.95
N LEU A 55 -1.62 4.45 2.80
CA LEU A 55 -1.86 3.37 3.75
C LEU A 55 -0.80 3.34 4.83
N ASP A 56 -1.06 4.04 5.93
CA ASP A 56 -0.12 4.10 7.05
C ASP A 56 -0.75 4.78 8.25
N PRO A 57 -0.42 4.28 9.46
CA PRO A 57 -0.95 4.84 10.71
C PRO A 57 -0.37 6.22 11.01
N SER A 58 0.95 6.33 10.97
CA SER A 58 1.61 7.60 11.24
C SER A 58 0.88 8.75 10.57
N ILE A 59 0.28 8.48 9.42
CA ILE A 59 -0.45 9.50 8.67
C ILE A 59 -1.33 10.33 9.61
N LYS A 60 -1.35 11.63 9.38
CA LYS A 60 -2.15 12.54 10.19
C LYS A 60 -3.49 12.82 9.53
N LYS A 61 -4.45 11.92 9.71
CA LYS A 61 -5.77 12.07 9.13
C LYS A 61 -6.86 11.92 10.19
N THR A 62 -6.87 10.76 10.85
CA THR A 62 -7.85 10.48 11.88
C THR A 62 -7.53 11.24 13.17
N GLU A 63 -7.99 12.48 13.24
CA GLU A 63 -7.75 13.32 14.42
C GLU A 63 -8.73 12.98 15.53
N TRP A 64 -8.26 12.20 16.51
CA TRP A 64 -9.09 11.80 17.64
C TRP A 64 -8.96 12.78 18.79
N SER A 65 -9.83 12.64 19.79
CA SER A 65 -9.80 13.52 20.95
C SER A 65 -9.60 12.72 22.23
N GLY A 66 -9.29 13.43 23.32
CA GLY A 66 -9.07 12.77 24.59
C GLY A 66 -8.49 13.71 25.64
N PRO A 67 -9.37 14.48 26.30
CA PRO A 67 -8.95 15.43 27.34
C PRO A 67 -8.46 14.74 28.60
N SER A 68 -7.81 15.50 29.47
CA SER A 68 -7.29 14.95 30.72
C SER A 68 -8.23 13.91 31.29
N SER A 69 -7.67 12.81 31.78
CA SER A 69 -8.46 11.73 32.36
C SER A 69 -8.93 12.09 33.75
N GLY A 70 -10.19 12.54 33.85
CA GLY A 70 -10.75 12.92 35.14
C GLY A 70 -12.24 13.13 35.08
N GLY A 1 -3.48 -2.30 -21.08
CA GLY A 1 -3.93 -1.04 -20.51
C GLY A 1 -4.63 -0.16 -21.54
N SER A 2 -4.43 1.14 -21.42
CA SER A 2 -5.05 2.10 -22.34
C SER A 2 -4.01 3.09 -22.86
N SER A 3 -4.44 3.94 -23.81
CA SER A 3 -3.55 4.94 -24.39
C SER A 3 -3.67 6.26 -23.64
N GLY A 4 -2.58 6.66 -22.99
CA GLY A 4 -2.58 7.91 -22.25
C GLY A 4 -2.05 7.74 -20.83
N SER A 5 -2.63 6.79 -20.10
CA SER A 5 -2.22 6.53 -18.73
C SER A 5 -0.85 5.87 -18.69
N SER A 6 0.20 6.69 -18.77
CA SER A 6 1.57 6.19 -18.75
C SER A 6 2.23 6.50 -17.40
N GLY A 7 3.31 5.78 -17.11
CA GLY A 7 4.00 5.98 -15.85
C GLY A 7 4.79 4.75 -15.42
N LYS A 8 5.71 4.95 -14.48
CA LYS A 8 6.53 3.85 -13.98
C LYS A 8 5.78 3.06 -12.90
N GLY A 9 5.14 3.78 -11.99
CA GLY A 9 4.40 3.13 -10.93
C GLY A 9 3.41 4.06 -10.26
N GLY A 10 2.16 4.05 -10.72
CA GLY A 10 1.14 4.90 -10.16
C GLY A 10 -0.26 4.43 -10.48
N VAL A 11 -0.71 3.39 -9.78
CA VAL A 11 -2.04 2.84 -9.99
C VAL A 11 -2.36 1.75 -8.98
N TRP A 12 -3.60 1.72 -8.51
CA TRP A 12 -4.03 0.73 -7.53
C TRP A 12 -5.54 0.54 -7.59
N ARG A 13 -6.01 -0.63 -7.15
CA ARG A 13 -7.43 -0.94 -7.15
C ARG A 13 -7.89 -1.34 -5.75
N ASN A 14 -9.16 -1.06 -5.45
CA ASN A 14 -9.73 -1.40 -4.15
C ASN A 14 -9.15 -2.69 -3.62
N THR A 15 -9.28 -3.76 -4.41
CA THR A 15 -8.77 -5.07 -4.01
C THR A 15 -7.29 -5.00 -3.66
N GLU A 16 -6.46 -4.69 -4.66
CA GLU A 16 -5.02 -4.59 -4.45
C GLU A 16 -4.71 -3.93 -3.12
N ASP A 17 -5.46 -2.89 -2.79
CA ASP A 17 -5.26 -2.16 -1.54
C ASP A 17 -5.58 -3.05 -0.34
N GLU A 18 -6.70 -3.77 -0.42
CA GLU A 18 -7.12 -4.66 0.66
C GLU A 18 -6.05 -5.70 0.95
N ILE A 19 -5.44 -6.23 -0.10
CA ILE A 19 -4.40 -7.23 0.04
C ILE A 19 -3.16 -6.65 0.73
N LEU A 20 -2.70 -5.51 0.23
CA LEU A 20 -1.52 -4.85 0.80
C LEU A 20 -1.71 -4.61 2.30
N LYS A 21 -2.67 -3.76 2.64
CA LYS A 21 -2.96 -3.44 4.03
C LYS A 21 -2.86 -4.69 4.90
N ALA A 22 -3.65 -5.70 4.58
CA ALA A 22 -3.66 -6.94 5.33
C ALA A 22 -2.26 -7.53 5.42
N ALA A 23 -1.69 -7.86 4.26
CA ALA A 23 -0.34 -8.43 4.20
C ALA A 23 0.61 -7.69 5.14
N VAL A 24 0.69 -6.38 4.96
CA VAL A 24 1.57 -5.56 5.79
C VAL A 24 1.34 -5.82 7.27
N MET A 25 0.10 -6.13 7.63
CA MET A 25 -0.26 -6.42 9.01
C MET A 25 0.17 -7.83 9.40
N LYS A 26 0.25 -8.72 8.42
CA LYS A 26 0.65 -10.10 8.66
C LYS A 26 2.16 -10.26 8.56
N TYR A 27 2.70 -10.03 7.38
CA TYR A 27 4.13 -10.14 7.16
C TYR A 27 4.89 -9.02 7.86
N GLY A 28 4.27 -7.84 7.90
CA GLY A 28 4.90 -6.71 8.55
C GLY A 28 5.48 -5.71 7.55
N LYS A 29 6.16 -4.69 8.07
CA LYS A 29 6.76 -3.68 7.22
C LYS A 29 8.20 -4.04 6.87
N ASN A 30 8.45 -5.33 6.65
CA ASN A 30 9.78 -5.80 6.31
C ASN A 30 9.74 -6.68 5.06
N GLN A 31 8.69 -7.49 4.94
CA GLN A 31 8.53 -8.37 3.79
C GLN A 31 7.87 -7.64 2.63
N TRP A 32 8.30 -6.40 2.39
CA TRP A 32 7.75 -5.60 1.31
C TRP A 32 7.92 -6.30 -0.03
N SER A 33 9.06 -6.97 -0.20
CA SER A 33 9.35 -7.69 -1.44
C SER A 33 8.33 -8.81 -1.67
N ARG A 34 8.14 -9.64 -0.65
CA ARG A 34 7.20 -10.76 -0.74
C ARG A 34 5.79 -10.25 -1.01
N ILE A 35 5.36 -9.25 -0.25
CA ILE A 35 4.03 -8.67 -0.39
C ILE A 35 3.73 -8.38 -1.86
N ALA A 36 4.65 -7.69 -2.53
CA ALA A 36 4.48 -7.35 -3.94
C ALA A 36 4.07 -8.58 -4.75
N SER A 37 4.61 -9.74 -4.37
CA SER A 37 4.30 -10.97 -5.07
C SER A 37 2.80 -11.23 -5.10
N LEU A 38 2.13 -10.90 -4.02
CA LEU A 38 0.68 -11.08 -3.92
C LEU A 38 -0.05 -10.29 -5.00
N LEU A 39 0.33 -9.02 -5.15
CA LEU A 39 -0.28 -8.15 -6.15
C LEU A 39 0.36 -8.35 -7.52
N HIS A 40 -0.37 -8.00 -8.57
CA HIS A 40 0.14 -8.13 -9.94
C HIS A 40 0.64 -6.80 -10.46
N ARG A 41 1.83 -6.82 -11.07
CA ARG A 41 2.42 -5.60 -11.62
C ARG A 41 2.78 -4.61 -10.51
N LYS A 42 3.17 -5.15 -9.36
CA LYS A 42 3.54 -4.31 -8.22
C LYS A 42 4.78 -4.87 -7.51
N SER A 43 5.80 -4.04 -7.40
CA SER A 43 7.05 -4.44 -6.75
C SER A 43 7.16 -3.83 -5.37
N ALA A 44 8.19 -4.23 -4.62
CA ALA A 44 8.42 -3.71 -3.28
C ALA A 44 8.31 -2.19 -3.25
N LYS A 45 9.05 -1.53 -4.12
CA LYS A 45 9.04 -0.08 -4.21
C LYS A 45 7.60 0.45 -4.19
N GLN A 46 6.81 0.04 -5.16
CA GLN A 46 5.42 0.47 -5.26
C GLN A 46 4.66 0.16 -3.98
N CYS A 47 4.78 -1.08 -3.51
CA CYS A 47 4.10 -1.51 -2.30
C CYS A 47 4.43 -0.58 -1.13
N LYS A 48 5.70 -0.21 -1.03
CA LYS A 48 6.16 0.68 0.03
C LYS A 48 5.67 2.11 -0.20
N ALA A 49 5.70 2.54 -1.46
CA ALA A 49 5.26 3.88 -1.82
C ALA A 49 3.77 4.06 -1.57
N ARG A 50 2.96 3.29 -2.29
CA ARG A 50 1.51 3.36 -2.14
C ARG A 50 1.10 3.24 -0.68
N TRP A 51 1.80 2.37 0.04
CA TRP A 51 1.51 2.16 1.46
C TRP A 51 1.85 3.39 2.28
N TYR A 52 3.13 3.69 2.40
CA TYR A 52 3.58 4.85 3.16
C TYR A 52 2.95 6.13 2.63
N GLU A 53 2.51 6.09 1.38
CA GLU A 53 1.88 7.24 0.74
C GLU A 53 0.57 7.61 1.44
N TRP A 54 -0.31 6.64 1.55
CA TRP A 54 -1.62 6.85 2.20
C TRP A 54 -1.87 5.80 3.27
N LEU A 55 -1.52 4.56 2.97
CA LEU A 55 -1.72 3.46 3.91
C LEU A 55 -0.59 3.43 4.94
N ASP A 56 -0.79 4.16 6.04
CA ASP A 56 0.21 4.20 7.10
C ASP A 56 -0.30 5.01 8.29
N PRO A 57 -0.02 4.52 9.51
CA PRO A 57 -0.45 5.16 10.75
C PRO A 57 0.29 6.48 11.00
N SER A 58 1.61 6.43 10.88
CA SER A 58 2.43 7.62 11.10
C SER A 58 1.82 8.83 10.41
N ILE A 59 1.31 8.63 9.21
CA ILE A 59 0.70 9.71 8.45
C ILE A 59 -0.03 10.69 9.37
N LYS A 60 0.16 11.98 9.12
CA LYS A 60 -0.47 13.02 9.92
C LYS A 60 -1.81 13.45 9.30
N LYS A 61 -2.89 13.16 10.01
CA LYS A 61 -4.23 13.52 9.54
C LYS A 61 -4.85 14.61 10.41
N THR A 62 -6.01 15.11 9.99
CA THR A 62 -6.70 16.16 10.73
C THR A 62 -8.04 15.65 11.26
N GLU A 63 -8.05 14.41 11.75
CA GLU A 63 -9.26 13.81 12.28
C GLU A 63 -8.99 13.16 13.63
N TRP A 64 -9.97 13.26 14.54
CA TRP A 64 -9.83 12.69 15.88
C TRP A 64 -9.42 11.23 15.80
N SER A 65 -8.16 10.95 16.13
CA SER A 65 -7.64 9.59 16.10
C SER A 65 -6.31 9.49 16.85
N GLY A 66 -6.34 8.76 17.96
CA GLY A 66 -5.14 8.59 18.76
C GLY A 66 -5.16 7.34 19.60
N PRO A 67 -5.60 7.48 20.87
CA PRO A 67 -5.67 6.36 21.80
C PRO A 67 -6.78 5.37 21.44
N SER A 68 -6.81 4.23 22.12
CA SER A 68 -7.81 3.20 21.86
C SER A 68 -7.99 2.99 20.36
N SER A 69 -6.88 2.93 19.64
CA SER A 69 -6.91 2.74 18.19
C SER A 69 -8.04 1.79 17.80
N GLY A 70 -8.72 2.11 16.70
CA GLY A 70 -9.82 1.27 16.23
C GLY A 70 -11.05 1.42 17.09
N GLY A 1 -4.70 -4.75 -25.55
CA GLY A 1 -4.58 -3.45 -24.90
C GLY A 1 -5.14 -2.33 -25.77
N SER A 2 -6.33 -1.84 -25.41
CA SER A 2 -6.97 -0.77 -26.16
C SER A 2 -6.16 0.51 -26.08
N SER A 3 -5.72 0.84 -24.88
CA SER A 3 -4.93 2.05 -24.66
C SER A 3 -3.96 1.86 -23.49
N GLY A 4 -2.69 2.17 -23.74
CA GLY A 4 -1.68 2.03 -22.70
C GLY A 4 -1.00 3.34 -22.38
N SER A 5 -1.64 4.18 -21.57
CA SER A 5 -1.09 5.47 -21.20
C SER A 5 -1.01 5.61 -19.68
N SER A 6 0.21 5.49 -19.15
CA SER A 6 0.43 5.59 -17.71
C SER A 6 1.91 5.79 -17.39
N GLY A 7 2.19 6.34 -16.22
CA GLY A 7 3.56 6.58 -15.82
C GLY A 7 3.67 7.23 -14.45
N LYS A 8 4.81 7.85 -14.18
CA LYS A 8 5.03 8.51 -12.90
C LYS A 8 4.51 7.65 -11.75
N GLY A 9 4.75 6.35 -11.83
CA GLY A 9 4.30 5.45 -10.78
C GLY A 9 3.32 4.41 -11.31
N GLY A 10 2.75 3.62 -10.39
CA GLY A 10 1.80 2.61 -10.77
C GLY A 10 0.45 2.79 -10.12
N VAL A 11 -0.62 2.67 -10.91
CA VAL A 11 -1.97 2.83 -10.40
C VAL A 11 -2.30 1.76 -9.37
N TRP A 12 -3.38 1.97 -8.62
CA TRP A 12 -3.80 1.02 -7.59
C TRP A 12 -5.32 0.92 -7.55
N ARG A 13 -5.82 -0.25 -7.18
CA ARG A 13 -7.26 -0.48 -7.09
C ARG A 13 -7.67 -0.83 -5.67
N ASN A 14 -8.95 -0.65 -5.36
CA ASN A 14 -9.47 -0.96 -4.03
C ASN A 14 -8.98 -2.32 -3.55
N THR A 15 -9.15 -3.34 -4.38
CA THR A 15 -8.73 -4.69 -4.04
C THR A 15 -7.23 -4.72 -3.73
N GLU A 16 -6.42 -4.30 -4.69
CA GLU A 16 -4.97 -4.29 -4.51
C GLU A 16 -4.60 -3.71 -3.15
N ASP A 17 -5.31 -2.67 -2.74
CA ASP A 17 -5.05 -2.03 -1.46
C ASP A 17 -5.40 -2.95 -0.31
N GLU A 18 -6.57 -3.58 -0.38
CA GLU A 18 -7.01 -4.49 0.66
C GLU A 18 -5.97 -5.58 0.91
N ILE A 19 -5.46 -6.17 -0.16
CA ILE A 19 -4.46 -7.22 -0.05
C ILE A 19 -3.18 -6.70 0.60
N LEU A 20 -2.73 -5.54 0.15
CA LEU A 20 -1.52 -4.93 0.70
C LEU A 20 -1.68 -4.64 2.19
N LYS A 21 -2.69 -3.86 2.54
CA LYS A 21 -2.95 -3.51 3.92
C LYS A 21 -2.85 -4.74 4.82
N ALA A 22 -3.59 -5.79 4.46
CA ALA A 22 -3.58 -7.04 5.22
C ALA A 22 -2.18 -7.64 5.28
N ALA A 23 -1.64 -7.96 4.11
CA ALA A 23 -0.30 -8.55 4.03
C ALA A 23 0.68 -7.82 4.94
N VAL A 24 0.66 -6.48 4.88
CA VAL A 24 1.54 -5.67 5.70
C VAL A 24 1.39 -6.00 7.18
N MET A 25 0.17 -6.38 7.57
CA MET A 25 -0.11 -6.73 8.95
C MET A 25 0.37 -8.13 9.27
N LYS A 26 0.29 -9.02 8.28
CA LYS A 26 0.72 -10.40 8.45
C LYS A 26 2.24 -10.52 8.30
N TYR A 27 2.74 -10.22 7.11
CA TYR A 27 4.17 -10.30 6.84
C TYR A 27 4.92 -9.18 7.56
N GLY A 28 4.27 -8.02 7.69
CA GLY A 28 4.89 -6.89 8.35
C GLY A 28 5.32 -5.82 7.38
N LYS A 29 5.80 -4.69 7.92
CA LYS A 29 6.24 -3.58 7.09
C LYS A 29 7.72 -3.73 6.73
N ASN A 30 8.18 -4.97 6.63
CA ASN A 30 9.56 -5.25 6.30
C ASN A 30 9.67 -6.19 5.10
N GLN A 31 8.65 -7.04 4.94
CA GLN A 31 8.62 -7.99 3.82
C GLN A 31 7.94 -7.38 2.60
N TRP A 32 8.23 -6.11 2.35
CA TRP A 32 7.65 -5.41 1.21
C TRP A 32 7.87 -6.19 -0.08
N SER A 33 9.03 -6.81 -0.20
CA SER A 33 9.37 -7.58 -1.39
C SER A 33 8.42 -8.76 -1.55
N ARG A 34 8.26 -9.54 -0.47
CA ARG A 34 7.38 -10.70 -0.49
C ARG A 34 5.93 -10.29 -0.76
N ILE A 35 5.48 -9.25 -0.04
CA ILE A 35 4.12 -8.77 -0.19
C ILE A 35 3.79 -8.51 -1.66
N ALA A 36 4.72 -7.88 -2.37
CA ALA A 36 4.52 -7.59 -3.78
C ALA A 36 4.07 -8.82 -4.55
N SER A 37 4.65 -9.97 -4.23
CA SER A 37 4.31 -11.21 -4.89
C SER A 37 2.81 -11.45 -4.85
N LEU A 38 2.19 -11.13 -3.72
CA LEU A 38 0.75 -11.30 -3.56
C LEU A 38 -0.02 -10.51 -4.60
N LEU A 39 0.40 -9.26 -4.82
CA LEU A 39 -0.25 -8.39 -5.79
C LEU A 39 0.35 -8.59 -7.18
N HIS A 40 -0.51 -8.72 -8.18
CA HIS A 40 -0.07 -8.90 -9.56
C HIS A 40 0.31 -7.56 -10.20
N ARG A 41 1.46 -7.54 -10.87
CA ARG A 41 1.93 -6.32 -11.52
C ARG A 41 2.32 -5.26 -10.49
N LYS A 42 2.96 -5.69 -9.41
CA LYS A 42 3.39 -4.78 -8.36
C LYS A 42 4.78 -5.17 -7.83
N SER A 43 5.53 -4.17 -7.40
CA SER A 43 6.88 -4.41 -6.87
C SER A 43 7.04 -3.77 -5.50
N ALA A 44 8.04 -4.24 -4.75
CA ALA A 44 8.30 -3.72 -3.42
C ALA A 44 8.19 -2.19 -3.40
N LYS A 45 8.75 -1.55 -4.41
CA LYS A 45 8.73 -0.09 -4.51
C LYS A 45 7.29 0.43 -4.35
N GLN A 46 6.41 -0.03 -5.24
CA GLN A 46 5.01 0.40 -5.19
C GLN A 46 4.38 0.06 -3.85
N CYS A 47 4.61 -1.16 -3.38
CA CYS A 47 4.05 -1.60 -2.11
C CYS A 47 4.47 -0.66 -0.98
N LYS A 48 5.74 -0.29 -0.97
CA LYS A 48 6.27 0.61 0.06
C LYS A 48 5.71 2.02 -0.12
N ALA A 49 5.78 2.54 -1.34
CA ALA A 49 5.28 3.87 -1.63
C ALA A 49 3.77 3.95 -1.42
N ARG A 50 3.02 3.21 -2.24
CA ARG A 50 1.57 3.19 -2.13
C ARG A 50 1.13 3.20 -0.66
N TRP A 51 1.78 2.39 0.15
CA TRP A 51 1.46 2.30 1.56
C TRP A 51 1.72 3.62 2.27
N TYR A 52 2.99 3.96 2.42
CA TYR A 52 3.38 5.21 3.09
C TYR A 52 2.73 6.41 2.40
N GLU A 53 2.22 6.19 1.20
CA GLU A 53 1.57 7.26 0.43
C GLU A 53 0.22 7.61 1.03
N TRP A 54 -0.64 6.60 1.16
CA TRP A 54 -1.98 6.81 1.73
C TRP A 54 -2.25 5.83 2.87
N LEU A 55 -1.79 4.59 2.70
CA LEU A 55 -1.98 3.56 3.71
C LEU A 55 -0.88 3.63 4.76
N ASP A 56 -1.13 4.39 5.82
CA ASP A 56 -0.17 4.54 6.90
C ASP A 56 -0.81 5.20 8.12
N PRO A 57 -0.41 4.74 9.32
CA PRO A 57 -0.94 5.26 10.58
C PRO A 57 -0.45 6.69 10.86
N SER A 58 0.85 6.89 10.77
CA SER A 58 1.44 8.20 11.02
C SER A 58 0.59 9.31 10.39
N ILE A 59 0.11 9.05 9.18
CA ILE A 59 -0.72 10.02 8.47
C ILE A 59 -1.62 10.78 9.43
N LYS A 60 -1.85 12.06 9.14
CA LYS A 60 -2.72 12.89 9.97
C LYS A 60 -4.12 12.97 9.39
N LYS A 61 -4.57 11.89 8.76
CA LYS A 61 -5.90 11.84 8.16
C LYS A 61 -6.86 11.03 9.03
N THR A 62 -8.12 11.44 9.04
CA THR A 62 -9.14 10.76 9.84
C THR A 62 -9.16 9.26 9.53
N GLU A 63 -9.22 8.45 10.58
CA GLU A 63 -9.25 7.00 10.41
C GLU A 63 -10.67 6.50 10.26
N TRP A 64 -10.83 5.37 9.58
CA TRP A 64 -12.15 4.78 9.36
C TRP A 64 -12.93 4.69 10.67
N SER A 65 -13.88 5.61 10.86
CA SER A 65 -14.69 5.63 12.07
C SER A 65 -15.88 4.67 11.95
N GLY A 66 -16.01 3.79 12.93
CA GLY A 66 -17.10 2.83 12.92
C GLY A 66 -17.79 2.72 14.27
N PRO A 67 -17.36 1.73 15.07
CA PRO A 67 -17.92 1.49 16.40
C PRO A 67 -17.56 2.60 17.39
N SER A 68 -16.82 3.60 16.91
CA SER A 68 -16.40 4.71 17.75
C SER A 68 -17.48 5.04 18.78
N SER A 69 -17.11 4.97 20.06
CA SER A 69 -18.04 5.27 21.14
C SER A 69 -18.97 6.41 20.76
N GLY A 70 -20.24 6.09 20.51
CA GLY A 70 -21.20 7.11 20.14
C GLY A 70 -20.59 8.21 19.31
N GLY A 1 18.96 13.93 -15.13
CA GLY A 1 18.66 13.40 -16.45
C GLY A 1 17.44 14.05 -17.06
N SER A 2 16.60 13.24 -17.70
CA SER A 2 15.39 13.73 -18.33
C SER A 2 14.14 13.36 -17.52
N SER A 3 14.07 12.10 -17.13
CA SER A 3 12.93 11.61 -16.35
C SER A 3 13.26 11.58 -14.86
N GLY A 4 14.53 11.32 -14.55
CA GLY A 4 14.96 11.26 -13.17
C GLY A 4 13.95 10.56 -12.27
N SER A 5 14.10 10.74 -10.97
CA SER A 5 13.19 10.12 -10.00
C SER A 5 12.09 11.08 -9.59
N SER A 6 10.88 10.83 -10.08
CA SER A 6 9.73 11.67 -9.77
C SER A 6 8.62 10.86 -9.11
N GLY A 7 9.00 10.00 -8.17
CA GLY A 7 8.02 9.17 -7.49
C GLY A 7 6.96 8.62 -8.43
N LYS A 8 7.37 7.73 -9.32
CA LYS A 8 6.45 7.13 -10.28
C LYS A 8 5.24 6.53 -9.57
N GLY A 9 4.05 6.99 -9.95
CA GLY A 9 2.83 6.49 -9.34
C GLY A 9 2.00 5.67 -10.30
N GLY A 10 2.16 4.35 -10.25
CA GLY A 10 1.41 3.47 -11.12
C GLY A 10 -0.08 3.52 -10.87
N VAL A 11 -0.73 2.36 -10.89
CA VAL A 11 -2.16 2.27 -10.65
C VAL A 11 -2.48 1.33 -9.50
N TRP A 12 -3.56 1.61 -8.79
CA TRP A 12 -3.97 0.78 -7.66
C TRP A 12 -5.48 0.74 -7.54
N ARG A 13 -6.02 -0.45 -7.23
CA ARG A 13 -7.45 -0.63 -7.09
C ARG A 13 -7.82 -0.93 -5.64
N ASN A 14 -9.10 -0.78 -5.31
CA ASN A 14 -9.59 -1.04 -3.96
C ASN A 14 -9.12 -2.41 -3.47
N THR A 15 -9.27 -3.42 -4.32
CA THR A 15 -8.85 -4.77 -3.97
C THR A 15 -7.36 -4.84 -3.67
N GLU A 16 -6.55 -4.28 -4.58
CA GLU A 16 -5.11 -4.28 -4.41
C GLU A 16 -4.72 -3.70 -3.06
N ASP A 17 -5.40 -2.65 -2.65
CA ASP A 17 -5.13 -2.00 -1.38
C ASP A 17 -5.53 -2.91 -0.21
N GLU A 18 -6.66 -3.58 -0.34
CA GLU A 18 -7.14 -4.48 0.69
C GLU A 18 -6.14 -5.60 0.95
N ILE A 19 -5.63 -6.19 -0.12
CA ILE A 19 -4.66 -7.27 -0.02
C ILE A 19 -3.37 -6.79 0.62
N LEU A 20 -2.85 -5.68 0.12
CA LEU A 20 -1.61 -5.10 0.63
C LEU A 20 -1.74 -4.77 2.12
N LYS A 21 -2.69 -3.90 2.43
CA LYS A 21 -2.93 -3.49 3.81
C LYS A 21 -2.84 -4.69 4.75
N ALA A 22 -3.65 -5.71 4.47
CA ALA A 22 -3.66 -6.92 5.29
C ALA A 22 -2.27 -7.55 5.36
N ALA A 23 -1.74 -7.91 4.20
CA ALA A 23 -0.42 -8.53 4.13
C ALA A 23 0.58 -7.79 5.01
N VAL A 24 0.69 -6.48 4.80
CA VAL A 24 1.61 -5.66 5.59
C VAL A 24 1.45 -5.93 7.08
N MET A 25 0.24 -6.29 7.49
CA MET A 25 -0.05 -6.57 8.88
C MET A 25 0.39 -7.98 9.26
N LYS A 26 0.24 -8.92 8.32
CA LYS A 26 0.63 -10.30 8.54
C LYS A 26 2.13 -10.48 8.41
N TYR A 27 2.66 -10.19 7.22
CA TYR A 27 4.09 -10.32 6.96
C TYR A 27 4.86 -9.20 7.65
N GLY A 28 4.22 -8.04 7.79
CA GLY A 28 4.87 -6.91 8.43
C GLY A 28 5.37 -5.89 7.43
N LYS A 29 5.89 -4.78 7.93
CA LYS A 29 6.41 -3.72 7.07
C LYS A 29 7.88 -3.94 6.75
N ASN A 30 8.26 -5.20 6.60
CA ASN A 30 9.64 -5.56 6.29
C ASN A 30 9.72 -6.46 5.07
N GLN A 31 8.71 -7.32 4.91
CA GLN A 31 8.66 -8.23 3.78
C GLN A 31 8.02 -7.57 2.57
N TRP A 32 8.32 -6.30 2.35
CA TRP A 32 7.77 -5.55 1.22
C TRP A 32 8.00 -6.30 -0.08
N SER A 33 9.16 -6.95 -0.21
CA SER A 33 9.49 -7.69 -1.41
C SER A 33 8.52 -8.85 -1.61
N ARG A 34 8.30 -9.62 -0.56
CA ARG A 34 7.39 -10.77 -0.63
C ARG A 34 5.95 -10.31 -0.84
N ILE A 35 5.52 -9.33 -0.06
CA ILE A 35 4.16 -8.79 -0.17
C ILE A 35 3.81 -8.48 -1.62
N ALA A 36 4.75 -7.86 -2.33
CA ALA A 36 4.54 -7.51 -3.73
C ALA A 36 4.11 -8.73 -4.54
N SER A 37 4.78 -9.85 -4.31
CA SER A 37 4.47 -11.08 -5.03
C SER A 37 2.98 -11.36 -5.01
N LEU A 38 2.35 -11.13 -3.86
CA LEU A 38 0.91 -11.36 -3.71
C LEU A 38 0.13 -10.60 -4.77
N LEU A 39 0.42 -9.31 -4.91
CA LEU A 39 -0.25 -8.47 -5.90
C LEU A 39 0.38 -8.64 -7.28
N HIS A 40 -0.47 -8.74 -8.30
CA HIS A 40 0.00 -8.90 -9.67
C HIS A 40 0.40 -7.55 -10.26
N ARG A 41 1.55 -7.52 -10.93
CA ARG A 41 2.06 -6.30 -11.55
C ARG A 41 2.41 -5.27 -10.48
N LYS A 42 3.04 -5.72 -9.41
CA LYS A 42 3.44 -4.82 -8.32
C LYS A 42 4.81 -5.21 -7.78
N SER A 43 5.57 -4.21 -7.34
CA SER A 43 6.90 -4.45 -6.79
C SER A 43 7.04 -3.83 -5.40
N ALA A 44 8.09 -4.22 -4.69
CA ALA A 44 8.34 -3.70 -3.34
C ALA A 44 8.25 -2.17 -3.32
N LYS A 45 8.86 -1.54 -4.32
CA LYS A 45 8.85 -0.08 -4.41
C LYS A 45 7.43 0.47 -4.28
N GLN A 46 6.54 0.02 -5.16
CA GLN A 46 5.15 0.47 -5.13
C GLN A 46 4.49 0.11 -3.81
N CYS A 47 4.66 -1.13 -3.38
CA CYS A 47 4.08 -1.60 -2.13
C CYS A 47 4.48 -0.69 -0.97
N LYS A 48 5.73 -0.24 -0.97
CA LYS A 48 6.24 0.64 0.07
C LYS A 48 5.71 2.06 -0.10
N ALA A 49 5.80 2.57 -1.32
CA ALA A 49 5.32 3.91 -1.62
C ALA A 49 3.81 4.01 -1.46
N ARG A 50 3.09 3.27 -2.29
CA ARG A 50 1.63 3.27 -2.24
C ARG A 50 1.13 3.24 -0.80
N TRP A 51 1.78 2.42 0.03
CA TRP A 51 1.39 2.31 1.43
C TRP A 51 1.68 3.60 2.18
N TYR A 52 2.97 3.88 2.39
CA TYR A 52 3.38 5.09 3.10
C TYR A 52 2.78 6.33 2.45
N GLU A 53 2.28 6.18 1.23
CA GLU A 53 1.68 7.29 0.50
C GLU A 53 0.31 7.64 1.08
N TRP A 54 -0.56 6.64 1.15
CA TRP A 54 -1.91 6.84 1.69
C TRP A 54 -2.20 5.86 2.82
N LEU A 55 -1.70 4.64 2.67
CA LEU A 55 -1.90 3.60 3.69
C LEU A 55 -0.82 3.67 4.76
N ASP A 56 -1.06 4.51 5.76
CA ASP A 56 -0.10 4.66 6.86
C ASP A 56 -0.76 5.37 8.05
N PRO A 57 -0.49 4.85 9.26
CA PRO A 57 -1.04 5.40 10.50
C PRO A 57 -0.45 6.76 10.84
N SER A 58 0.87 6.86 10.73
CA SER A 58 1.57 8.10 11.04
C SER A 58 0.91 9.28 10.32
N ILE A 59 0.26 9.00 9.19
CA ILE A 59 -0.40 10.03 8.41
C ILE A 59 -1.19 10.97 9.31
N LYS A 60 -1.10 12.27 9.02
CA LYS A 60 -1.81 13.28 9.79
C LYS A 60 -3.21 13.49 9.27
N LYS A 61 -3.79 12.44 8.69
CA LYS A 61 -5.14 12.50 8.14
C LYS A 61 -5.42 13.87 7.55
N THR A 62 -4.45 14.40 6.78
CA THR A 62 -4.60 15.69 6.15
C THR A 62 -6.04 15.94 5.70
N GLU A 63 -6.73 14.87 5.35
CA GLU A 63 -8.11 14.97 4.91
C GLU A 63 -9.06 14.36 5.94
N TRP A 64 -9.94 15.18 6.49
CA TRP A 64 -10.91 14.73 7.48
C TRP A 64 -12.17 14.21 6.82
N SER A 65 -12.67 14.95 5.83
CA SER A 65 -13.88 14.58 5.12
C SER A 65 -13.96 13.06 4.96
N GLY A 66 -12.89 12.47 4.44
CA GLY A 66 -12.86 11.03 4.24
C GLY A 66 -11.97 10.32 5.24
N PRO A 67 -12.52 10.04 6.43
CA PRO A 67 -11.79 9.36 7.50
C PRO A 67 -11.50 7.90 7.17
N SER A 68 -12.24 7.36 6.21
CA SER A 68 -12.07 5.97 5.80
C SER A 68 -11.98 5.05 7.02
N SER A 69 -12.89 5.27 7.97
CA SER A 69 -12.92 4.47 9.19
C SER A 69 -14.35 4.19 9.64
N GLY A 70 -14.51 3.32 10.61
CA GLY A 70 -15.83 2.98 11.11
C GLY A 70 -15.79 2.29 12.46
N GLY A 1 13.37 3.65 -23.78
CA GLY A 1 12.12 4.02 -23.16
C GLY A 1 11.51 5.26 -23.77
N SER A 2 10.59 5.06 -24.71
CA SER A 2 9.93 6.17 -25.38
C SER A 2 8.40 5.99 -25.36
N SER A 3 7.75 6.71 -24.46
CA SER A 3 6.30 6.63 -24.32
C SER A 3 5.86 5.23 -23.97
N GLY A 4 6.58 4.60 -23.04
CA GLY A 4 6.26 3.25 -22.63
C GLY A 4 4.99 3.19 -21.79
N SER A 5 3.87 2.93 -22.45
CA SER A 5 2.59 2.86 -21.77
C SER A 5 2.74 2.26 -20.37
N SER A 6 3.34 1.08 -20.30
CA SER A 6 3.56 0.40 -19.02
C SER A 6 3.86 1.41 -17.92
N GLY A 7 3.29 1.17 -16.75
CA GLY A 7 3.51 2.06 -15.62
C GLY A 7 3.35 1.37 -14.28
N LYS A 8 4.21 0.39 -14.02
CA LYS A 8 4.17 -0.36 -12.76
C LYS A 8 4.12 0.59 -11.56
N GLY A 9 2.92 0.81 -11.05
CA GLY A 9 2.76 1.68 -9.90
C GLY A 9 1.81 2.83 -10.18
N GLY A 10 1.50 3.61 -9.15
CA GLY A 10 0.60 4.74 -9.31
C GLY A 10 -0.84 4.39 -8.98
N VAL A 11 -1.56 3.88 -9.97
CA VAL A 11 -2.96 3.50 -9.77
C VAL A 11 -3.08 2.26 -8.90
N TRP A 12 -4.14 2.19 -8.11
CA TRP A 12 -4.37 1.04 -7.23
C TRP A 12 -5.86 0.74 -7.11
N ARG A 13 -6.20 -0.53 -7.19
CA ARG A 13 -7.59 -0.96 -7.08
C ARG A 13 -7.94 -1.35 -5.65
N ASN A 14 -9.19 -1.15 -5.27
CA ASN A 14 -9.65 -1.48 -3.93
C ASN A 14 -9.13 -2.85 -3.49
N THR A 15 -9.27 -3.83 -4.39
CA THR A 15 -8.82 -5.18 -4.10
C THR A 15 -7.34 -5.21 -3.74
N GLU A 16 -6.51 -4.69 -4.63
CA GLU A 16 -5.07 -4.65 -4.41
C GLU A 16 -4.75 -3.99 -3.07
N ASP A 17 -5.45 -2.90 -2.76
CA ASP A 17 -5.23 -2.18 -1.52
C ASP A 17 -5.61 -3.04 -0.32
N GLU A 18 -6.75 -3.73 -0.42
CA GLU A 18 -7.23 -4.58 0.66
C GLU A 18 -6.20 -5.68 0.97
N ILE A 19 -5.70 -6.32 -0.09
CA ILE A 19 -4.72 -7.39 0.07
C ILE A 19 -3.41 -6.86 0.65
N LEU A 20 -2.97 -5.72 0.13
CA LEU A 20 -1.73 -5.10 0.59
C LEU A 20 -1.81 -4.76 2.07
N LYS A 21 -2.75 -3.88 2.42
CA LYS A 21 -2.94 -3.48 3.81
C LYS A 21 -2.83 -4.67 4.75
N ALA A 22 -3.59 -5.72 4.47
CA ALA A 22 -3.58 -6.93 5.27
C ALA A 22 -2.18 -7.52 5.35
N ALA A 23 -1.67 -7.96 4.20
CA ALA A 23 -0.34 -8.55 4.13
C ALA A 23 0.66 -7.74 4.96
N VAL A 24 0.65 -6.43 4.76
CA VAL A 24 1.57 -5.54 5.48
C VAL A 24 1.44 -5.74 6.99
N MET A 25 0.24 -6.08 7.44
CA MET A 25 -0.02 -6.30 8.85
C MET A 25 0.44 -7.68 9.29
N LYS A 26 0.33 -8.64 8.38
CA LYS A 26 0.74 -10.02 8.66
C LYS A 26 2.26 -10.16 8.58
N TYR A 27 2.81 -9.92 7.40
CA TYR A 27 4.25 -10.02 7.19
C TYR A 27 4.97 -8.81 7.78
N GLY A 28 4.32 -7.66 7.72
CA GLY A 28 4.92 -6.45 8.26
C GLY A 28 5.31 -5.47 7.17
N LYS A 29 5.73 -4.27 7.59
CA LYS A 29 6.13 -3.24 6.63
C LYS A 29 7.60 -3.40 6.23
N ASN A 30 8.07 -4.64 6.26
CA ASN A 30 9.45 -4.95 5.90
C ASN A 30 9.50 -6.02 4.82
N GLN A 31 8.49 -6.89 4.81
CA GLN A 31 8.44 -7.97 3.83
C GLN A 31 7.77 -7.50 2.55
N TRP A 32 8.03 -6.27 2.16
CA TRP A 32 7.45 -5.70 0.95
C TRP A 32 7.63 -6.63 -0.24
N SER A 33 8.89 -6.85 -0.61
CA SER A 33 9.21 -7.73 -1.73
C SER A 33 8.32 -8.97 -1.73
N ARG A 34 8.09 -9.53 -0.54
CA ARG A 34 7.26 -10.71 -0.40
C ARG A 34 5.80 -10.39 -0.70
N ILE A 35 5.33 -9.25 -0.20
CA ILE A 35 3.96 -8.82 -0.41
C ILE A 35 3.69 -8.55 -1.89
N ALA A 36 4.54 -7.72 -2.50
CA ALA A 36 4.40 -7.39 -3.91
C ALA A 36 4.01 -8.60 -4.73
N SER A 37 4.65 -9.74 -4.45
CA SER A 37 4.37 -10.97 -5.17
C SER A 37 2.87 -11.27 -5.18
N LEU A 38 2.23 -11.03 -4.05
CA LEU A 38 0.79 -11.27 -3.92
C LEU A 38 0.02 -10.53 -5.00
N LEU A 39 0.35 -9.25 -5.17
CA LEU A 39 -0.32 -8.42 -6.17
C LEU A 39 0.37 -8.54 -7.53
N HIS A 40 -0.38 -8.34 -8.60
CA HIS A 40 0.15 -8.42 -9.95
C HIS A 40 0.60 -7.05 -10.45
N ARG A 41 1.72 -7.01 -11.15
CA ARG A 41 2.26 -5.76 -11.67
C ARG A 41 2.62 -4.81 -10.55
N LYS A 42 3.21 -5.35 -9.48
CA LYS A 42 3.60 -4.54 -8.33
C LYS A 42 4.95 -5.00 -7.78
N SER A 43 5.77 -4.04 -7.37
CA SER A 43 7.09 -4.35 -6.82
C SER A 43 7.26 -3.74 -5.43
N ALA A 44 8.15 -4.33 -4.64
CA ALA A 44 8.40 -3.84 -3.29
C ALA A 44 8.32 -2.33 -3.22
N LYS A 45 9.04 -1.66 -4.12
CA LYS A 45 9.05 -0.20 -4.16
C LYS A 45 7.63 0.35 -4.07
N GLN A 46 6.77 -0.08 -5.00
CA GLN A 46 5.39 0.37 -5.02
C GLN A 46 4.72 0.15 -3.66
N CYS A 47 4.72 -1.10 -3.22
CA CYS A 47 4.11 -1.45 -1.93
C CYS A 47 4.53 -0.47 -0.84
N LYS A 48 5.82 -0.17 -0.79
CA LYS A 48 6.35 0.76 0.20
C LYS A 48 5.80 2.16 -0.01
N ALA A 49 5.95 2.67 -1.23
CA ALA A 49 5.47 4.00 -1.57
C ALA A 49 3.97 4.11 -1.35
N ARG A 50 3.20 3.36 -2.14
CA ARG A 50 1.75 3.38 -2.03
C ARG A 50 1.31 3.33 -0.56
N TRP A 51 2.03 2.56 0.24
CA TRP A 51 1.72 2.44 1.65
C TRP A 51 1.94 3.77 2.38
N TYR A 52 3.19 4.18 2.47
CA TYR A 52 3.55 5.43 3.15
C TYR A 52 2.85 6.61 2.49
N GLU A 53 2.36 6.40 1.27
CA GLU A 53 1.67 7.44 0.52
C GLU A 53 0.32 7.77 1.15
N TRP A 54 -0.52 6.75 1.28
CA TRP A 54 -1.84 6.91 1.86
C TRP A 54 -2.08 5.90 2.98
N LEU A 55 -1.64 4.66 2.75
CA LEU A 55 -1.81 3.60 3.74
C LEU A 55 -0.68 3.64 4.77
N ASP A 56 -0.86 4.46 5.80
CA ASP A 56 0.14 4.59 6.86
C ASP A 56 -0.44 5.31 8.06
N PRO A 57 -0.20 4.74 9.26
CA PRO A 57 -0.69 5.31 10.52
C PRO A 57 0.02 6.62 10.88
N SER A 58 1.35 6.63 10.74
CA SER A 58 2.13 7.81 11.05
C SER A 58 1.54 9.05 10.39
N ILE A 59 0.98 8.87 9.21
CA ILE A 59 0.38 9.98 8.47
C ILE A 59 -0.28 10.97 9.42
N LYS A 60 -0.21 12.25 9.08
CA LYS A 60 -0.80 13.30 9.90
C LYS A 60 -2.30 13.41 9.64
N LYS A 61 -2.97 12.26 9.54
CA LYS A 61 -4.41 12.23 9.30
C LYS A 61 -5.12 11.42 10.38
N THR A 62 -6.44 11.52 10.41
CA THR A 62 -7.25 10.81 11.39
C THR A 62 -7.68 9.45 10.86
N GLU A 63 -7.50 8.41 11.66
CA GLU A 63 -7.87 7.06 11.27
C GLU A 63 -8.57 6.33 12.42
N TRP A 64 -9.41 5.37 12.07
CA TRP A 64 -10.14 4.59 13.07
C TRP A 64 -9.82 3.11 12.96
N SER A 65 -8.55 2.80 12.73
CA SER A 65 -8.10 1.41 12.59
C SER A 65 -7.73 0.83 13.95
N GLY A 66 -7.06 1.64 14.77
CA GLY A 66 -6.65 1.19 16.09
C GLY A 66 -5.47 1.97 16.62
N PRO A 67 -5.42 2.14 17.95
CA PRO A 67 -4.34 2.87 18.62
C PRO A 67 -3.01 2.12 18.57
N SER A 68 -3.03 0.94 17.96
CA SER A 68 -1.83 0.12 17.85
C SER A 68 -1.10 0.41 16.54
N SER A 69 -0.26 1.44 16.56
CA SER A 69 0.50 1.83 15.38
C SER A 69 1.92 1.30 15.46
N GLY A 70 2.10 0.02 15.13
CA GLY A 70 3.42 -0.59 15.17
C GLY A 70 3.47 -1.88 14.37
N GLY A 1 7.61 -9.85 -14.14
CA GLY A 1 8.03 -9.61 -15.50
C GLY A 1 8.12 -10.87 -16.31
N SER A 2 6.97 -11.46 -16.64
CA SER A 2 6.93 -12.70 -17.42
C SER A 2 6.27 -12.45 -18.77
N SER A 3 5.06 -11.90 -18.75
CA SER A 3 4.32 -11.63 -19.97
C SER A 3 5.26 -11.13 -21.08
N GLY A 4 6.07 -10.12 -20.75
CA GLY A 4 7.00 -9.58 -21.72
C GLY A 4 7.33 -8.12 -21.44
N SER A 5 6.42 -7.23 -21.81
CA SER A 5 6.63 -5.80 -21.60
C SER A 5 5.74 -5.28 -20.46
N SER A 6 6.33 -5.17 -19.28
CA SER A 6 5.60 -4.70 -18.11
C SER A 6 6.53 -3.99 -17.14
N GLY A 7 6.02 -2.94 -16.49
CA GLY A 7 6.82 -2.19 -15.54
C GLY A 7 6.24 -0.82 -15.25
N LYS A 8 5.12 -0.79 -14.53
CA LYS A 8 4.46 0.47 -14.19
C LYS A 8 4.08 0.49 -12.71
N GLY A 9 4.28 1.64 -12.07
CA GLY A 9 3.95 1.77 -10.67
C GLY A 9 3.30 3.10 -10.35
N GLY A 10 2.02 3.25 -10.73
CA GLY A 10 1.31 4.48 -10.47
C GLY A 10 -0.19 4.29 -10.49
N VAL A 11 -0.65 3.12 -10.06
CA VAL A 11 -2.07 2.81 -10.03
C VAL A 11 -2.39 1.79 -8.95
N TRP A 12 -3.62 1.84 -8.43
CA TRP A 12 -4.04 0.91 -7.40
C TRP A 12 -5.56 0.79 -7.36
N ARG A 13 -6.06 -0.41 -7.15
CA ARG A 13 -7.49 -0.66 -7.10
C ARG A 13 -7.93 -1.06 -5.70
N ASN A 14 -9.19 -0.80 -5.37
CA ASN A 14 -9.73 -1.14 -4.06
C ASN A 14 -9.13 -2.44 -3.55
N THR A 15 -9.28 -3.51 -4.33
CA THR A 15 -8.75 -4.81 -3.96
C THR A 15 -7.26 -4.74 -3.65
N GLU A 16 -6.47 -4.41 -4.67
CA GLU A 16 -5.02 -4.30 -4.52
C GLU A 16 -4.66 -3.67 -3.18
N ASP A 17 -5.38 -2.61 -2.82
CA ASP A 17 -5.13 -1.91 -1.56
C ASP A 17 -5.48 -2.81 -0.38
N GLU A 18 -6.64 -3.46 -0.44
CA GLU A 18 -7.08 -4.34 0.63
C GLU A 18 -6.04 -5.42 0.91
N ILE A 19 -5.59 -6.10 -0.15
CA ILE A 19 -4.60 -7.15 -0.01
C ILE A 19 -3.34 -6.64 0.67
N LEU A 20 -2.74 -5.60 0.09
CA LEU A 20 -1.52 -5.02 0.63
C LEU A 20 -1.69 -4.70 2.11
N LYS A 21 -2.68 -3.85 2.42
CA LYS A 21 -2.95 -3.47 3.80
C LYS A 21 -2.81 -4.66 4.74
N ALA A 22 -3.60 -5.70 4.50
CA ALA A 22 -3.55 -6.90 5.33
C ALA A 22 -2.14 -7.49 5.36
N ALA A 23 -1.65 -7.88 4.20
CA ALA A 23 -0.30 -8.45 4.09
C ALA A 23 0.67 -7.75 5.02
N VAL A 24 0.78 -6.43 4.85
CA VAL A 24 1.68 -5.62 5.68
C VAL A 24 1.47 -5.90 7.16
N MET A 25 0.22 -6.16 7.53
CA MET A 25 -0.11 -6.45 8.93
C MET A 25 0.27 -7.88 9.30
N LYS A 26 0.25 -8.77 8.31
CA LYS A 26 0.61 -10.16 8.54
C LYS A 26 2.11 -10.36 8.43
N TYR A 27 2.66 -10.14 7.23
CA TYR A 27 4.09 -10.31 7.00
C TYR A 27 4.87 -9.22 7.72
N GLY A 28 4.29 -8.03 7.83
CA GLY A 28 4.96 -6.93 8.49
C GLY A 28 5.53 -5.92 7.51
N LYS A 29 5.98 -4.79 8.04
CA LYS A 29 6.56 -3.75 7.21
C LYS A 29 8.03 -4.04 6.90
N ASN A 30 8.33 -5.31 6.64
CA ASN A 30 9.69 -5.72 6.34
C ASN A 30 9.72 -6.62 5.09
N GLN A 31 8.71 -7.46 4.95
CA GLN A 31 8.63 -8.36 3.81
C GLN A 31 7.98 -7.67 2.62
N TRP A 32 8.31 -6.40 2.42
CA TRP A 32 7.75 -5.62 1.32
C TRP A 32 7.94 -6.36 -0.01
N SER A 33 9.11 -6.96 -0.19
CA SER A 33 9.41 -7.70 -1.41
C SER A 33 8.49 -8.90 -1.56
N ARG A 34 8.29 -9.63 -0.47
CA ARG A 34 7.43 -10.81 -0.49
C ARG A 34 5.98 -10.42 -0.71
N ILE A 35 5.56 -9.30 -0.11
CA ILE A 35 4.20 -8.82 -0.24
C ILE A 35 3.86 -8.51 -1.70
N ALA A 36 4.78 -7.85 -2.38
CA ALA A 36 4.58 -7.50 -3.79
C ALA A 36 4.16 -8.72 -4.61
N SER A 37 4.85 -9.83 -4.37
CA SER A 37 4.54 -11.07 -5.09
C SER A 37 3.05 -11.35 -5.08
N LEU A 38 2.42 -11.12 -3.94
CA LEU A 38 0.98 -11.35 -3.79
C LEU A 38 0.19 -10.58 -4.84
N LEU A 39 0.55 -9.31 -5.02
CA LEU A 39 -0.12 -8.46 -6.00
C LEU A 39 0.53 -8.59 -7.37
N HIS A 40 -0.25 -8.35 -8.43
CA HIS A 40 0.25 -8.44 -9.79
C HIS A 40 0.65 -7.06 -10.31
N ARG A 41 1.76 -7.01 -11.03
CA ARG A 41 2.26 -5.76 -11.58
C ARG A 41 2.61 -4.78 -10.47
N LYS A 42 3.09 -5.30 -9.36
CA LYS A 42 3.47 -4.47 -8.22
C LYS A 42 4.78 -4.94 -7.61
N SER A 43 5.68 -4.01 -7.35
CA SER A 43 6.99 -4.33 -6.78
C SER A 43 7.14 -3.68 -5.41
N ALA A 44 8.13 -4.14 -4.65
CA ALA A 44 8.40 -3.60 -3.32
C ALA A 44 8.26 -2.07 -3.31
N LYS A 45 8.78 -1.43 -4.34
CA LYS A 45 8.72 0.02 -4.45
C LYS A 45 7.27 0.50 -4.41
N GLN A 46 6.42 -0.15 -5.19
CA GLN A 46 5.00 0.21 -5.26
C GLN A 46 4.33 -0.03 -3.90
N CYS A 47 4.44 -1.25 -3.40
CA CYS A 47 3.84 -1.61 -2.12
C CYS A 47 4.31 -0.67 -1.01
N LYS A 48 5.60 -0.37 -1.00
CA LYS A 48 6.17 0.53 0.00
C LYS A 48 5.67 1.96 -0.21
N ALA A 49 5.57 2.37 -1.47
CA ALA A 49 5.12 3.71 -1.79
C ALA A 49 3.62 3.88 -1.49
N ARG A 50 2.79 3.13 -2.23
CA ARG A 50 1.35 3.19 -2.04
C ARG A 50 0.99 3.13 -0.55
N TRP A 51 1.77 2.38 0.20
CA TRP A 51 1.53 2.23 1.64
C TRP A 51 1.84 3.53 2.37
N TYR A 52 3.13 3.84 2.50
CA TYR A 52 3.56 5.06 3.19
C TYR A 52 2.88 6.29 2.59
N GLU A 53 2.40 6.15 1.35
CA GLU A 53 1.74 7.25 0.67
C GLU A 53 0.44 7.62 1.38
N TRP A 54 -0.49 6.68 1.45
CA TRP A 54 -1.77 6.91 2.10
C TRP A 54 -2.01 5.90 3.22
N LEU A 55 -1.62 4.65 2.98
CA LEU A 55 -1.79 3.59 3.96
C LEU A 55 -0.61 3.56 4.94
N ASP A 56 -0.74 4.32 6.02
CA ASP A 56 0.30 4.38 7.04
C ASP A 56 -0.18 5.13 8.28
N PRO A 57 0.20 4.63 9.46
CA PRO A 57 -0.18 5.24 10.74
C PRO A 57 0.50 6.58 10.97
N SER A 58 1.80 6.63 10.72
CA SER A 58 2.57 7.84 10.90
C SER A 58 1.83 9.05 10.34
N ILE A 59 1.20 8.87 9.18
CA ILE A 59 0.45 9.94 8.54
C ILE A 59 -0.24 10.82 9.58
N LYS A 60 -0.29 12.12 9.30
CA LYS A 60 -0.94 13.07 10.20
C LYS A 60 -2.33 13.43 9.71
N LYS A 61 -3.01 12.47 9.10
CA LYS A 61 -4.36 12.68 8.59
C LYS A 61 -5.40 12.15 9.57
N THR A 62 -5.15 12.34 10.85
CA THR A 62 -6.07 11.88 11.89
C THR A 62 -7.22 12.85 12.08
N GLU A 63 -7.76 13.34 10.97
CA GLU A 63 -8.87 14.30 11.01
C GLU A 63 -10.21 13.57 10.88
N TRP A 64 -10.29 12.67 9.91
CA TRP A 64 -11.52 11.92 9.67
C TRP A 64 -11.71 10.84 10.73
N SER A 65 -12.83 10.92 11.44
CA SER A 65 -13.13 9.95 12.50
C SER A 65 -12.01 9.93 13.54
N GLY A 66 -11.61 11.10 13.99
CA GLY A 66 -10.55 11.20 14.98
C GLY A 66 -10.76 10.25 16.15
N PRO A 67 -9.67 9.72 16.71
CA PRO A 67 -9.72 8.79 17.84
C PRO A 67 -10.16 9.48 19.13
N SER A 68 -10.47 8.67 20.14
CA SER A 68 -10.92 9.19 21.43
C SER A 68 -10.02 8.69 22.56
N SER A 69 -9.71 9.58 23.49
CA SER A 69 -8.85 9.23 24.62
C SER A 69 -9.65 8.53 25.70
N GLY A 70 -10.94 8.86 25.80
CA GLY A 70 -11.80 8.24 26.78
C GLY A 70 -12.39 6.93 26.32
N GLY A 1 2.55 -11.49 -31.24
CA GLY A 1 2.37 -11.51 -29.80
C GLY A 1 3.31 -10.54 -29.09
N SER A 2 2.80 -9.35 -28.80
CA SER A 2 3.59 -8.33 -28.12
C SER A 2 2.98 -7.97 -26.77
N SER A 3 3.73 -8.20 -25.71
CA SER A 3 3.26 -7.91 -24.36
C SER A 3 4.28 -7.07 -23.60
N GLY A 4 4.08 -5.76 -23.63
CA GLY A 4 5.00 -4.86 -22.93
C GLY A 4 4.36 -3.52 -22.61
N SER A 5 3.34 -3.53 -21.76
CA SER A 5 2.64 -2.31 -21.39
C SER A 5 3.54 -1.42 -20.53
N SER A 6 3.20 -0.13 -20.47
CA SER A 6 3.97 0.82 -19.70
C SER A 6 3.34 1.04 -18.33
N GLY A 7 2.85 -0.04 -17.73
CA GLY A 7 2.21 0.06 -16.42
C GLY A 7 3.19 0.48 -15.34
N LYS A 8 3.29 1.80 -15.13
CA LYS A 8 4.18 2.34 -14.12
C LYS A 8 3.56 2.27 -12.73
N GLY A 9 4.32 2.64 -11.72
CA GLY A 9 3.83 2.61 -10.36
C GLY A 9 3.06 3.87 -9.99
N GLY A 10 1.86 3.69 -9.45
CA GLY A 10 1.04 4.83 -9.06
C GLY A 10 -0.42 4.47 -8.90
N VAL A 11 -1.04 4.04 -10.00
CA VAL A 11 -2.45 3.66 -9.97
C VAL A 11 -2.66 2.39 -9.15
N TRP A 12 -3.79 2.33 -8.44
CA TRP A 12 -4.11 1.18 -7.62
C TRP A 12 -5.61 0.91 -7.61
N ARG A 13 -6.01 -0.24 -7.09
CA ARG A 13 -7.42 -0.61 -7.02
C ARG A 13 -7.80 -1.04 -5.61
N ASN A 14 -9.05 -0.80 -5.24
CA ASN A 14 -9.54 -1.16 -3.91
C ASN A 14 -9.07 -2.56 -3.53
N THR A 15 -9.16 -3.49 -4.47
CA THR A 15 -8.74 -4.86 -4.23
C THR A 15 -7.25 -4.95 -3.92
N GLU A 16 -6.45 -4.18 -4.66
CA GLU A 16 -5.01 -4.16 -4.47
C GLU A 16 -4.65 -3.64 -3.08
N ASP A 17 -5.46 -2.71 -2.58
CA ASP A 17 -5.23 -2.14 -1.26
C ASP A 17 -5.58 -3.14 -0.16
N GLU A 18 -6.73 -3.80 -0.30
CA GLU A 18 -7.18 -4.78 0.68
C GLU A 18 -6.11 -5.84 0.92
N ILE A 19 -5.51 -6.32 -0.16
CA ILE A 19 -4.47 -7.33 -0.07
C ILE A 19 -3.21 -6.77 0.60
N LEU A 20 -2.78 -5.60 0.16
CA LEU A 20 -1.60 -4.95 0.70
C LEU A 20 -1.75 -4.72 2.20
N LYS A 21 -2.68 -3.84 2.57
CA LYS A 21 -2.93 -3.53 3.97
C LYS A 21 -2.80 -4.78 4.84
N ALA A 22 -3.64 -5.77 4.58
CA ALA A 22 -3.61 -7.03 5.33
C ALA A 22 -2.20 -7.59 5.39
N ALA A 23 -1.65 -7.95 4.24
CA ALA A 23 -0.30 -8.50 4.16
C ALA A 23 0.65 -7.74 5.08
N VAL A 24 0.76 -6.43 4.85
CA VAL A 24 1.64 -5.59 5.65
C VAL A 24 1.40 -5.80 7.14
N MET A 25 0.16 -6.13 7.49
CA MET A 25 -0.20 -6.36 8.89
C MET A 25 0.20 -7.77 9.33
N LYS A 26 0.26 -8.69 8.36
CA LYS A 26 0.63 -10.07 8.65
C LYS A 26 2.15 -10.25 8.60
N TYR A 27 2.73 -10.00 7.43
CA TYR A 27 4.17 -10.13 7.26
C TYR A 27 4.91 -8.98 7.92
N GLY A 28 4.27 -7.81 7.96
CA GLY A 28 4.89 -6.65 8.58
C GLY A 28 5.46 -5.68 7.57
N LYS A 29 5.96 -4.55 8.04
CA LYS A 29 6.54 -3.54 7.16
C LYS A 29 7.99 -3.86 6.84
N ASN A 30 8.28 -5.15 6.62
CA ASN A 30 9.63 -5.59 6.30
C ASN A 30 9.62 -6.54 5.11
N GLN A 31 8.59 -7.38 5.03
CA GLN A 31 8.47 -8.35 3.95
C GLN A 31 7.82 -7.70 2.73
N TRP A 32 8.20 -6.46 2.45
CA TRP A 32 7.66 -5.73 1.31
C TRP A 32 7.82 -6.54 0.02
N SER A 33 9.07 -6.78 -0.38
CA SER A 33 9.35 -7.54 -1.59
C SER A 33 8.40 -8.72 -1.73
N ARG A 34 8.19 -9.45 -0.64
CA ARG A 34 7.31 -10.61 -0.64
C ARG A 34 5.87 -10.19 -0.90
N ILE A 35 5.40 -9.19 -0.15
CA ILE A 35 4.03 -8.69 -0.30
C ILE A 35 3.72 -8.39 -1.76
N ALA A 36 4.66 -7.73 -2.43
CA ALA A 36 4.48 -7.40 -3.84
C ALA A 36 4.09 -8.61 -4.67
N SER A 37 4.63 -9.77 -4.29
CA SER A 37 4.34 -11.02 -5.00
C SER A 37 2.83 -11.27 -5.03
N LEU A 38 2.17 -10.98 -3.93
CA LEU A 38 0.73 -11.18 -3.83
C LEU A 38 -0.02 -10.40 -4.92
N LEU A 39 0.38 -9.14 -5.09
CA LEU A 39 -0.24 -8.28 -6.10
C LEU A 39 0.45 -8.44 -7.45
N HIS A 40 -0.34 -8.46 -8.51
CA HIS A 40 0.18 -8.60 -9.87
C HIS A 40 0.65 -7.25 -10.41
N ARG A 41 1.81 -7.25 -11.07
CA ARG A 41 2.36 -6.03 -11.64
C ARG A 41 2.70 -5.02 -10.54
N LYS A 42 3.28 -5.52 -9.45
CA LYS A 42 3.65 -4.67 -8.33
C LYS A 42 5.01 -5.07 -7.76
N SER A 43 5.84 -4.08 -7.44
CA SER A 43 7.17 -4.34 -6.90
C SER A 43 7.32 -3.72 -5.52
N ALA A 44 8.24 -4.26 -4.72
CA ALA A 44 8.48 -3.75 -3.38
C ALA A 44 8.35 -2.23 -3.34
N LYS A 45 9.08 -1.55 -4.22
CA LYS A 45 9.05 -0.10 -4.28
C LYS A 45 7.61 0.42 -4.23
N GLN A 46 6.75 -0.14 -5.08
CA GLN A 46 5.35 0.27 -5.13
C GLN A 46 4.68 0.03 -3.79
N CYS A 47 4.68 -1.22 -3.33
CA CYS A 47 4.07 -1.58 -2.06
C CYS A 47 4.46 -0.58 -0.97
N LYS A 48 5.73 -0.21 -0.94
CA LYS A 48 6.23 0.73 0.05
C LYS A 48 5.67 2.13 -0.20
N ALA A 49 5.69 2.56 -1.45
CA ALA A 49 5.19 3.87 -1.82
C ALA A 49 3.68 3.97 -1.57
N ARG A 50 2.91 3.18 -2.31
CA ARG A 50 1.46 3.19 -2.17
C ARG A 50 1.06 3.09 -0.70
N TRP A 51 1.84 2.34 0.07
CA TRP A 51 1.56 2.17 1.50
C TRP A 51 1.83 3.46 2.26
N TYR A 52 3.11 3.82 2.38
CA TYR A 52 3.48 5.03 3.10
C TYR A 52 2.83 6.26 2.48
N GLU A 53 2.30 6.09 1.27
CA GLU A 53 1.64 7.19 0.56
C GLU A 53 0.31 7.55 1.23
N TRP A 54 -0.58 6.56 1.31
CA TRP A 54 -1.89 6.78 1.92
C TRP A 54 -2.12 5.78 3.05
N LEU A 55 -1.73 4.54 2.83
CA LEU A 55 -1.90 3.49 3.83
C LEU A 55 -0.75 3.50 4.83
N ASP A 56 -0.89 4.29 5.87
CA ASP A 56 0.14 4.38 6.91
C ASP A 56 -0.32 5.26 8.07
N PRO A 57 0.00 4.84 9.30
CA PRO A 57 -0.37 5.59 10.51
C PRO A 57 0.39 6.89 10.64
N SER A 58 1.70 6.83 10.46
CA SER A 58 2.55 8.02 10.57
C SER A 58 1.90 9.21 9.87
N ILE A 59 1.23 8.95 8.76
CA ILE A 59 0.57 10.00 8.01
C ILE A 59 -0.04 11.04 8.93
N LYS A 60 -0.02 12.30 8.51
CA LYS A 60 -0.58 13.39 9.30
C LYS A 60 -2.09 13.50 9.09
N LYS A 61 -2.75 12.35 9.01
CA LYS A 61 -4.19 12.31 8.82
C LYS A 61 -4.79 11.03 9.39
N THR A 62 -5.85 11.18 10.17
CA THR A 62 -6.52 10.03 10.78
C THR A 62 -6.89 8.99 9.74
N GLU A 63 -6.51 7.74 9.99
CA GLU A 63 -6.79 6.64 9.08
C GLU A 63 -7.11 5.36 9.84
N TRP A 64 -7.70 4.40 9.15
CA TRP A 64 -8.05 3.12 9.76
C TRP A 64 -6.80 2.33 10.14
N SER A 65 -6.24 2.64 11.31
CA SER A 65 -5.04 1.96 11.78
C SER A 65 -5.31 0.48 12.02
N GLY A 66 -6.33 0.19 12.82
CA GLY A 66 -6.67 -1.19 13.10
C GLY A 66 -5.72 -1.83 14.09
N PRO A 67 -5.76 -1.36 15.35
CA PRO A 67 -4.90 -1.88 16.42
C PRO A 67 -5.26 -3.30 16.83
N SER A 68 -4.50 -3.86 17.76
CA SER A 68 -4.75 -5.22 18.24
C SER A 68 -4.42 -5.34 19.72
N SER A 69 -4.70 -6.50 20.29
CA SER A 69 -4.44 -6.75 21.70
C SER A 69 -2.95 -6.87 21.96
N GLY A 70 -2.34 -5.77 22.42
CA GLY A 70 -0.92 -5.78 22.70
C GLY A 70 -0.56 -4.87 23.86
N GLY A 1 4.99 -17.03 -20.25
CA GLY A 1 5.15 -15.77 -20.95
C GLY A 1 6.03 -14.80 -20.18
N SER A 2 6.22 -13.60 -20.76
CA SER A 2 7.05 -12.58 -20.13
C SER A 2 6.19 -11.45 -19.58
N SER A 3 6.45 -11.07 -18.33
CA SER A 3 5.70 -10.00 -17.68
C SER A 3 6.12 -8.64 -18.21
N GLY A 4 7.40 -8.30 -18.04
CA GLY A 4 7.91 -7.03 -18.51
C GLY A 4 9.30 -6.74 -18.00
N SER A 5 10.09 -6.04 -18.81
CA SER A 5 11.46 -5.69 -18.43
C SER A 5 11.47 -4.62 -17.35
N SER A 6 10.73 -3.53 -17.60
CA SER A 6 10.66 -2.43 -16.65
C SER A 6 9.64 -2.73 -15.54
N GLY A 7 9.79 -2.04 -14.42
CA GLY A 7 8.89 -2.24 -13.31
C GLY A 7 7.49 -1.72 -13.59
N LYS A 8 6.67 -1.64 -12.55
CA LYS A 8 5.31 -1.14 -12.69
C LYS A 8 4.86 -0.41 -11.43
N GLY A 9 3.86 0.47 -11.58
CA GLY A 9 3.37 1.23 -10.45
C GLY A 9 2.56 2.43 -10.88
N GLY A 10 1.68 2.89 -9.99
CA GLY A 10 0.84 4.04 -10.30
C GLY A 10 -0.56 3.92 -9.74
N VAL A 11 -1.50 3.50 -10.57
CA VAL A 11 -2.88 3.34 -10.14
C VAL A 11 -3.02 2.21 -9.13
N TRP A 12 -4.19 2.12 -8.50
CA TRP A 12 -4.44 1.09 -7.51
C TRP A 12 -5.94 0.82 -7.39
N ARG A 13 -6.29 -0.46 -7.24
CA ARG A 13 -7.68 -0.86 -7.11
C ARG A 13 -8.01 -1.28 -5.68
N ASN A 14 -9.26 -1.11 -5.28
CA ASN A 14 -9.69 -1.48 -3.93
C ASN A 14 -9.02 -2.77 -3.47
N THR A 15 -9.15 -3.82 -4.27
CA THR A 15 -8.56 -5.11 -3.94
C THR A 15 -7.08 -4.96 -3.63
N GLU A 16 -6.29 -4.60 -4.64
CA GLU A 16 -4.85 -4.42 -4.46
C GLU A 16 -4.55 -3.76 -3.12
N ASP A 17 -5.36 -2.78 -2.75
CA ASP A 17 -5.18 -2.07 -1.48
C ASP A 17 -5.51 -2.97 -0.30
N GLU A 18 -6.62 -3.69 -0.40
CA GLU A 18 -7.04 -4.60 0.67
C GLU A 18 -5.97 -5.64 0.95
N ILE A 19 -5.44 -6.26 -0.11
CA ILE A 19 -4.42 -7.27 0.04
C ILE A 19 -3.17 -6.69 0.70
N LEU A 20 -2.72 -5.54 0.20
CA LEU A 20 -1.54 -4.89 0.75
C LEU A 20 -1.71 -4.57 2.23
N LYS A 21 -2.68 -3.71 2.53
CA LYS A 21 -2.95 -3.33 3.91
C LYS A 21 -2.90 -4.54 4.84
N ALA A 22 -3.63 -5.58 4.49
CA ALA A 22 -3.65 -6.81 5.28
C ALA A 22 -2.26 -7.44 5.34
N ALA A 23 -1.74 -7.81 4.17
CA ALA A 23 -0.42 -8.43 4.09
C ALA A 23 0.57 -7.74 5.02
N VAL A 24 0.69 -6.42 4.87
CA VAL A 24 1.61 -5.64 5.70
C VAL A 24 1.41 -5.95 7.17
N MET A 25 0.19 -6.29 7.55
CA MET A 25 -0.12 -6.61 8.94
C MET A 25 0.28 -8.05 9.26
N LYS A 26 0.27 -8.90 8.25
CA LYS A 26 0.63 -10.31 8.42
C LYS A 26 2.13 -10.52 8.22
N TYR A 27 2.59 -10.26 7.00
CA TYR A 27 4.01 -10.41 6.67
C TYR A 27 4.85 -9.33 7.33
N GLY A 28 4.26 -8.15 7.51
CA GLY A 28 4.96 -7.05 8.13
C GLY A 28 5.47 -6.05 7.12
N LYS A 29 5.96 -4.91 7.62
CA LYS A 29 6.48 -3.86 6.74
C LYS A 29 7.94 -4.14 6.38
N ASN A 30 8.38 -5.38 6.58
CA ASN A 30 9.75 -5.76 6.27
C ASN A 30 9.78 -6.81 5.17
N GLN A 31 8.61 -7.33 4.82
CA GLN A 31 8.50 -8.35 3.77
C GLN A 31 7.88 -7.76 2.51
N TRP A 32 8.17 -6.49 2.24
CA TRP A 32 7.63 -5.82 1.06
C TRP A 32 7.87 -6.66 -0.19
N SER A 33 9.09 -7.10 -0.39
CA SER A 33 9.45 -7.91 -1.55
C SER A 33 8.49 -9.08 -1.70
N ARG A 34 8.06 -9.63 -0.58
CA ARG A 34 7.14 -10.77 -0.59
C ARG A 34 5.70 -10.30 -0.84
N ILE A 35 5.31 -9.21 -0.17
CA ILE A 35 3.98 -8.66 -0.33
C ILE A 35 3.67 -8.34 -1.79
N ALA A 36 4.64 -7.72 -2.46
CA ALA A 36 4.49 -7.36 -3.85
C ALA A 36 4.07 -8.56 -4.70
N SER A 37 4.68 -9.71 -4.42
CA SER A 37 4.37 -10.94 -5.15
C SER A 37 2.88 -11.23 -5.11
N LEU A 38 2.26 -10.99 -3.95
CA LEU A 38 0.84 -11.23 -3.78
C LEU A 38 0.02 -10.44 -4.79
N LEU A 39 0.40 -9.18 -5.01
CA LEU A 39 -0.28 -8.32 -5.96
C LEU A 39 0.29 -8.49 -7.37
N HIS A 40 -0.57 -8.32 -8.37
CA HIS A 40 -0.14 -8.45 -9.77
C HIS A 40 0.35 -7.10 -10.31
N ARG A 41 1.51 -7.12 -10.95
CA ARG A 41 2.09 -5.90 -11.52
C ARG A 41 2.48 -4.93 -10.41
N LYS A 42 3.09 -5.45 -9.36
CA LYS A 42 3.52 -4.62 -8.23
C LYS A 42 4.86 -5.10 -7.69
N SER A 43 5.60 -4.19 -7.07
CA SER A 43 6.90 -4.52 -6.50
C SER A 43 7.10 -3.82 -5.16
N ALA A 44 8.01 -4.35 -4.35
CA ALA A 44 8.31 -3.78 -3.05
C ALA A 44 8.29 -2.26 -3.10
N LYS A 45 8.88 -1.69 -4.14
CA LYS A 45 8.93 -0.25 -4.31
C LYS A 45 7.53 0.36 -4.25
N GLN A 46 6.65 -0.13 -5.12
CA GLN A 46 5.27 0.37 -5.17
C GLN A 46 4.57 0.12 -3.84
N CYS A 47 4.66 -1.11 -3.34
CA CYS A 47 4.03 -1.48 -2.08
C CYS A 47 4.44 -0.52 -0.97
N LYS A 48 5.72 -0.19 -0.92
CA LYS A 48 6.24 0.71 0.09
C LYS A 48 5.74 2.14 -0.14
N ALA A 49 5.73 2.55 -1.41
CA ALA A 49 5.27 3.88 -1.77
C ALA A 49 3.77 4.05 -1.50
N ARG A 50 2.96 3.30 -2.23
CA ARG A 50 1.51 3.35 -2.08
C ARG A 50 1.12 3.33 -0.60
N TRP A 51 1.83 2.52 0.18
CA TRP A 51 1.57 2.41 1.61
C TRP A 51 1.82 3.72 2.32
N TYR A 52 3.09 4.12 2.40
CA TYR A 52 3.47 5.36 3.05
C TYR A 52 2.77 6.55 2.42
N GLU A 53 2.31 6.37 1.19
CA GLU A 53 1.61 7.43 0.47
C GLU A 53 0.30 7.78 1.15
N TRP A 54 -0.56 6.78 1.30
CA TRP A 54 -1.86 6.98 1.94
C TRP A 54 -2.07 5.98 3.07
N LEU A 55 -1.71 4.73 2.83
CA LEU A 55 -1.85 3.68 3.83
C LEU A 55 -0.70 3.71 4.82
N ASP A 56 -0.83 4.55 5.84
CA ASP A 56 0.20 4.66 6.87
C ASP A 56 -0.31 5.44 8.07
N PRO A 57 -0.07 4.91 9.28
CA PRO A 57 -0.51 5.53 10.53
C PRO A 57 0.27 6.80 10.84
N SER A 58 1.57 6.78 10.55
CA SER A 58 2.43 7.94 10.80
C SER A 58 1.87 9.19 10.14
N ILE A 59 1.07 8.98 9.09
CA ILE A 59 0.47 10.10 8.36
C ILE A 59 -0.16 11.11 9.33
N LYS A 60 0.02 12.39 9.03
CA LYS A 60 -0.52 13.45 9.85
C LYS A 60 -2.05 13.47 9.79
N LYS A 61 -2.68 12.75 10.71
CA LYS A 61 -4.14 12.69 10.74
C LYS A 61 -4.64 12.78 12.18
N THR A 62 -5.96 12.76 12.34
CA THR A 62 -6.58 12.84 13.66
C THR A 62 -6.38 11.55 14.44
N GLU A 63 -6.17 11.67 15.75
CA GLU A 63 -5.97 10.52 16.60
C GLU A 63 -7.11 9.50 16.43
N TRP A 64 -6.75 8.30 15.99
CA TRP A 64 -7.75 7.24 15.79
C TRP A 64 -8.08 6.55 17.10
N SER A 65 -9.24 6.86 17.65
CA SER A 65 -9.68 6.27 18.91
C SER A 65 -11.19 6.05 18.92
N GLY A 66 -11.63 4.93 19.49
CA GLY A 66 -13.05 4.64 19.55
C GLY A 66 -13.32 3.26 20.13
N PRO A 67 -14.50 2.71 19.82
CA PRO A 67 -14.92 1.40 20.30
C PRO A 67 -14.12 0.27 19.65
N SER A 68 -13.51 -0.57 20.49
CA SER A 68 -12.71 -1.69 19.99
C SER A 68 -13.61 -2.82 19.50
N SER A 69 -13.49 -3.15 18.22
CA SER A 69 -14.30 -4.22 17.63
C SER A 69 -13.42 -5.42 17.27
N GLY A 70 -12.41 -5.19 16.44
CA GLY A 70 -11.53 -6.26 16.04
C GLY A 70 -10.59 -5.85 14.92
N GLY A 1 -0.48 1.19 -21.15
CA GLY A 1 0.00 0.10 -20.30
C GLY A 1 0.08 -1.22 -21.05
N SER A 2 1.16 -1.39 -21.82
CA SER A 2 1.35 -2.62 -22.58
C SER A 2 2.45 -3.47 -21.97
N SER A 3 2.10 -4.22 -20.92
CA SER A 3 3.06 -5.08 -20.24
C SER A 3 4.27 -4.28 -19.76
N GLY A 4 4.01 -3.10 -19.21
CA GLY A 4 5.08 -2.25 -18.72
C GLY A 4 4.64 -0.81 -18.51
N SER A 5 5.11 -0.21 -17.44
CA SER A 5 4.76 1.17 -17.12
C SER A 5 5.34 2.14 -18.15
N SER A 6 4.55 3.14 -18.52
CA SER A 6 4.98 4.13 -19.50
C SER A 6 5.70 5.30 -18.83
N GLY A 7 5.01 5.95 -17.91
CA GLY A 7 5.59 7.08 -17.20
C GLY A 7 6.09 6.70 -15.82
N LYS A 8 5.49 7.30 -14.80
CA LYS A 8 5.87 7.02 -13.41
C LYS A 8 4.65 6.81 -12.54
N GLY A 9 4.83 6.08 -11.43
CA GLY A 9 3.73 5.82 -10.53
C GLY A 9 2.98 4.55 -10.90
N GLY A 10 1.75 4.43 -10.39
CA GLY A 10 0.94 3.25 -10.68
C GLY A 10 -0.45 3.35 -10.10
N VAL A 11 -1.43 2.84 -10.83
CA VAL A 11 -2.82 2.87 -10.37
C VAL A 11 -3.09 1.76 -9.35
N TRP A 12 -3.99 2.04 -8.42
CA TRP A 12 -4.34 1.07 -7.39
C TRP A 12 -5.86 0.99 -7.21
N ARG A 13 -6.35 -0.23 -7.00
CA ARG A 13 -7.79 -0.45 -6.81
C ARG A 13 -8.10 -0.85 -5.38
N ASN A 14 -9.36 -0.75 -5.00
CA ASN A 14 -9.79 -1.12 -3.65
C ASN A 14 -9.22 -2.47 -3.24
N THR A 15 -9.29 -3.43 -4.15
CA THR A 15 -8.78 -4.77 -3.89
C THR A 15 -7.27 -4.75 -3.62
N GLU A 16 -6.51 -4.28 -4.61
CA GLU A 16 -5.06 -4.20 -4.48
C GLU A 16 -4.67 -3.65 -3.11
N ASP A 17 -5.34 -2.59 -2.69
CA ASP A 17 -5.07 -1.97 -1.40
C ASP A 17 -5.39 -2.92 -0.26
N GLU A 18 -6.53 -3.61 -0.38
CA GLU A 18 -6.96 -4.54 0.65
C GLU A 18 -5.91 -5.63 0.87
N ILE A 19 -5.49 -6.26 -0.22
CA ILE A 19 -4.49 -7.32 -0.15
C ILE A 19 -3.20 -6.83 0.48
N LEU A 20 -2.70 -5.70 -0.02
CA LEU A 20 -1.46 -5.11 0.50
C LEU A 20 -1.61 -4.80 1.98
N LYS A 21 -2.56 -3.93 2.32
CA LYS A 21 -2.79 -3.54 3.70
C LYS A 21 -2.68 -4.75 4.62
N ALA A 22 -3.51 -5.75 4.39
CA ALA A 22 -3.50 -6.96 5.21
C ALA A 22 -2.10 -7.56 5.28
N ALA A 23 -1.57 -7.97 4.14
CA ALA A 23 -0.24 -8.56 4.08
C ALA A 23 0.72 -7.83 5.02
N VAL A 24 0.83 -6.52 4.84
CA VAL A 24 1.72 -5.71 5.67
C VAL A 24 1.47 -5.97 7.15
N MET A 25 0.21 -6.17 7.51
CA MET A 25 -0.16 -6.43 8.90
C MET A 25 0.26 -7.84 9.32
N LYS A 26 0.25 -8.76 8.36
CA LYS A 26 0.62 -10.15 8.64
C LYS A 26 2.14 -10.31 8.60
N TYR A 27 2.72 -10.13 7.42
CA TYR A 27 4.17 -10.25 7.24
C TYR A 27 4.90 -9.12 7.95
N GLY A 28 4.26 -7.95 7.99
CA GLY A 28 4.87 -6.80 8.63
C GLY A 28 5.38 -5.78 7.63
N LYS A 29 5.86 -4.65 8.13
CA LYS A 29 6.39 -3.59 7.28
C LYS A 29 7.85 -3.86 6.92
N ASN A 30 8.19 -5.13 6.73
CA ASN A 30 9.55 -5.51 6.38
C ASN A 30 9.57 -6.45 5.19
N GLN A 31 8.53 -7.27 5.08
CA GLN A 31 8.42 -8.22 3.98
C GLN A 31 7.78 -7.58 2.76
N TRP A 32 8.14 -6.33 2.50
CA TRP A 32 7.60 -5.60 1.36
C TRP A 32 7.82 -6.38 0.06
N SER A 33 9.00 -6.97 -0.08
CA SER A 33 9.33 -7.73 -1.27
C SER A 33 8.34 -8.87 -1.48
N ARG A 34 8.11 -9.66 -0.44
CA ARG A 34 7.18 -10.78 -0.51
C ARG A 34 5.77 -10.30 -0.84
N ILE A 35 5.29 -9.32 -0.07
CA ILE A 35 3.96 -8.77 -0.28
C ILE A 35 3.71 -8.51 -1.76
N ALA A 36 4.67 -7.86 -2.42
CA ALA A 36 4.55 -7.54 -3.84
C ALA A 36 4.16 -8.77 -4.64
N SER A 37 4.67 -9.92 -4.23
CA SER A 37 4.38 -11.18 -4.92
C SER A 37 2.87 -11.40 -5.02
N LEU A 38 2.16 -11.10 -3.95
CA LEU A 38 0.71 -11.26 -3.91
C LEU A 38 0.05 -10.47 -5.04
N LEU A 39 0.42 -9.20 -5.16
CA LEU A 39 -0.14 -8.34 -6.19
C LEU A 39 0.64 -8.47 -7.50
N HIS A 40 -0.08 -8.53 -8.61
CA HIS A 40 0.54 -8.65 -9.93
C HIS A 40 0.96 -7.29 -10.46
N ARG A 41 2.10 -7.25 -11.13
CA ARG A 41 2.62 -6.01 -11.70
C ARG A 41 2.94 -5.01 -10.60
N LYS A 42 3.48 -5.51 -9.49
CA LYS A 42 3.84 -4.66 -8.36
C LYS A 42 5.20 -5.04 -7.82
N SER A 43 5.88 -4.09 -7.19
CA SER A 43 7.20 -4.32 -6.63
C SER A 43 7.33 -3.66 -5.25
N ALA A 44 8.29 -4.13 -4.46
CA ALA A 44 8.52 -3.59 -3.13
C ALA A 44 8.41 -2.06 -3.13
N LYS A 45 8.99 -1.43 -4.15
CA LYS A 45 8.95 0.02 -4.27
C LYS A 45 7.51 0.53 -4.28
N GLN A 46 6.71 0.02 -5.22
CA GLN A 46 5.32 0.42 -5.32
C GLN A 46 4.56 0.12 -4.04
N CYS A 47 4.75 -1.08 -3.52
CA CYS A 47 4.08 -1.51 -2.29
C CYS A 47 4.40 -0.56 -1.14
N LYS A 48 5.68 -0.24 -0.98
CA LYS A 48 6.13 0.65 0.08
C LYS A 48 5.60 2.07 -0.15
N ALA A 49 5.71 2.54 -1.40
CA ALA A 49 5.24 3.87 -1.75
C ALA A 49 3.73 4.00 -1.54
N ARG A 50 2.96 3.21 -2.29
CA ARG A 50 1.51 3.24 -2.18
C ARG A 50 1.07 3.18 -0.72
N TRP A 51 1.75 2.35 0.06
CA TRP A 51 1.42 2.21 1.48
C TRP A 51 1.68 3.50 2.23
N TYR A 52 2.95 3.85 2.42
CA TYR A 52 3.32 5.07 3.13
C TYR A 52 2.67 6.29 2.48
N GLU A 53 2.26 6.13 1.22
CA GLU A 53 1.63 7.23 0.49
C GLU A 53 0.29 7.60 1.10
N TRP A 54 -0.60 6.61 1.21
CA TRP A 54 -1.93 6.83 1.78
C TRP A 54 -2.22 5.82 2.88
N LEU A 55 -1.84 4.57 2.64
CA LEU A 55 -2.07 3.50 3.61
C LEU A 55 -0.99 3.51 4.69
N ASP A 56 -1.25 4.23 5.78
CA ASP A 56 -0.31 4.32 6.88
C ASP A 56 -0.92 5.08 8.06
N PRO A 57 -0.63 4.61 9.28
CA PRO A 57 -1.15 5.22 10.51
C PRO A 57 -0.51 6.58 10.78
N SER A 58 0.82 6.63 10.74
CA SER A 58 1.54 7.87 10.98
C SER A 58 0.87 9.05 10.28
N ILE A 59 0.37 8.80 9.07
CA ILE A 59 -0.30 9.84 8.30
C ILE A 59 -1.21 10.68 9.19
N LYS A 60 -1.29 11.97 8.89
CA LYS A 60 -2.14 12.88 9.66
C LYS A 60 -3.59 12.82 9.19
N LYS A 61 -4.33 11.84 9.72
CA LYS A 61 -5.73 11.67 9.35
C LYS A 61 -6.42 10.70 10.31
N THR A 62 -7.70 10.45 10.06
CA THR A 62 -8.47 9.54 10.90
C THR A 62 -9.06 8.40 10.07
N GLU A 63 -8.67 7.17 10.42
CA GLU A 63 -9.16 5.99 9.71
C GLU A 63 -10.64 5.76 10.00
N TRP A 64 -11.36 5.25 9.00
CA TRP A 64 -12.78 4.98 9.15
C TRP A 64 -13.07 4.27 10.46
N SER A 65 -12.29 3.24 10.75
CA SER A 65 -12.46 2.46 11.97
C SER A 65 -11.21 1.64 12.27
N GLY A 66 -10.67 1.81 13.48
CA GLY A 66 -9.49 1.09 13.87
C GLY A 66 -8.63 1.85 14.86
N PRO A 67 -7.63 2.57 14.34
CA PRO A 67 -6.71 3.36 15.17
C PRO A 67 -7.40 4.58 15.79
N SER A 68 -6.63 5.36 16.55
CA SER A 68 -7.17 6.55 17.20
C SER A 68 -8.56 6.28 17.76
N SER A 69 -8.73 5.12 18.39
CA SER A 69 -10.00 4.75 18.98
C SER A 69 -10.14 5.29 20.40
N GLY A 70 -11.34 5.72 20.74
CA GLY A 70 -11.57 6.26 22.07
C GLY A 70 -10.83 7.56 22.31
N GLY A 1 -12.46 5.77 -14.09
CA GLY A 1 -12.09 4.80 -15.10
C GLY A 1 -10.61 4.48 -15.07
N SER A 2 -10.27 3.22 -14.83
CA SER A 2 -8.88 2.79 -14.78
C SER A 2 -8.09 3.37 -15.94
N SER A 3 -8.55 3.08 -17.16
CA SER A 3 -7.87 3.57 -18.36
C SER A 3 -7.86 5.09 -18.39
N GLY A 4 -6.67 5.66 -18.22
CA GLY A 4 -6.54 7.12 -18.24
C GLY A 4 -5.53 7.62 -17.22
N SER A 5 -4.25 7.44 -17.53
CA SER A 5 -3.18 7.87 -16.63
C SER A 5 -2.71 9.28 -16.98
N SER A 6 -2.28 10.03 -15.98
CA SER A 6 -1.80 11.39 -16.18
C SER A 6 -0.37 11.55 -15.68
N GLY A 7 -0.04 10.80 -14.63
CA GLY A 7 1.30 10.87 -14.08
C GLY A 7 1.81 9.52 -13.61
N LYS A 8 3.10 9.44 -13.35
CA LYS A 8 3.71 8.19 -12.89
C LYS A 8 3.04 7.70 -11.62
N GLY A 9 2.89 6.38 -11.50
CA GLY A 9 2.27 5.80 -10.33
C GLY A 9 1.27 4.72 -10.67
N GLY A 10 1.73 3.47 -10.69
CA GLY A 10 0.86 2.36 -11.01
C GLY A 10 -0.44 2.39 -10.22
N VAL A 11 -1.46 3.03 -10.79
CA VAL A 11 -2.76 3.14 -10.12
C VAL A 11 -3.07 1.88 -9.32
N TRP A 12 -3.87 2.03 -8.27
CA TRP A 12 -4.24 0.90 -7.43
C TRP A 12 -5.76 0.78 -7.33
N ARG A 13 -6.22 -0.42 -6.97
CA ARG A 13 -7.65 -0.67 -6.84
C ARG A 13 -8.01 -1.07 -5.42
N ASN A 14 -9.28 -0.88 -5.06
CA ASN A 14 -9.74 -1.22 -3.72
C ASN A 14 -9.20 -2.58 -3.27
N THR A 15 -9.29 -3.56 -4.17
CA THR A 15 -8.81 -4.90 -3.86
C THR A 15 -7.30 -4.90 -3.64
N GLU A 16 -6.55 -4.47 -4.65
CA GLU A 16 -5.10 -4.43 -4.56
C GLU A 16 -4.66 -3.85 -3.21
N ASP A 17 -5.31 -2.76 -2.81
CA ASP A 17 -4.98 -2.10 -1.55
C ASP A 17 -5.35 -3.00 -0.36
N GLU A 18 -6.56 -3.55 -0.38
CA GLU A 18 -7.02 -4.42 0.69
C GLU A 18 -6.01 -5.53 0.96
N ILE A 19 -5.55 -6.18 -0.10
CA ILE A 19 -4.57 -7.25 0.03
C ILE A 19 -3.27 -6.75 0.64
N LEU A 20 -2.76 -5.65 0.11
CA LEU A 20 -1.52 -5.06 0.60
C LEU A 20 -1.63 -4.73 2.08
N LYS A 21 -2.62 -3.90 2.43
CA LYS A 21 -2.83 -3.51 3.81
C LYS A 21 -2.72 -4.72 4.75
N ALA A 22 -3.67 -5.64 4.63
CA ALA A 22 -3.68 -6.83 5.46
C ALA A 22 -2.30 -7.50 5.47
N ALA A 23 -1.83 -7.91 4.31
CA ALA A 23 -0.53 -8.56 4.19
C ALA A 23 0.51 -7.85 5.03
N VAL A 24 0.60 -6.53 4.86
CA VAL A 24 1.57 -5.73 5.62
C VAL A 24 1.39 -5.94 7.12
N MET A 25 0.17 -6.22 7.54
CA MET A 25 -0.12 -6.44 8.95
C MET A 25 0.30 -7.86 9.38
N LYS A 26 0.10 -8.82 8.47
CA LYS A 26 0.46 -10.21 8.76
C LYS A 26 1.97 -10.41 8.69
N TYR A 27 2.55 -10.09 7.54
CA TYR A 27 3.99 -10.24 7.35
C TYR A 27 4.75 -9.05 7.94
N GLY A 28 4.04 -7.94 8.13
CA GLY A 28 4.65 -6.75 8.69
C GLY A 28 5.08 -5.77 7.62
N LYS A 29 5.76 -4.71 8.03
CA LYS A 29 6.23 -3.69 7.11
C LYS A 29 7.68 -3.93 6.72
N ASN A 30 8.11 -5.19 6.81
CA ASN A 30 9.48 -5.56 6.46
C ASN A 30 9.51 -6.43 5.21
N GLN A 31 8.52 -7.30 5.08
CA GLN A 31 8.43 -8.19 3.93
C GLN A 31 7.75 -7.51 2.76
N TRP A 32 8.22 -6.32 2.42
CA TRP A 32 7.65 -5.54 1.32
C TRP A 32 7.83 -6.29 0.00
N SER A 33 9.02 -6.84 -0.21
CA SER A 33 9.30 -7.57 -1.44
C SER A 33 8.33 -8.73 -1.64
N ARG A 34 8.16 -9.54 -0.60
CA ARG A 34 7.24 -10.67 -0.66
C ARG A 34 5.82 -10.21 -0.92
N ILE A 35 5.36 -9.23 -0.14
CA ILE A 35 4.01 -8.71 -0.29
C ILE A 35 3.71 -8.37 -1.74
N ALA A 36 4.68 -7.76 -2.42
CA ALA A 36 4.51 -7.39 -3.82
C ALA A 36 4.15 -8.61 -4.66
N SER A 37 4.80 -9.73 -4.39
CA SER A 37 4.54 -10.96 -5.13
C SER A 37 3.05 -11.26 -5.19
N LEU A 38 2.36 -11.06 -4.07
CA LEU A 38 0.93 -11.30 -4.00
C LEU A 38 0.19 -10.53 -5.09
N LEU A 39 0.48 -9.25 -5.21
CA LEU A 39 -0.15 -8.41 -6.22
C LEU A 39 0.57 -8.53 -7.55
N HIS A 40 -0.20 -8.75 -8.62
CA HIS A 40 0.36 -8.88 -9.96
C HIS A 40 0.78 -7.52 -10.51
N ARG A 41 1.96 -7.47 -11.12
CA ARG A 41 2.48 -6.23 -11.69
C ARG A 41 2.79 -5.23 -10.59
N LYS A 42 3.36 -5.71 -9.49
CA LYS A 42 3.71 -4.86 -8.36
C LYS A 42 5.10 -5.18 -7.84
N SER A 43 5.81 -4.16 -7.37
CA SER A 43 7.15 -4.34 -6.85
C SER A 43 7.29 -3.68 -5.48
N ALA A 44 8.15 -4.26 -4.64
CA ALA A 44 8.37 -3.74 -3.30
C ALA A 44 8.30 -2.22 -3.28
N LYS A 45 8.96 -1.58 -4.25
CA LYS A 45 8.96 -0.13 -4.35
C LYS A 45 7.54 0.43 -4.27
N GLN A 46 6.69 -0.02 -5.19
CA GLN A 46 5.30 0.44 -5.23
C GLN A 46 4.59 0.10 -3.92
N CYS A 47 4.80 -1.11 -3.43
CA CYS A 47 4.18 -1.57 -2.20
C CYS A 47 4.53 -0.64 -1.04
N LYS A 48 5.79 -0.23 -0.98
CA LYS A 48 6.27 0.66 0.08
C LYS A 48 5.73 2.07 -0.13
N ALA A 49 5.76 2.54 -1.37
CA ALA A 49 5.28 3.88 -1.70
C ALA A 49 3.77 3.98 -1.50
N ARG A 50 3.02 3.22 -2.29
CA ARG A 50 1.58 3.22 -2.20
C ARG A 50 1.12 3.17 -0.74
N TRP A 51 1.79 2.36 0.06
CA TRP A 51 1.45 2.23 1.47
C TRP A 51 1.72 3.52 2.22
N TYR A 52 3.01 3.82 2.44
CA TYR A 52 3.40 5.03 3.14
C TYR A 52 2.80 6.26 2.48
N GLU A 53 2.33 6.11 1.25
CA GLU A 53 1.73 7.21 0.51
C GLU A 53 0.37 7.58 1.09
N TRP A 54 -0.51 6.59 1.21
CA TRP A 54 -1.84 6.81 1.75
C TRP A 54 -2.15 5.82 2.87
N LEU A 55 -1.76 4.57 2.67
CA LEU A 55 -1.98 3.53 3.67
C LEU A 55 -0.91 3.56 4.74
N ASP A 56 -1.19 4.27 5.84
CA ASP A 56 -0.24 4.37 6.94
C ASP A 56 -0.86 5.13 8.12
N PRO A 57 -0.57 4.66 9.34
CA PRO A 57 -1.09 5.28 10.56
C PRO A 57 -0.47 6.64 10.83
N SER A 58 0.86 6.70 10.80
CA SER A 58 1.58 7.95 11.03
C SER A 58 0.83 9.13 10.41
N ILE A 59 0.26 8.90 9.23
CA ILE A 59 -0.47 9.95 8.53
C ILE A 59 -1.41 10.69 9.48
N LYS A 60 -1.49 12.00 9.32
CA LYS A 60 -2.35 12.83 10.15
C LYS A 60 -3.78 12.84 9.61
N LYS A 61 -4.53 11.79 9.91
CA LYS A 61 -5.91 11.68 9.46
C LYS A 61 -6.87 12.24 10.50
N THR A 62 -8.12 12.47 10.10
CA THR A 62 -9.12 13.01 11.00
C THR A 62 -9.45 12.02 12.11
N GLU A 63 -9.24 10.74 11.85
CA GLU A 63 -9.50 9.70 12.82
C GLU A 63 -8.86 10.04 14.17
N TRP A 64 -9.65 10.04 15.22
CA TRP A 64 -9.16 10.35 16.57
C TRP A 64 -8.24 9.23 17.07
N SER A 65 -7.55 9.50 18.18
CA SER A 65 -6.64 8.53 18.76
C SER A 65 -7.05 8.18 20.18
N GLY A 66 -6.37 7.21 20.77
CA GLY A 66 -6.68 6.79 22.13
C GLY A 66 -7.10 7.94 23.00
N PRO A 67 -8.02 7.67 23.95
CA PRO A 67 -8.54 8.69 24.86
C PRO A 67 -7.48 9.13 25.88
N SER A 68 -6.31 8.53 25.80
CA SER A 68 -5.22 8.86 26.72
C SER A 68 -4.87 10.34 26.65
N SER A 69 -5.01 10.92 25.46
CA SER A 69 -4.72 12.33 25.25
C SER A 69 -5.86 13.03 24.53
N GLY A 70 -6.44 14.02 25.19
CA GLY A 70 -7.55 14.75 24.58
C GLY A 70 -7.17 16.18 24.20
#